data_2W0I
# 
_entry.id   2W0I 
# 
_audit_conform.dict_name       mmcif_pdbx.dic 
_audit_conform.dict_version    5.382 
_audit_conform.dict_location   http://mmcif.pdb.org/dictionaries/ascii/mmcif_pdbx.dic 
# 
loop_
_database_2.database_id 
_database_2.database_code 
_database_2.pdbx_database_accession 
_database_2.pdbx_DOI 
PDB   2W0I         pdb_00002w0i 10.2210/pdb2w0i/pdb 
PDBE  EBI-37240    ?            ?                   
WWPDB D_1290037240 ?            ?                   
# 
_pdbx_database_related.db_name        PDB 
_pdbx_database_related.db_id          2VAC 
_pdbx_database_related.content_type   unspecified 
_pdbx_database_related.details        
'STRUCTURE OF N-TERMINAL ACTIN DEPOLYMERIZING FACTOR HOMOLOGY (ADF-H) DOMAIN OF HUMAN TWINFILIN-2' 
# 
_pdbx_database_status.status_code                     REL 
_pdbx_database_status.entry_id                        2W0I 
_pdbx_database_status.deposit_site                    PDBE 
_pdbx_database_status.process_site                    PDBE 
_pdbx_database_status.SG_entry                        . 
_pdbx_database_status.recvd_initial_deposition_date   2008-08-18 
_pdbx_database_status.pdb_format_compatible           Y 
_pdbx_database_status.status_code_sf                  REL 
_pdbx_database_status.status_code_mr                  ? 
_pdbx_database_status.status_code_cs                  ? 
_pdbx_database_status.methods_development_category    ? 
_pdbx_database_status.status_code_nmr_data            ? 
# 
loop_
_audit_author.name 
_audit_author.pdbx_ordinal 
_audit_author.identifier_ORCID 
'Elkins, J.M.'     1  ? 
'Pike, A.C.W.'     2  ? 
'Salah, E.'        3  ? 
'Savitsky, P.'     4  ? 
'Murray, J.W.'     5  ? 
'Roos, A.'         6  ? 
'von Delft, F.'    7  ? 
'Edwards, A.'      8  ? 
'Arrowsmith, C.H.' 9  ? 
'Wikstrom, M.'     10 ? 
'Bountra, C.'      11 ? 
'Knapp, S.'        12 ? 
# 
_citation.id                        primary 
_citation.title                     
'Structure of C-Terminal Actin Depolymerizing Factor Homology (Adf-H) Domain of Human Twinfilin- 2' 
_citation.journal_abbrev            'To be Published' 
_citation.journal_volume            ? 
_citation.page_first                ? 
_citation.page_last                 ? 
_citation.year                      ? 
_citation.journal_id_ASTM           ? 
_citation.country                   ? 
_citation.journal_id_ISSN           ? 
_citation.journal_id_CSD            0353 
_citation.book_publisher            ? 
_citation.pdbx_database_id_PubMed   ? 
_citation.pdbx_database_id_DOI      ? 
# 
loop_
_citation_author.citation_id 
_citation_author.name 
_citation_author.ordinal 
_citation_author.identifier_ORCID 
primary 'Elkins, J.M.'     1  ? 
primary 'Pike, A.C.W.'     2  ? 
primary 'Salah, E.'        3  ? 
primary 'Savitsky, P.'     4  ? 
primary 'Murray, J.W.'     5  ? 
primary 'Roos, A.'         6  ? 
primary 'von Delft, F.'    7  ? 
primary 'Edwards, A.'      8  ? 
primary 'Arrowsmith, C.H.' 9  ? 
primary 'Wikstrom, M.'     10 ? 
primary 'Bountra, C.'      11 ? 
primary 'Knapp, S.'        12 ? 
# 
_cell.entry_id           2W0I 
_cell.length_a           64.308 
_cell.length_b           64.308 
_cell.length_c           136.811 
_cell.angle_alpha        90.00 
_cell.angle_beta         90.00 
_cell.angle_gamma        120.00 
_cell.Z_PDB              12 
_cell.pdbx_unique_axis   ? 
# 
_symmetry.entry_id                         2W0I 
_symmetry.space_group_name_H-M             'P 61 2 2' 
_symmetry.pdbx_full_space_group_name_H-M   ? 
_symmetry.cell_setting                     ? 
_symmetry.Int_Tables_number                178 
# 
loop_
_entity.id 
_entity.type 
_entity.src_method 
_entity.pdbx_description 
_entity.formula_weight 
_entity.pdbx_number_of_molecules 
_entity.pdbx_ec 
_entity.pdbx_mutation 
_entity.pdbx_fragment 
_entity.details 
1 polymer man TWINFILIN-2 15717.939 1  ? YES 'ACTIN DEPOLYMERIZING FACTOR HOMOLOGY (ADF-H) DOMAIN 2, RESIDUES 181-313' 
'Y309D IS A CLONING ARTEFACT' 
2 water   nat water       18.015    71 ? ?   ?                                                                         ? 
# 
_entity_name_com.entity_id   1 
_entity_name_com.name        'TWINFILIN-1-LIKE PROTEIN, A6-RELATED PROTEIN, PROTEIN TYROSINE KINASE 9-LIKE' 
# 
_entity_poly.entity_id                      1 
_entity_poly.type                           'polypeptide(L)' 
_entity_poly.nstd_linkage                   no 
_entity_poly.nstd_monomer                   no 
_entity_poly.pdbx_seq_one_letter_code       
;SMPLQPEAQRALQQLKQKMVNYIQMKLDLERETIELVHTEPTDVAQLPSRVPRDAARYHFFLYKHTHEGDPLESVVFIYS
MPGYKCSIKERMLYSSCKSRLLDSVEQDFHLEIAKKIEIGDGAELTAEFLDDEVH
;
_entity_poly.pdbx_seq_one_letter_code_can   
;SMPLQPEAQRALQQLKQKMVNYIQMKLDLERETIELVHTEPTDVAQLPSRVPRDAARYHFFLYKHTHEGDPLESVVFIYS
MPGYKCSIKERMLYSSCKSRLLDSVEQDFHLEIAKKIEIGDGAELTAEFLDDEVH
;
_entity_poly.pdbx_strand_id                 A 
_entity_poly.pdbx_target_identifier         ? 
# 
loop_
_entity_poly_seq.entity_id 
_entity_poly_seq.num 
_entity_poly_seq.mon_id 
_entity_poly_seq.hetero 
1 1   SER n 
1 2   MET n 
1 3   PRO n 
1 4   LEU n 
1 5   GLN n 
1 6   PRO n 
1 7   GLU n 
1 8   ALA n 
1 9   GLN n 
1 10  ARG n 
1 11  ALA n 
1 12  LEU n 
1 13  GLN n 
1 14  GLN n 
1 15  LEU n 
1 16  LYS n 
1 17  GLN n 
1 18  LYS n 
1 19  MET n 
1 20  VAL n 
1 21  ASN n 
1 22  TYR n 
1 23  ILE n 
1 24  GLN n 
1 25  MET n 
1 26  LYS n 
1 27  LEU n 
1 28  ASP n 
1 29  LEU n 
1 30  GLU n 
1 31  ARG n 
1 32  GLU n 
1 33  THR n 
1 34  ILE n 
1 35  GLU n 
1 36  LEU n 
1 37  VAL n 
1 38  HIS n 
1 39  THR n 
1 40  GLU n 
1 41  PRO n 
1 42  THR n 
1 43  ASP n 
1 44  VAL n 
1 45  ALA n 
1 46  GLN n 
1 47  LEU n 
1 48  PRO n 
1 49  SER n 
1 50  ARG n 
1 51  VAL n 
1 52  PRO n 
1 53  ARG n 
1 54  ASP n 
1 55  ALA n 
1 56  ALA n 
1 57  ARG n 
1 58  TYR n 
1 59  HIS n 
1 60  PHE n 
1 61  PHE n 
1 62  LEU n 
1 63  TYR n 
1 64  LYS n 
1 65  HIS n 
1 66  THR n 
1 67  HIS n 
1 68  GLU n 
1 69  GLY n 
1 70  ASP n 
1 71  PRO n 
1 72  LEU n 
1 73  GLU n 
1 74  SER n 
1 75  VAL n 
1 76  VAL n 
1 77  PHE n 
1 78  ILE n 
1 79  TYR n 
1 80  SER n 
1 81  MET n 
1 82  PRO n 
1 83  GLY n 
1 84  TYR n 
1 85  LYS n 
1 86  CYS n 
1 87  SER n 
1 88  ILE n 
1 89  LYS n 
1 90  GLU n 
1 91  ARG n 
1 92  MET n 
1 93  LEU n 
1 94  TYR n 
1 95  SER n 
1 96  SER n 
1 97  CYS n 
1 98  LYS n 
1 99  SER n 
1 100 ARG n 
1 101 LEU n 
1 102 LEU n 
1 103 ASP n 
1 104 SER n 
1 105 VAL n 
1 106 GLU n 
1 107 GLN n 
1 108 ASP n 
1 109 PHE n 
1 110 HIS n 
1 111 LEU n 
1 112 GLU n 
1 113 ILE n 
1 114 ALA n 
1 115 LYS n 
1 116 LYS n 
1 117 ILE n 
1 118 GLU n 
1 119 ILE n 
1 120 GLY n 
1 121 ASP n 
1 122 GLY n 
1 123 ALA n 
1 124 GLU n 
1 125 LEU n 
1 126 THR n 
1 127 ALA n 
1 128 GLU n 
1 129 PHE n 
1 130 LEU n 
1 131 ASP n 
1 132 ASP n 
1 133 GLU n 
1 134 VAL n 
1 135 HIS n 
# 
_entity_src_gen.entity_id                          1 
_entity_src_gen.pdbx_src_id                        1 
_entity_src_gen.pdbx_alt_source_flag               sample 
_entity_src_gen.pdbx_seq_type                      ? 
_entity_src_gen.pdbx_beg_seq_num                   ? 
_entity_src_gen.pdbx_end_seq_num                   ? 
_entity_src_gen.gene_src_common_name               HUMAN 
_entity_src_gen.gene_src_genus                     ? 
_entity_src_gen.pdbx_gene_src_gene                 ? 
_entity_src_gen.gene_src_species                   ? 
_entity_src_gen.gene_src_strain                    ? 
_entity_src_gen.gene_src_tissue                    ? 
_entity_src_gen.gene_src_tissue_fraction           ? 
_entity_src_gen.gene_src_details                   ? 
_entity_src_gen.pdbx_gene_src_fragment             ? 
_entity_src_gen.pdbx_gene_src_scientific_name      'HOMO SAPIENS' 
_entity_src_gen.pdbx_gene_src_ncbi_taxonomy_id     9606 
_entity_src_gen.pdbx_gene_src_variant              ? 
_entity_src_gen.pdbx_gene_src_cell_line            ? 
_entity_src_gen.pdbx_gene_src_atcc                 ? 
_entity_src_gen.pdbx_gene_src_organ                ? 
_entity_src_gen.pdbx_gene_src_organelle            ? 
_entity_src_gen.pdbx_gene_src_cell                 ? 
_entity_src_gen.pdbx_gene_src_cellular_location    ? 
_entity_src_gen.host_org_common_name               ? 
_entity_src_gen.pdbx_host_org_scientific_name      'ESCHERICHIA COLI' 
_entity_src_gen.pdbx_host_org_ncbi_taxonomy_id     469008 
_entity_src_gen.host_org_genus                     ? 
_entity_src_gen.pdbx_host_org_gene                 ? 
_entity_src_gen.pdbx_host_org_organ                ? 
_entity_src_gen.host_org_species                   ? 
_entity_src_gen.pdbx_host_org_tissue               ? 
_entity_src_gen.pdbx_host_org_tissue_fraction      ? 
_entity_src_gen.pdbx_host_org_strain               'BL21(DE3)' 
_entity_src_gen.pdbx_host_org_variant              R3-PRARE2 
_entity_src_gen.pdbx_host_org_cell_line            ? 
_entity_src_gen.pdbx_host_org_atcc                 ? 
_entity_src_gen.pdbx_host_org_culture_collection   ? 
_entity_src_gen.pdbx_host_org_cell                 ? 
_entity_src_gen.pdbx_host_org_organelle            ? 
_entity_src_gen.pdbx_host_org_cellular_location    ? 
_entity_src_gen.pdbx_host_org_vector_type          ? 
_entity_src_gen.pdbx_host_org_vector               ? 
_entity_src_gen.host_org_details                   ? 
_entity_src_gen.expression_system_id               ? 
_entity_src_gen.plasmid_name                       PNIC28-BSA4 
_entity_src_gen.plasmid_details                    ? 
_entity_src_gen.pdbx_description                   ? 
# 
loop_
_struct_ref.id 
_struct_ref.db_name 
_struct_ref.db_code 
_struct_ref.entity_id 
_struct_ref.pdbx_seq_one_letter_code 
_struct_ref.pdbx_align_begin 
_struct_ref.pdbx_db_accession 
_struct_ref.pdbx_db_isoform 
1 PDB 2W0I       1 ? ? 2W0I   ? 
2 UNP TWF2_HUMAN 1 ? ? Q6IBS0 ? 
# 
loop_
_struct_ref_seq.align_id 
_struct_ref_seq.ref_id 
_struct_ref_seq.pdbx_PDB_id_code 
_struct_ref_seq.pdbx_strand_id 
_struct_ref_seq.seq_align_beg 
_struct_ref_seq.pdbx_seq_align_beg_ins_code 
_struct_ref_seq.seq_align_end 
_struct_ref_seq.pdbx_seq_align_end_ins_code 
_struct_ref_seq.pdbx_db_accession 
_struct_ref_seq.db_align_beg 
_struct_ref_seq.pdbx_db_align_beg_ins_code 
_struct_ref_seq.db_align_end 
_struct_ref_seq.pdbx_db_align_end_ins_code 
_struct_ref_seq.pdbx_auth_seq_align_beg 
_struct_ref_seq.pdbx_auth_seq_align_end 
1 1 2W0I A 1 ? 2   ? 2W0I   -1  ? 0   ? -1  0   
2 2 2W0I A 3 ? 135 ? Q6IBS0 181 ? 313 ? 181 313 
# 
_struct_ref_seq_dif.align_id                     1 
_struct_ref_seq_dif.pdbx_pdb_id_code             2W0I 
_struct_ref_seq_dif.mon_id                       ASP 
_struct_ref_seq_dif.pdbx_pdb_strand_id           A 
_struct_ref_seq_dif.seq_num                      131 
_struct_ref_seq_dif.pdbx_pdb_ins_code            ? 
_struct_ref_seq_dif.pdbx_seq_db_name             UNP 
_struct_ref_seq_dif.pdbx_seq_db_accession_code   Q6IBS0 
_struct_ref_seq_dif.db_mon_id                    TYR 
_struct_ref_seq_dif.pdbx_seq_db_seq_num          309 
_struct_ref_seq_dif.details                      conflict 
_struct_ref_seq_dif.pdbx_auth_seq_num            309 
_struct_ref_seq_dif.pdbx_ordinal                 1 
# 
loop_
_chem_comp.id 
_chem_comp.type 
_chem_comp.mon_nstd_flag 
_chem_comp.name 
_chem_comp.pdbx_synonyms 
_chem_comp.formula 
_chem_comp.formula_weight 
ALA 'L-peptide linking' y ALANINE         ? 'C3 H7 N O2'     89.093  
ARG 'L-peptide linking' y ARGININE        ? 'C6 H15 N4 O2 1' 175.209 
ASN 'L-peptide linking' y ASPARAGINE      ? 'C4 H8 N2 O3'    132.118 
ASP 'L-peptide linking' y 'ASPARTIC ACID' ? 'C4 H7 N O4'     133.103 
CYS 'L-peptide linking' y CYSTEINE        ? 'C3 H7 N O2 S'   121.158 
GLN 'L-peptide linking' y GLUTAMINE       ? 'C5 H10 N2 O3'   146.144 
GLU 'L-peptide linking' y 'GLUTAMIC ACID' ? 'C5 H9 N O4'     147.129 
GLY 'peptide linking'   y GLYCINE         ? 'C2 H5 N O2'     75.067  
HIS 'L-peptide linking' y HISTIDINE       ? 'C6 H10 N3 O2 1' 156.162 
HOH non-polymer         . WATER           ? 'H2 O'           18.015  
ILE 'L-peptide linking' y ISOLEUCINE      ? 'C6 H13 N O2'    131.173 
LEU 'L-peptide linking' y LEUCINE         ? 'C6 H13 N O2'    131.173 
LYS 'L-peptide linking' y LYSINE          ? 'C6 H15 N2 O2 1' 147.195 
MET 'L-peptide linking' y METHIONINE      ? 'C5 H11 N O2 S'  149.211 
PHE 'L-peptide linking' y PHENYLALANINE   ? 'C9 H11 N O2'    165.189 
PRO 'L-peptide linking' y PROLINE         ? 'C5 H9 N O2'     115.130 
SER 'L-peptide linking' y SERINE          ? 'C3 H7 N O3'     105.093 
THR 'L-peptide linking' y THREONINE       ? 'C4 H9 N O3'     119.119 
TYR 'L-peptide linking' y TYROSINE        ? 'C9 H11 N O3'    181.189 
VAL 'L-peptide linking' y VALINE          ? 'C5 H11 N O2'    117.146 
# 
_exptl.entry_id          2W0I 
_exptl.method            'X-RAY DIFFRACTION' 
_exptl.crystals_number   1 
# 
_exptl_crystal.id                    1 
_exptl_crystal.density_meas          ? 
_exptl_crystal.density_Matthews      2.6 
_exptl_crystal.density_percent_sol   53 
_exptl_crystal.description           NONE 
# 
_exptl_crystal_grow.crystal_id      1 
_exptl_crystal_grow.method          ? 
_exptl_crystal_grow.temp            ? 
_exptl_crystal_grow.temp_details    ? 
_exptl_crystal_grow.pH              6.5 
_exptl_crystal_grow.pdbx_pH_range   ? 
_exptl_crystal_grow.pdbx_details    '2.6M SODIUM MALONATE, 0.1M BISTRIS PH6.5' 
# 
_diffrn.id                     1 
_diffrn.ambient_temp           100 
_diffrn.ambient_temp_details   ? 
_diffrn.crystal_id             1 
# 
_diffrn_detector.diffrn_id              1 
_diffrn_detector.detector               CCD 
_diffrn_detector.type                   MARRESEARCH 
_diffrn_detector.pdbx_collection_date   2008-03-09 
_diffrn_detector.details                ? 
# 
_diffrn_radiation.diffrn_id                        1 
_diffrn_radiation.wavelength_id                    1 
_diffrn_radiation.pdbx_monochromatic_or_laue_m_l   M 
_diffrn_radiation.monochromator                    ? 
_diffrn_radiation.pdbx_diffrn_protocol             'SINGLE WAVELENGTH' 
_diffrn_radiation.pdbx_scattering_type             x-ray 
# 
_diffrn_radiation_wavelength.id           1 
_diffrn_radiation_wavelength.wavelength   0.99186 
_diffrn_radiation_wavelength.wt           1.0 
# 
_diffrn_source.diffrn_id                   1 
_diffrn_source.source                      SYNCHROTRON 
_diffrn_source.type                        'SLS BEAMLINE X10SA' 
_diffrn_source.pdbx_synchrotron_site       SLS 
_diffrn_source.pdbx_synchrotron_beamline   X10SA 
_diffrn_source.pdbx_wavelength             0.99186 
_diffrn_source.pdbx_wavelength_list        ? 
# 
_reflns.pdbx_diffrn_id               1 
_reflns.pdbx_ordinal                 1 
_reflns.entry_id                     2W0I 
_reflns.observed_criterion_sigma_I   0.0 
_reflns.observed_criterion_sigma_F   ? 
_reflns.d_resolution_low             55.64 
_reflns.d_resolution_high            1.80 
_reflns.number_obs                   16080 
_reflns.number_all                   ? 
_reflns.percent_possible_obs         99.6 
_reflns.pdbx_Rmerge_I_obs            0.08 
_reflns.pdbx_Rsym_value              ? 
_reflns.pdbx_netI_over_sigmaI        14.10 
_reflns.B_iso_Wilson_estimate        21.81 
_reflns.pdbx_redundancy              6.1 
# 
_reflns_shell.pdbx_diffrn_id         1 
_reflns_shell.pdbx_ordinal           1 
_reflns_shell.d_res_high             1.80 
_reflns_shell.d_res_low              1.90 
_reflns_shell.percent_possible_all   99.3 
_reflns_shell.Rmerge_I_obs           0.78 
_reflns_shell.pdbx_Rsym_value        ? 
_reflns_shell.meanI_over_sigI_obs    2.50 
_reflns_shell.pdbx_redundancy        6.1 
# 
_refine.pdbx_refine_id                           'X-RAY DIFFRACTION' 
_refine.entry_id                                 2W0I 
_refine.pdbx_diffrn_id                           1 
_refine.pdbx_TLS_residual_ADP_flag               'LIKELY RESIDUAL' 
_refine.ls_number_reflns_obs                     15008 
_refine.ls_number_reflns_all                     ? 
_refine.pdbx_ls_sigma_I                          ? 
_refine.pdbx_ls_sigma_F                          ? 
_refine.pdbx_data_cutoff_high_absF               ? 
_refine.pdbx_data_cutoff_low_absF                ? 
_refine.pdbx_data_cutoff_high_rms_absF           ? 
_refine.ls_d_res_low                             43.19 
_refine.ls_d_res_high                            1.80 
_refine.ls_percent_reflns_obs                    99.2 
_refine.ls_R_factor_obs                          0.189 
_refine.ls_R_factor_all                          ? 
_refine.ls_R_factor_R_work                       0.186 
_refine.ls_R_factor_R_free                       0.236 
_refine.ls_R_factor_R_free_error                 ? 
_refine.ls_R_factor_R_free_error_details         ? 
_refine.ls_percent_reflns_R_free                 6.600 
_refine.ls_number_reflns_R_free                  1067 
_refine.ls_number_parameters                     ? 
_refine.ls_number_restraints                     ? 
_refine.occupancy_min                            ? 
_refine.occupancy_max                            ? 
_refine.correlation_coeff_Fo_to_Fc               0.960 
_refine.correlation_coeff_Fo_to_Fc_free          0.941 
_refine.B_iso_mean                               17.85 
_refine.aniso_B[1][1]                            0.38000 
_refine.aniso_B[2][2]                            0.38000 
_refine.aniso_B[3][3]                            -0.58000 
_refine.aniso_B[1][2]                            0.19000 
_refine.aniso_B[1][3]                            0.00000 
_refine.aniso_B[2][3]                            0.00000 
_refine.solvent_model_details                    MASK 
_refine.solvent_model_param_ksol                 ? 
_refine.solvent_model_param_bsol                 ? 
_refine.pdbx_solvent_vdw_probe_radii             1.20 
_refine.pdbx_solvent_ion_probe_radii             0.80 
_refine.pdbx_solvent_shrinkage_radii             0.80 
_refine.pdbx_ls_cross_valid_method               THROUGHOUT 
_refine.details                                  'HYDROGENS HAVE BEEN ADDED IN THE RIDING POSITIONS.' 
_refine.pdbx_starting_model                      'PDB ENTRIES 1VKK, 2VAS, 1M4J.' 
_refine.pdbx_method_to_determine_struct          'MOLECULAR REPLACEMENT' 
_refine.pdbx_isotropic_thermal_model             ? 
_refine.pdbx_stereochemistry_target_values       'MAXIMUM LIKELIHOOD' 
_refine.pdbx_stereochem_target_val_spec_case     ? 
_refine.pdbx_R_Free_selection_details            RANDOM 
_refine.pdbx_overall_ESU_R                       0.115 
_refine.pdbx_overall_ESU_R_Free                  0.121 
_refine.overall_SU_ML                            0.092 
_refine.pdbx_overall_phase_error                 ? 
_refine.overall_SU_B                             6.236 
_refine.overall_SU_R_Cruickshank_DPI             ? 
_refine.pdbx_overall_SU_R_free_Cruickshank_DPI   ? 
_refine.pdbx_overall_SU_R_Blow_DPI               ? 
_refine.pdbx_overall_SU_R_free_Blow_DPI          ? 
# 
_refine_hist.pdbx_refine_id                   'X-RAY DIFFRACTION' 
_refine_hist.cycle_id                         LAST 
_refine_hist.pdbx_number_atoms_protein        1075 
_refine_hist.pdbx_number_atoms_nucleic_acid   0 
_refine_hist.pdbx_number_atoms_ligand         0 
_refine_hist.number_atoms_solvent             71 
_refine_hist.number_atoms_total               1146 
_refine_hist.d_res_high                       1.80 
_refine_hist.d_res_low                        43.19 
# 
loop_
_refine_ls_restr.type 
_refine_ls_restr.dev_ideal 
_refine_ls_restr.dev_ideal_target 
_refine_ls_restr.weight 
_refine_ls_restr.number 
_refine_ls_restr.pdbx_refine_id 
_refine_ls_restr.pdbx_restraint_function 
r_bond_refined_d             0.015  0.022  ? 1112 'X-RAY DIFFRACTION' ? 
r_bond_other_d               0.007  0.020  ? 764  'X-RAY DIFFRACTION' ? 
r_angle_refined_deg          1.521  1.978  ? 1505 'X-RAY DIFFRACTION' ? 
r_angle_other_deg            0.978  3.000  ? 1872 'X-RAY DIFFRACTION' ? 
r_dihedral_angle_1_deg       5.724  5.000  ? 134  'X-RAY DIFFRACTION' ? 
r_dihedral_angle_2_deg       34.774 23.922 ? 51   'X-RAY DIFFRACTION' ? 
r_dihedral_angle_3_deg       13.209 15.000 ? 204  'X-RAY DIFFRACTION' ? 
r_dihedral_angle_4_deg       25.565 15.000 ? 7    'X-RAY DIFFRACTION' ? 
r_chiral_restr               0.085  0.200  ? 171  'X-RAY DIFFRACTION' ? 
r_gen_planes_refined         0.007  0.021  ? 1211 'X-RAY DIFFRACTION' ? 
r_gen_planes_other           0.001  0.020  ? 216  'X-RAY DIFFRACTION' ? 
r_nbd_refined                0.199  0.200  ? 217  'X-RAY DIFFRACTION' ? 
r_nbd_other                  0.226  0.200  ? 686  'X-RAY DIFFRACTION' ? 
r_nbtor_refined              0.173  0.200  ? 531  'X-RAY DIFFRACTION' ? 
r_nbtor_other                0.111  0.200  ? 504  'X-RAY DIFFRACTION' ? 
r_xyhbond_nbd_refined        0.201  0.200  ? 50   'X-RAY DIFFRACTION' ? 
r_xyhbond_nbd_other          ?      ?      ? ?    'X-RAY DIFFRACTION' ? 
r_metal_ion_refined          ?      ?      ? ?    'X-RAY DIFFRACTION' ? 
r_metal_ion_other            ?      ?      ? ?    'X-RAY DIFFRACTION' ? 
r_symmetry_vdw_refined       0.111  0.200  ? 16   'X-RAY DIFFRACTION' ? 
r_symmetry_vdw_other         0.214  0.200  ? 53   'X-RAY DIFFRACTION' ? 
r_symmetry_hbond_refined     0.242  0.200  ? 7    'X-RAY DIFFRACTION' ? 
r_symmetry_hbond_other       ?      ?      ? ?    'X-RAY DIFFRACTION' ? 
r_symmetry_metal_ion_refined ?      ?      ? ?    'X-RAY DIFFRACTION' ? 
r_symmetry_metal_ion_other   ?      ?      ? ?    'X-RAY DIFFRACTION' ? 
r_mcbond_it                  2.867  3.000  ? 680  'X-RAY DIFFRACTION' ? 
r_mcbond_other               ?      ?      ? ?    'X-RAY DIFFRACTION' ? 
r_mcangle_it                 4.271  5.000  ? 1105 'X-RAY DIFFRACTION' ? 
r_mcangle_other              ?      ?      ? ?    'X-RAY DIFFRACTION' ? 
r_scbond_it                  6.872  8.000  ? 432  'X-RAY DIFFRACTION' ? 
r_scbond_other               ?      ?      ? ?    'X-RAY DIFFRACTION' ? 
r_scangle_it                 10.506 11.000 ? 400  'X-RAY DIFFRACTION' ? 
r_scangle_other              ?      ?      ? ?    'X-RAY DIFFRACTION' ? 
r_long_range_B_refined       ?      ?      ? ?    'X-RAY DIFFRACTION' ? 
r_long_range_B_other         ?      ?      ? ?    'X-RAY DIFFRACTION' ? 
r_rigid_bond_restr           ?      ?      ? ?    'X-RAY DIFFRACTION' ? 
r_sphericity_free            ?      ?      ? ?    'X-RAY DIFFRACTION' ? 
r_sphericity_bonded          ?      ?      ? ?    'X-RAY DIFFRACTION' ? 
# 
_refine_ls_shell.pdbx_refine_id                   'X-RAY DIFFRACTION' 
_refine_ls_shell.pdbx_total_number_of_bins_used   20 
_refine_ls_shell.d_res_high                       1.80 
_refine_ls_shell.d_res_low                        1.85 
_refine_ls_shell.number_reflns_R_work             1040 
_refine_ls_shell.R_factor_R_work                  0.2560 
_refine_ls_shell.percent_reflns_obs               ? 
_refine_ls_shell.R_factor_R_free                  0.3190 
_refine_ls_shell.R_factor_R_free_error            ? 
_refine_ls_shell.percent_reflns_R_free            ? 
_refine_ls_shell.number_reflns_R_free             93 
_refine_ls_shell.number_reflns_all                ? 
_refine_ls_shell.R_factor_all                     ? 
# 
_struct.entry_id                  2W0I 
_struct.title                     
'Structure Of C-Terminal Actin Depolymerizing Factor Homology (Adf-H) Domain Of Human Twinfilin-2' 
_struct.pdbx_model_details        ? 
_struct.pdbx_CASP_flag            ? 
_struct.pdbx_model_type_details   ? 
# 
_struct_keywords.entry_id        2W0I 
_struct_keywords.pdbx_keywords   TRANSFERASE 
_struct_keywords.text            
;CYTOSKELETON, ACTIN-BINDING, ACTIN BINDING, COFILIN-LIKE, PHOSPHOPROTEIN, PHOSPHORYLATION, TRANSFERASE, PROTEIN TYROSINE KINASE-9, ACTIN DEPOLYMERIZING FACTOR
;
# 
loop_
_struct_asym.id 
_struct_asym.pdbx_blank_PDB_chainid_flag 
_struct_asym.pdbx_modified 
_struct_asym.entity_id 
_struct_asym.details 
A N N 1 ? 
B N N 2 ? 
# 
loop_
_struct_conf.conf_type_id 
_struct_conf.id 
_struct_conf.pdbx_PDB_helix_id 
_struct_conf.beg_label_comp_id 
_struct_conf.beg_label_asym_id 
_struct_conf.beg_label_seq_id 
_struct_conf.pdbx_beg_PDB_ins_code 
_struct_conf.end_label_comp_id 
_struct_conf.end_label_asym_id 
_struct_conf.end_label_seq_id 
_struct_conf.pdbx_end_PDB_ins_code 
_struct_conf.beg_auth_comp_id 
_struct_conf.beg_auth_asym_id 
_struct_conf.beg_auth_seq_id 
_struct_conf.end_auth_comp_id 
_struct_conf.end_auth_asym_id 
_struct_conf.end_auth_seq_id 
_struct_conf.pdbx_PDB_helix_class 
_struct_conf.details 
_struct_conf.pdbx_PDB_helix_length 
HELX_P HELX_P1 1 GLN A 5   ? GLN A 17  ? GLN A 183 GLN A 195 1 ? 13 
HELX_P HELX_P2 2 ASP A 43  ? VAL A 51  ? ASP A 221 VAL A 229 5 ? 9  
HELX_P HELX_P3 3 PRO A 82  ? CYS A 86  ? PRO A 260 CYS A 264 5 ? 5  
HELX_P HELX_P4 4 SER A 87  ? ASP A 108 ? SER A 265 ASP A 286 1 ? 22 
HELX_P HELX_P5 5 ASP A 121 ? LEU A 125 ? ASP A 299 LEU A 303 5 ? 5  
HELX_P HELX_P6 6 THR A 126 ? HIS A 135 ? THR A 304 HIS A 313 1 ? 10 
# 
_struct_conf_type.id          HELX_P 
_struct_conf_type.criteria    ? 
_struct_conf_type.reference   ? 
# 
_struct_sheet.id               AA 
_struct_sheet.type             ? 
_struct_sheet.number_strands   5 
_struct_sheet.details          ? 
# 
loop_
_struct_sheet_order.sheet_id 
_struct_sheet_order.range_id_1 
_struct_sheet_order.range_id_2 
_struct_sheet_order.offset 
_struct_sheet_order.sense 
AA 1 2 ? anti-parallel 
AA 2 3 ? anti-parallel 
AA 3 4 ? anti-parallel 
AA 4 5 ? parallel      
# 
loop_
_struct_sheet_range.sheet_id 
_struct_sheet_range.id 
_struct_sheet_range.beg_label_comp_id 
_struct_sheet_range.beg_label_asym_id 
_struct_sheet_range.beg_label_seq_id 
_struct_sheet_range.pdbx_beg_PDB_ins_code 
_struct_sheet_range.end_label_comp_id 
_struct_sheet_range.end_label_asym_id 
_struct_sheet_range.end_label_seq_id 
_struct_sheet_range.pdbx_end_PDB_ins_code 
_struct_sheet_range.beg_auth_comp_id 
_struct_sheet_range.beg_auth_asym_id 
_struct_sheet_range.beg_auth_seq_id 
_struct_sheet_range.end_auth_comp_id 
_struct_sheet_range.end_auth_asym_id 
_struct_sheet_range.end_auth_seq_id 
AA 1 THR A 33  ? HIS A 38  ? THR A 211 HIS A 216 
AA 2 TYR A 22  ? ASP A 28  ? TYR A 200 ASP A 206 
AA 3 ARG A 57  ? HIS A 67  ? ARG A 235 HIS A 245 
AA 4 ASP A 70  ? SER A 80  ? ASP A 248 SER A 258 
AA 5 ILE A 113 ? ILE A 119 ? ILE A 291 ILE A 297 
# 
loop_
_pdbx_struct_sheet_hbond.sheet_id 
_pdbx_struct_sheet_hbond.range_id_1 
_pdbx_struct_sheet_hbond.range_id_2 
_pdbx_struct_sheet_hbond.range_1_label_atom_id 
_pdbx_struct_sheet_hbond.range_1_label_comp_id 
_pdbx_struct_sheet_hbond.range_1_label_asym_id 
_pdbx_struct_sheet_hbond.range_1_label_seq_id 
_pdbx_struct_sheet_hbond.range_1_PDB_ins_code 
_pdbx_struct_sheet_hbond.range_1_auth_atom_id 
_pdbx_struct_sheet_hbond.range_1_auth_comp_id 
_pdbx_struct_sheet_hbond.range_1_auth_asym_id 
_pdbx_struct_sheet_hbond.range_1_auth_seq_id 
_pdbx_struct_sheet_hbond.range_2_label_atom_id 
_pdbx_struct_sheet_hbond.range_2_label_comp_id 
_pdbx_struct_sheet_hbond.range_2_label_asym_id 
_pdbx_struct_sheet_hbond.range_2_label_seq_id 
_pdbx_struct_sheet_hbond.range_2_PDB_ins_code 
_pdbx_struct_sheet_hbond.range_2_auth_atom_id 
_pdbx_struct_sheet_hbond.range_2_auth_comp_id 
_pdbx_struct_sheet_hbond.range_2_auth_asym_id 
_pdbx_struct_sheet_hbond.range_2_auth_seq_id 
AA 1 2 N VAL A 37 ? N VAL A 215 O GLN A 24  ? O GLN A 202 
AA 2 3 N MET A 25 ? N MET A 203 O TYR A 58  ? O TYR A 236 
AA 3 4 N HIS A 67 ? N HIS A 245 O ASP A 70  ? O ASP A 248 
AA 4 5 O VAL A 75 ? O VAL A 253 N ALA A 114 ? N ALA A 292 
# 
_atom_sites.entry_id                    2W0I 
_atom_sites.fract_transf_matrix[1][1]   -0.00749265 
_atom_sites.fract_transf_matrix[1][2]   -0.00549717 
_atom_sites.fract_transf_matrix[1][3]   -0.01536386 
_atom_sites.fract_transf_matrix[2][1]   -0.01664526 
_atom_sites.fract_transf_matrix[2][2]   -0.00673439 
_atom_sites.fract_transf_matrix[2][3]   0.00003438 
_atom_sites.fract_transf_matrix[3][1]   -0.00271337 
_atom_sites.fract_transf_matrix[3][2]   0.00670110 
_atom_sites.fract_transf_matrix[3][3]   -0.00107439 
_atom_sites.fract_transf_vector[1]      -0.027207 
_atom_sites.fract_transf_vector[2]      -0.506558 
_atom_sites.fract_transf_vector[3]      -0.032716 
# 
loop_
_atom_type.symbol 
C 
N 
O 
S 
# 
loop_
_atom_site.group_PDB 
_atom_site.id 
_atom_site.type_symbol 
_atom_site.label_atom_id 
_atom_site.label_alt_id 
_atom_site.label_comp_id 
_atom_site.label_asym_id 
_atom_site.label_entity_id 
_atom_site.label_seq_id 
_atom_site.pdbx_PDB_ins_code 
_atom_site.Cartn_x 
_atom_site.Cartn_y 
_atom_site.Cartn_z 
_atom_site.occupancy 
_atom_site.B_iso_or_equiv 
_atom_site.pdbx_formal_charge 
_atom_site.auth_seq_id 
_atom_site.auth_comp_id 
_atom_site.auth_asym_id 
_atom_site.auth_atom_id 
_atom_site.pdbx_PDB_model_num 
ATOM   1    C CA  . SER A 1 1   ? -1.936  -15.959 -7.049  1.00 28.55 ? -1   SER A CA  1 
ATOM   2    C C   . SER A 1 1   ? -3.366  -15.740 -6.536  1.00 25.94 ? -1   SER A C   1 
ATOM   3    O O   . SER A 1 1   ? -4.323  -16.242 -7.122  1.00 22.76 ? -1   SER A O   1 
ATOM   4    N N   . MET A 1 2   ? -3.505  -14.998 -5.434  1.00 19.01 ? 0    MET A N   1 
ATOM   5    C CA  . MET A 1 2   ? -4.826  -14.645 -4.932  1.00 14.72 ? 0    MET A CA  1 
ATOM   6    C C   . MET A 1 2   ? -5.331  -13.479 -5.783  1.00 17.13 ? 0    MET A C   1 
ATOM   7    O O   . MET A 1 2   ? -4.674  -12.454 -5.895  1.00 15.51 ? 0    MET A O   1 
ATOM   8    C CB  . MET A 1 2   ? -4.789  -14.242 -3.481  1.00 11.99 ? 0    MET A CB  1 
ATOM   9    C CG  . MET A 1 2   ? -4.364  -15.390 -2.537  1.00 12.38 ? 0    MET A CG  1 
ATOM   10   S SD  . MET A 1 2   ? -4.593  -14.923 -0.798  1.00 22.16 ? 0    MET A SD  1 
ATOM   11   C CE  . MET A 1 2   ? -3.898  -16.356 0.104   1.00 15.92 ? 0    MET A CE  1 
ATOM   12   N N   . PRO A 1 3   ? -6.483  -13.658 -6.429  1.00 10.97 ? 181  PRO A N   1 
ATOM   13   C CA  . PRO A 1 3   ? -6.976  -12.549 -7.273  1.00 11.73 ? 181  PRO A CA  1 
ATOM   14   C C   . PRO A 1 3   ? -7.492  -11.364 -6.448  1.00 11.11 ? 181  PRO A C   1 
ATOM   15   O O   . PRO A 1 3   ? -7.977  -11.533 -5.292  1.00 11.25 ? 181  PRO A O   1 
ATOM   16   C CB  . PRO A 1 3   ? -8.140  -13.189 -8.028  1.00 13.08 ? 181  PRO A CB  1 
ATOM   17   C CG  . PRO A 1 3   ? -8.717  -14.097 -7.008  1.00 14.99 ? 181  PRO A CG  1 
ATOM   18   C CD  . PRO A 1 3   ? -7.448  -14.765 -6.374  1.00 16.60 ? 181  PRO A CD  1 
ATOM   19   N N   . LEU A 1 4   ? -7.429  -10.179 -7.059  1.00 13.29 ? 182  LEU A N   1 
ATOM   20   C CA  . LEU A 1 4   ? -8.058  -8.961  -6.506  1.00 12.68 ? 182  LEU A CA  1 
ATOM   21   C C   . LEU A 1 4   ? -9.571  -8.999  -6.643  1.00 10.82 ? 182  LEU A C   1 
ATOM   22   O O   . LEU A 1 4   ? -10.084 -9.280  -7.745  1.00 9.70  ? 182  LEU A O   1 
ATOM   23   C CB  A LEU A 1 4   ? -7.551  -7.723  -7.259  0.50 12.26 ? 182  LEU A CB  1 
ATOM   24   C CB  B LEU A 1 4   ? -7.464  -7.694  -7.156  0.50 13.96 ? 182  LEU A CB  1 
ATOM   25   C CG  A LEU A 1 4   ? -6.111  -7.307  -6.964  0.50 13.10 ? 182  LEU A CG  1 
ATOM   26   C CG  B LEU A 1 4   ? -6.109  -7.255  -6.552  0.50 12.80 ? 182  LEU A CG  1 
ATOM   27   C CD1 A LEU A 1 4   ? -5.484  -6.654  -8.192  0.50 10.02 ? 182  LEU A CD1 1 
ATOM   28   C CD1 B LEU A 1 4   ? -4.954  -8.171  -6.977  0.50 13.40 ? 182  LEU A CD1 1 
ATOM   29   C CD2 A LEU A 1 4   ? -6.097  -6.399  -5.721  0.50 11.66 ? 182  LEU A CD2 1 
ATOM   30   C CD2 B LEU A 1 4   ? -5.777  -5.827  -6.907  0.50 15.29 ? 182  LEU A CD2 1 
ATOM   31   N N   . GLN A 1 5   ? -10.276 -8.738  -5.534  1.00 12.30 ? 183  GLN A N   1 
ATOM   32   C CA  . GLN A 1 5   ? -11.731 -8.587  -5.546  1.00 11.99 ? 183  GLN A CA  1 
ATOM   33   C C   . GLN A 1 5   ? -12.039 -7.385  -6.433  1.00 11.27 ? 183  GLN A C   1 
ATOM   34   O O   . GLN A 1 5   ? -11.202 -6.464  -6.493  1.00 9.40  ? 183  GLN A O   1 
ATOM   35   C CB  . GLN A 1 5   ? -12.276 -8.365  -4.139  1.00 7.62  ? 183  GLN A CB  1 
ATOM   36   C CG  . GLN A 1 5   ? -12.224 -9.622  -3.266  1.00 9.62  ? 183  GLN A CG  1 
ATOM   37   C CD  . GLN A 1 5   ? -12.768 -9.443  -1.886  1.00 14.92 ? 183  GLN A CD  1 
ATOM   38   O OE1 . GLN A 1 5   ? -13.382 -8.442  -1.585  1.00 13.60 ? 183  GLN A OE1 1 
ATOM   39   N NE2 . GLN A 1 5   ? -12.497 -10.405 -1.018  1.00 12.79 ? 183  GLN A NE2 1 
ATOM   40   N N   . PRO A 1 6   ? -13.174 -7.408  -7.156  1.00 9.06  ? 184  PRO A N   1 
ATOM   41   C CA  . PRO A 1 6   ? -13.451 -6.255  -8.032  1.00 9.25  ? 184  PRO A CA  1 
ATOM   42   C C   . PRO A 1 6   ? -13.371 -4.852  -7.389  1.00 9.38  ? 184  PRO A C   1 
ATOM   43   O O   . PRO A 1 6   ? -12.946 -3.892  -8.034  1.00 10.48 ? 184  PRO A O   1 
ATOM   44   C CB  . PRO A 1 6   ? -14.822 -6.584  -8.571  1.00 8.20  ? 184  PRO A CB  1 
ATOM   45   C CG  . PRO A 1 6   ? -14.736 -8.089  -8.756  1.00 12.30 ? 184  PRO A CG  1 
ATOM   46   C CD  . PRO A 1 6   ? -14.055 -8.549  -7.493  1.00 9.97  ? 184  PRO A CD  1 
ATOM   47   N N   . GLU A 1 7   ? -13.803 -4.710  -6.142  1.00 12.58 ? 185  GLU A N   1 
ATOM   48   C CA  . GLU A 1 7   ? -13.682 -3.410  -5.476  1.00 9.70  ? 185  GLU A CA  1 
ATOM   49   C C   . GLU A 1 7   ? -12.241 -2.935  -5.353  1.00 10.86 ? 185  GLU A C   1 
ATOM   50   O O   . GLU A 1 7   ? -11.997 -1.729  -5.507  1.00 11.52 ? 185  GLU A O   1 
ATOM   51   C CB  . GLU A 1 7   ? -14.393 -3.466  -4.125  1.00 15.54 ? 185  GLU A CB  1 
ATOM   52   C CG  . GLU A 1 7   ? -15.864 -3.436  -4.308  1.00 16.67 ? 185  GLU A CG  1 
ATOM   53   C CD  . GLU A 1 7   ? -16.349 -2.107  -4.885  1.00 34.16 ? 185  GLU A CD  1 
ATOM   54   O OE1 . GLU A 1 7   ? -16.446 -1.159  -4.071  1.00 32.52 ? 185  GLU A OE1 1 
ATOM   55   O OE2 . GLU A 1 7   ? -16.591 -2.012  -6.122  1.00 21.97 ? 185  GLU A OE2 1 
ATOM   56   N N   . ALA A 1 8   ? -11.319 -3.864  -5.082  1.00 10.32 ? 186  ALA A N   1 
ATOM   57   C CA  . ALA A 1 8   ? -9.885  -3.596  -5.037  1.00 10.76 ? 186  ALA A CA  1 
ATOM   58   C C   . ALA A 1 8   ? -9.357  -3.205  -6.415  1.00 13.17 ? 186  ALA A C   1 
ATOM   59   O O   . ALA A 1 8   ? -8.575  -2.305  -6.561  1.00 11.41 ? 186  ALA A O   1 
ATOM   60   C CB  . ALA A 1 8   ? -9.087  -4.799  -4.457  1.00 13.04 ? 186  ALA A CB  1 
ATOM   61   N N   . GLN A 1 9   ? -9.864  -3.872  -7.429  1.00 10.50 ? 187  GLN A N   1 
ATOM   62   C CA  . GLN A 1 9   ? -9.537  -3.549  -8.783  1.00 9.98  ? 187  GLN A CA  1 
ATOM   63   C C   . GLN A 1 9   ? -9.938  -2.096  -9.163  1.00 11.32 ? 187  GLN A C   1 
ATOM   64   O O   . GLN A 1 9   ? -9.153  -1.368  -9.804  1.00 11.16 ? 187  GLN A O   1 
ATOM   65   C CB  . GLN A 1 9   ? -10.197 -4.544  -9.697  1.00 11.09 ? 187  GLN A CB  1 
ATOM   66   C CG  . GLN A 1 9   ? -9.769  -5.982  -9.510  1.00 12.28 ? 187  GLN A CG  1 
ATOM   67   C CD  . GLN A 1 9   ? -10.333 -6.876  -10.619 1.00 17.87 ? 187  GLN A CD  1 
ATOM   68   O OE1 . GLN A 1 9   ? -10.584 -6.395  -11.720 1.00 17.16 ? 187  GLN A OE1 1 
ATOM   69   N NE2 . GLN A 1 9   ? -10.568 -8.161  -10.328 1.00 11.93 ? 187  GLN A NE2 1 
ATOM   70   N N   . ARG A 1 10  ? -11.138 -1.704  -8.724  1.00 7.60  ? 188  ARG A N   1 
ATOM   71   C CA  . ARG A 1 10  ? -11.716 -0.423  -9.000  1.00 10.20 ? 188  ARG A CA  1 
ATOM   72   C C   . ARG A 1 10  ? -10.934 0.680   -8.289  1.00 7.07  ? 188  ARG A C   1 
ATOM   73   O O   . ARG A 1 10  ? -10.746 1.727   -8.833  1.00 8.61  ? 188  ARG A O   1 
ATOM   74   C CB  . ARG A 1 10  ? -13.158 -0.410  -8.492  1.00 15.89 ? 188  ARG A CB  1 
ATOM   75   C CG  . ARG A 1 10  ? -14.230 -0.295  -9.431  1.00 28.69 ? 188  ARG A CG  1 
ATOM   76   C CD  . ARG A 1 10  ? -15.221 0.737   -8.899  1.00 30.26 ? 188  ARG A CD  1 
ATOM   77   N NE  . ARG A 1 10  ? -15.678 0.558   -7.501  1.00 19.34 ? 188  ARG A NE  1 
ATOM   78   C CZ  . ARG A 1 10  ? -15.851 1.569   -6.641  1.00 20.62 ? 188  ARG A CZ  1 
ATOM   79   N NH1 . ARG A 1 10  ? -15.629 2.839   -6.995  1.00 21.83 ? 188  ARG A NH1 1 
ATOM   80   N NH2 . ARG A 1 10  ? -16.291 1.335   -5.427  1.00 26.74 ? 188  ARG A NH2 1 
ATOM   81   N N   . ALA A 1 11  ? -10.536 0.412   -7.036  1.00 11.08 ? 189  ALA A N   1 
ATOM   82   C CA  . ALA A 1 11  ? -9.667  1.301   -6.277  1.00 10.28 ? 189  ALA A CA  1 
ATOM   83   C C   . ALA A 1 11  ? -8.367  1.584   -7.025  1.00 10.32 ? 189  ALA A C   1 
ATOM   84   O O   . ALA A 1 11  ? -7.931  2.727   -7.075  1.00 11.94 ? 189  ALA A O   1 
ATOM   85   C CB  . ALA A 1 11  ? -9.376  0.688   -4.901  1.00 11.16 ? 189  ALA A CB  1 
ATOM   86   N N   . LEU A 1 12  ? -7.733  0.550   -7.572  1.00 8.52  ? 190  LEU A N   1 
ATOM   87   C CA  . LEU A 1 12  ? -6.497  0.728   -8.351  1.00 10.44 ? 190  LEU A CA  1 
ATOM   88   C C   . LEU A 1 12  ? -6.731  1.576   -9.622  1.00 14.42 ? 190  LEU A C   1 
ATOM   89   O O   . LEU A 1 12  ? -5.929  2.427   -9.973  1.00 10.62 ? 190  LEU A O   1 
ATOM   90   C CB  . LEU A 1 12  ? -5.912  -0.612  -8.757  1.00 10.73 ? 190  LEU A CB  1 
ATOM   91   C CG  . LEU A 1 12  ? -5.329  -1.468  -7.634  1.00 12.93 ? 190  LEU A CG  1 
ATOM   92   C CD1 . LEU A 1 12  ? -5.130  -2.885  -8.138  1.00 17.67 ? 190  LEU A CD1 1 
ATOM   93   C CD2 . LEU A 1 12  ? -4.030  -0.786  -7.224  1.00 14.88 ? 190  LEU A CD2 1 
ATOM   94   N N   . GLN A 1 13  ? -7.831  1.313   -10.304 1.00 13.06 ? 191  GLN A N   1 
ATOM   95   C CA  . GLN A 1 13  ? -8.229  2.089   -11.498 1.00 12.60 ? 191  GLN A CA  1 
ATOM   96   C C   . GLN A 1 13  ? -8.393  3.572   -11.148 1.00 15.76 ? 191  GLN A C   1 
ATOM   97   O O   . GLN A 1 13  ? -7.892  4.450   -11.853 1.00 13.08 ? 191  GLN A O   1 
ATOM   98   C CB  . GLN A 1 13  ? -9.496  1.524   -12.103 1.00 11.88 ? 191  GLN A CB  1 
ATOM   99   C CG  . GLN A 1 13  ? -9.421  0.067   -12.559 1.00 22.95 ? 191  GLN A CG  1 
ATOM   100  C CD  . GLN A 1 13  ? -8.677  -0.139  -13.857 1.00 32.20 ? 191  GLN A CD  1 
ATOM   101  O OE1 . GLN A 1 13  ? -7.951  0.739   -14.322 1.00 45.25 ? 191  GLN A OE1 1 
ATOM   102  N NE2 . GLN A 1 13  ? -8.862  -1.312  -14.458 1.00 47.04 ? 191  GLN A NE2 1 
ATOM   103  N N   . GLN A 1 14  ? -9.053  3.843   -10.026 1.00 12.38 ? 192  GLN A N   1 
ATOM   104  C CA  . GLN A 1 14  ? -9.177  5.193   -9.506  1.00 10.84 ? 192  GLN A CA  1 
ATOM   105  C C   . GLN A 1 14  ? -7.861  5.859   -9.119  1.00 14.13 ? 192  GLN A C   1 
ATOM   106  O O   . GLN A 1 14  ? -7.641  7.046   -9.407  1.00 10.59 ? 192  GLN A O   1 
ATOM   107  C CB  . GLN A 1 14  ? -10.097 5.215   -8.292  1.00 6.15  ? 192  GLN A CB  1 
ATOM   108  C CG  . GLN A 1 14  ? -11.531 4.919   -8.653  1.00 9.80  ? 192  GLN A CG  1 
ATOM   109  C CD  . GLN A 1 14  ? -12.417 5.192   -7.472  1.00 16.76 ? 192  GLN A CD  1 
ATOM   110  O OE1 . GLN A 1 14  ? -12.950 6.285   -7.334  1.00 33.68 ? 192  GLN A OE1 1 
ATOM   111  N NE2 . GLN A 1 14  ? -12.525 4.242   -6.598  1.00 20.48 ? 192  GLN A NE2 1 
ATOM   112  N N   . LEU A 1 15  ? -6.995  5.099   -8.465  1.00 14.04 ? 193  LEU A N   1 
ATOM   113  C CA  . LEU A 1 15  ? -5.695  5.617   -8.085  1.00 14.68 ? 193  LEU A CA  1 
ATOM   114  C C   . LEU A 1 15  ? -4.909  6.052   -9.331  1.00 13.19 ? 193  LEU A C   1 
ATOM   115  O O   . LEU A 1 15  ? -4.297  7.116   -9.320  1.00 14.02 ? 193  LEU A O   1 
ATOM   116  C CB  . LEU A 1 15  ? -4.897  4.580   -7.285  1.00 15.62 ? 193  LEU A CB  1 
ATOM   117  C CG  . LEU A 1 15  ? -3.510  5.034   -6.818  1.00 15.82 ? 193  LEU A CG  1 
ATOM   118  C CD1 . LEU A 1 15  ? -3.581  6.275   -5.941  1.00 16.61 ? 193  LEU A CD1 1 
ATOM   119  C CD2 . LEU A 1 15  ? -2.778  3.846   -6.098  1.00 11.40 ? 193  LEU A CD2 1 
ATOM   120  N N   . LYS A 1 16  ? -4.953  5.237   -10.386 1.00 12.79 ? 194  LYS A N   1 
ATOM   121  C CA  . LYS A 1 16  ? -4.290  5.527   -11.647 1.00 14.79 ? 194  LYS A CA  1 
ATOM   122  C C   . LYS A 1 16  ? -4.758  6.869   -12.262 1.00 23.37 ? 194  LYS A C   1 
ATOM   123  O O   . LYS A 1 16  ? -3.958  7.589   -12.879 1.00 20.10 ? 194  LYS A O   1 
ATOM   124  C CB  . LYS A 1 16  ? -4.540  4.363   -12.613 1.00 18.06 ? 194  LYS A CB  1 
ATOM   125  C CG  . LYS A 1 16  ? -4.016  4.518   -14.063 1.00 27.61 ? 194  LYS A CG  1 
ATOM   126  C CD  . LYS A 1 16  ? -2.581  3.997   -14.208 1.00 33.04 ? 194  LYS A CD  1 
ATOM   127  N N   . GLN A 1 17  ? -6.037  7.202   -12.094 1.00 19.31 ? 195  GLN A N   1 
ATOM   128  C CA  . GLN A 1 17  ? -6.584  8.497   -12.520 1.00 19.98 ? 195  GLN A CA  1 
ATOM   129  C C   . GLN A 1 17  ? -6.476  9.598   -11.451 1.00 17.99 ? 195  GLN A C   1 
ATOM   130  O O   . GLN A 1 17  ? -6.928  10.729  -11.645 1.00 15.36 ? 195  GLN A O   1 
ATOM   131  C CB  . GLN A 1 17  ? -8.045  8.320   -12.972 1.00 17.75 ? 195  GLN A CB  1 
ATOM   132  C CG  . GLN A 1 17  ? -8.220  7.390   -14.179 1.00 16.21 ? 195  GLN A CG  1 
ATOM   133  C CD  . GLN A 1 17  ? -7.642  7.934   -15.468 1.00 19.22 ? 195  GLN A CD  1 
ATOM   134  O OE1 . GLN A 1 17  ? -7.241  9.091   -15.542 1.00 19.31 ? 195  GLN A OE1 1 
ATOM   135  N NE2 . GLN A 1 17  ? -7.627  7.108   -16.514 1.00 31.14 ? 195  GLN A NE2 1 
ATOM   136  N N   . LYS A 1 18  ? -5.839  9.270   -10.334 1.00 19.25 ? 196  LYS A N   1 
ATOM   137  C CA  . LYS A 1 18  ? -5.710  10.156  -9.189  1.00 16.36 ? 196  LYS A CA  1 
ATOM   138  C C   . LYS A 1 18  ? -7.038  10.611  -8.605  1.00 15.66 ? 196  LYS A C   1 
ATOM   139  O O   . LYS A 1 18  ? -7.116  11.637  -7.962  1.00 17.08 ? 196  LYS A O   1 
ATOM   140  C CB  . LYS A 1 18  ? -4.771  11.334  -9.515  1.00 24.39 ? 196  LYS A CB  1 
ATOM   141  C CG  . LYS A 1 18  ? -3.377  10.856  -9.917  1.00 29.85 ? 196  LYS A CG  1 
ATOM   142  C CD  . LYS A 1 18  ? -2.403  12.004  -10.116 1.00 50.27 ? 196  LYS A CD  1 
ATOM   143  C CE  . LYS A 1 18  ? -1.395  11.694  -11.214 1.00 53.22 ? 196  LYS A CE  1 
ATOM   144  N NZ  . LYS A 1 18  ? -0.784  10.339  -11.061 1.00 60.20 ? 196  LYS A NZ  1 
ATOM   145  N N   . MET A 1 19  ? -8.072  9.791   -8.758  1.00 12.50 ? 197  MET A N   1 
ATOM   146  C CA  . MET A 1 19  ? -9.353  10.041  -8.094  1.00 15.78 ? 197  MET A CA  1 
ATOM   147  C C   . MET A 1 19  ? -9.388  9.647   -6.635  1.00 17.21 ? 197  MET A C   1 
ATOM   148  O O   . MET A 1 19  ? -10.269 10.085  -5.903  1.00 19.86 ? 197  MET A O   1 
ATOM   149  C CB  . MET A 1 19  ? -10.444 9.279   -8.800  1.00 16.56 ? 197  MET A CB  1 
ATOM   150  C CG  . MET A 1 19  ? -10.633 9.746   -10.204 1.00 18.33 ? 197  MET A CG  1 
ATOM   151  S SD  . MET A 1 19  ? -11.819 8.662   -10.953 1.00 26.82 ? 197  MET A SD  1 
ATOM   152  C CE  . MET A 1 19  ? -11.104 8.647   -12.570 1.00 16.51 ? 197  MET A CE  1 
ATOM   153  N N   . VAL A 1 20  ? -8.462  8.791   -6.212  1.00 15.93 ? 198  VAL A N   1 
ATOM   154  C CA  . VAL A 1 20  ? -8.232  8.552   -4.792  1.00 17.45 ? 198  VAL A CA  1 
ATOM   155  C C   . VAL A 1 20  ? -6.748  8.749   -4.582  1.00 14.14 ? 198  VAL A C   1 
ATOM   156  O O   . VAL A 1 20  ? -5.980  8.719   -5.553  1.00 16.04 ? 198  VAL A O   1 
ATOM   157  C CB  . VAL A 1 20  ? -8.659  7.120   -4.340  1.00 10.08 ? 198  VAL A CB  1 
ATOM   158  C CG1 . VAL A 1 20  ? -10.180 6.937   -4.575  1.00 12.45 ? 198  VAL A CG1 1 
ATOM   159  C CG2 . VAL A 1 20  ? -7.855  6.025   -5.049  1.00 15.20 ? 198  VAL A CG2 1 
ATOM   160  N N   . ASN A 1 21  ? -6.332  8.943   -3.335  1.00 10.27 ? 199  ASN A N   1 
ATOM   161  C CA  . ASN A 1 21  ? -4.886  9.136   -3.056  1.00 10.99 ? 199  ASN A CA  1 
ATOM   162  C C   . ASN A 1 21  ? -4.323  8.066   -2.112  1.00 14.14 ? 199  ASN A C   1 
ATOM   163  O O   . ASN A 1 21  ? -3.164  8.103   -1.764  1.00 11.90 ? 199  ASN A O   1 
ATOM   164  C CB  . ASN A 1 21  ? -4.589  10.552  -2.518  1.00 13.44 ? 199  ASN A CB  1 
ATOM   165  C CG  . ASN A 1 21  ? -5.413  10.928  -1.275  1.00 14.55 ? 199  ASN A CG  1 
ATOM   166  O OD1 . ASN A 1 21  ? -5.868  10.083  -0.500  1.00 16.45 ? 199  ASN A OD1 1 
ATOM   167  N ND2 . ASN A 1 21  ? -5.626  12.224  -1.102  1.00 19.61 ? 199  ASN A ND2 1 
ATOM   168  N N   . TYR A 1 22  ? -5.170  7.121   -1.729  1.00 10.96 ? 200  TYR A N   1 
ATOM   169  C CA  . TYR A 1 22  ? -4.840  6.121   -0.703  1.00 11.88 ? 200  TYR A CA  1 
ATOM   170  C C   . TYR A 1 22  ? -5.732  4.908   -0.886  1.00 12.61 ? 200  TYR A C   1 
ATOM   171  O O   . TYR A 1 22  ? -6.953  5.050   -1.073  1.00 12.72 ? 200  TYR A O   1 
ATOM   172  C CB  . TYR A 1 22  ? -4.957  6.670   0.721   1.00 11.43 ? 200  TYR A CB  1 
ATOM   173  C CG  . TYR A 1 22  ? -4.721  5.605   1.743   1.00 10.74 ? 200  TYR A CG  1 
ATOM   174  C CD1 . TYR A 1 22  ? -3.414  5.229   2.089   1.00 14.48 ? 200  TYR A CD1 1 
ATOM   175  C CD2 . TYR A 1 22  ? -5.780  4.864   2.284   1.00 11.85 ? 200  TYR A CD2 1 
ATOM   176  C CE1 . TYR A 1 22  ? -3.174  4.190   2.969   1.00 12.96 ? 200  TYR A CE1 1 
ATOM   177  C CE2 . TYR A 1 22  ? -5.561  3.826   3.204   1.00 11.95 ? 200  TYR A CE2 1 
ATOM   178  C CZ  . TYR A 1 22  ? -4.255  3.487   3.541   1.00 12.35 ? 200  TYR A CZ  1 
ATOM   179  O OH  . TYR A 1 22  ? -4.039  2.456   4.400   1.00 11.70 ? 200  TYR A OH  1 
ATOM   180  N N   . ILE A 1 23  ? -5.106  3.733   -0.845  1.00 9.58  ? 201  ILE A N   1 
ATOM   181  C CA  . ILE A 1 23  ? -5.799  2.454   -0.855  1.00 7.20  ? 201  ILE A CA  1 
ATOM   182  C C   . ILE A 1 23  ? -5.187  1.552   0.218   1.00 9.64  ? 201  ILE A C   1 
ATOM   183  O O   . ILE A 1 23  ? -3.983  1.411   0.285   1.00 10.47 ? 201  ILE A O   1 
ATOM   184  C CB  . ILE A 1 23  ? -5.679  1.670   -2.190  1.00 9.97  ? 201  ILE A CB  1 
ATOM   185  C CG1 . ILE A 1 23  ? -6.020  2.526   -3.403  1.00 10.62 ? 201  ILE A CG1 1 
ATOM   186  C CG2 . ILE A 1 23  ? -6.592  0.392   -2.124  1.00 11.98 ? 201  ILE A CG2 1 
ATOM   187  C CD1 . ILE A 1 23  ? -5.681  1.847   -4.707  1.00 7.79  ? 201  ILE A CD1 1 
ATOM   188  N N   . GLN A 1 24  ? -6.052  0.918   1.019   1.00 10.45 ? 202  GLN A N   1 
ATOM   189  C CA  . GLN A 1 24  ? -5.678  -0.113  1.961   1.00 9.05  ? 202  GLN A CA  1 
ATOM   190  C C   . GLN A 1 24  ? -6.320  -1.455  1.556   1.00 10.82 ? 202  GLN A C   1 
ATOM   191  O O   . GLN A 1 24  ? -7.538  -1.523  1.289   1.00 8.97  ? 202  GLN A O   1 
ATOM   192  C CB  . GLN A 1 24  ? -6.108  0.240   3.398   1.00 8.08  ? 202  GLN A CB  1 
ATOM   193  C CG  . GLN A 1 24  ? -5.564  -0.774  4.360   1.00 8.74  ? 202  GLN A CG  1 
ATOM   194  C CD  . GLN A 1 24  ? -5.834  -0.483  5.821   1.00 15.58 ? 202  GLN A CD  1 
ATOM   195  O OE1 . GLN A 1 24  ? -6.371  -1.325  6.524   1.00 16.65 ? 202  GLN A OE1 1 
ATOM   196  N NE2 . GLN A 1 24  ? -5.488  0.713   6.276   1.00 12.97 ? 202  GLN A NE2 1 
ATOM   197  N N   . MET A 1 25  ? -5.489  -2.482  1.449   1.00 10.93 ? 203  MET A N   1 
ATOM   198  C CA  . MET A 1 25  ? -5.892  -3.834  1.129   1.00 10.41 ? 203  MET A CA  1 
ATOM   199  C C   . MET A 1 25  ? -5.428  -4.849  2.151   1.00 9.11  ? 203  MET A C   1 
ATOM   200  O O   . MET A 1 25  ? -4.463  -4.637  2.893   1.00 10.09 ? 203  MET A O   1 
ATOM   201  C CB  . MET A 1 25  ? -5.396  -4.243  -0.260  1.00 12.80 ? 203  MET A CB  1 
ATOM   202  C CG  . MET A 1 25  ? -5.845  -3.344  -1.408  1.00 14.81 ? 203  MET A CG  1 
ATOM   203  S SD  . MET A 1 25  ? -5.266  -4.068  -2.952  1.00 15.56 ? 203  MET A SD  1 
ATOM   204  C CE  . MET A 1 25  ? -5.566  -2.717  -4.151  1.00 14.62 ? 203  MET A CE  1 
ATOM   205  N N   . LYS A 1 26  ? -6.144  -5.965  2.221   1.00 9.57  ? 204  LYS A N   1 
ATOM   206  C CA  . LYS A 1 26  ? -5.800  -7.035  3.132   1.00 9.58  ? 204  LYS A CA  1 
ATOM   207  C C   . LYS A 1 26  ? -6.096  -8.363  2.457   1.00 9.90  ? 204  LYS A C   1 
ATOM   208  O O   . LYS A 1 26  ? -6.674  -8.393  1.393   1.00 11.21 ? 204  LYS A O   1 
ATOM   209  C CB  . LYS A 1 26  ? -6.575  -6.957  4.431   1.00 11.66 ? 204  LYS A CB  1 
ATOM   210  C CG  . LYS A 1 26  ? -8.084  -7.298  4.259   1.00 11.17 ? 204  LYS A CG  1 
ATOM   211  C CD  . LYS A 1 26  ? -8.919  -7.136  5.534   1.00 16.36 ? 204  LYS A CD  1 
ATOM   212  C CE  . LYS A 1 26  ? -8.589  -8.177  6.591   1.00 28.16 ? 204  LYS A CE  1 
ATOM   213  N NZ  . LYS A 1 26  ? -9.029  -9.523  6.151   1.00 26.92 ? 204  LYS A NZ  1 
ATOM   214  N N   . LEU A 1 27  ? -5.582  -9.426  3.034   1.00 10.07 ? 205  LEU A N   1 
ATOM   215  C CA  . LEU A 1 27  ? -5.853  -10.746 2.516   1.00 10.41 ? 205  LEU A CA  1 
ATOM   216  C C   . LEU A 1 27  ? -7.136  -11.255 3.113   1.00 12.47 ? 205  LEU A C   1 
ATOM   217  O O   . LEU A 1 27  ? -7.365  -11.183 4.335   1.00 12.40 ? 205  LEU A O   1 
ATOM   218  C CB  . LEU A 1 27  ? -4.713  -11.718 2.875   1.00 12.98 ? 205  LEU A CB  1 
ATOM   219  C CG  . LEU A 1 27  ? -3.337  -11.431 2.245   1.00 13.03 ? 205  LEU A CG  1 
ATOM   220  C CD1 . LEU A 1 27  ? -2.351  -12.589 2.620   1.00 13.80 ? 205  LEU A CD1 1 
ATOM   221  C CD2 . LEU A 1 27  ? -3.494  -11.240 0.717   1.00 14.50 ? 205  LEU A CD2 1 
ATOM   222  N N   . ASP A 1 28  ? -7.986  -11.786 2.252   1.00 9.08  ? 206  ASP A N   1 
ATOM   223  C CA  . ASP A 1 28  ? -9.125  -12.526 2.698   1.00 11.13 ? 206  ASP A CA  1 
ATOM   224  C C   . ASP A 1 28  ? -8.743  -14.009 2.641   1.00 12.77 ? 206  ASP A C   1 
ATOM   225  O O   . ASP A 1 28  ? -8.719  -14.628 1.562   1.00 13.74 ? 206  ASP A O   1 
ATOM   226  C CB  . ASP A 1 28  ? -10.353 -12.176 1.889   1.00 14.02 ? 206  ASP A CB  1 
ATOM   227  C CG  . ASP A 1 28  ? -11.338 -13.298 1.788   1.00 17.60 ? 206  ASP A CG  1 
ATOM   228  O OD1 . ASP A 1 28  ? -11.631 -14.041 2.758   1.00 14.50 ? 206  ASP A OD1 1 
ATOM   229  O OD2 . ASP A 1 28  ? -11.786 -13.462 0.646   1.00 33.68 ? 206  ASP A OD2 1 
ATOM   230  N N   . LEU A 1 29  ? -8.412  -14.551 3.810   1.00 13.63 ? 207  LEU A N   1 
ATOM   231  C CA  . LEU A 1 29  ? -7.896  -15.905 3.881   1.00 14.90 ? 207  LEU A CA  1 
ATOM   232  C C   . LEU A 1 29  ? -8.962  -16.992 3.781   1.00 16.93 ? 207  LEU A C   1 
ATOM   233  O O   . LEU A 1 29  ? -8.628  -18.160 3.561   1.00 20.15 ? 207  LEU A O   1 
ATOM   234  C CB  . LEU A 1 29  ? -7.015  -16.067 5.111   1.00 15.66 ? 207  LEU A CB  1 
ATOM   235  C CG  . LEU A 1 29  ? -5.784  -15.170 5.194   1.00 16.59 ? 207  LEU A CG  1 
ATOM   236  C CD1 . LEU A 1 29  ? -5.092  -15.360 6.543   1.00 19.05 ? 207  LEU A CD1 1 
ATOM   237  C CD2 . LEU A 1 29  ? -4.821  -15.432 4.041   1.00 18.58 ? 207  LEU A CD2 1 
ATOM   238  N N   . GLU A 1 30  ? -10.229 -16.625 3.921   1.00 16.33 ? 208  GLU A N   1 
ATOM   239  C CA  . GLU A 1 30  ? -11.332 -17.571 3.744   1.00 20.40 ? 208  GLU A CA  1 
ATOM   240  C C   . GLU A 1 30  ? -11.546 -17.899 2.262   1.00 21.89 ? 208  GLU A C   1 
ATOM   241  O O   . GLU A 1 30  ? -11.704 -19.059 1.906   1.00 25.23 ? 208  GLU A O   1 
ATOM   242  C CB  . GLU A 1 30  ? -12.644 -17.018 4.335   1.00 20.26 ? 208  GLU A CB  1 
ATOM   243  C CG  . GLU A 1 30  ? -12.490 -16.416 5.743   1.00 34.98 ? 208  GLU A CG  1 
ATOM   244  N N   . ARG A 1 31  ? -11.565 -16.878 1.414   1.00 13.20 ? 209  ARG A N   1 
ATOM   245  C CA  . ARG A 1 31  ? -11.832 -17.043 -0.048  1.00 13.62 ? 209  ARG A CA  1 
ATOM   246  C C   . ARG A 1 31  ? -10.487 -17.083 -0.816  1.00 13.73 ? 209  ARG A C   1 
ATOM   247  O O   . ARG A 1 31  ? -10.486 -17.366 -2.026  1.00 13.56 ? 209  ARG A O   1 
ATOM   248  C CB  . ARG A 1 31  ? -12.652 -15.886 -0.661  1.00 23.39 ? 209  ARG A CB  1 
ATOM   249  C CG  . ARG A 1 31  ? -13.994 -15.437 -0.014  0.50 17.44 ? 209  ARG A CG  1 
ATOM   250  C CD  . ARG A 1 31  ? -14.510 -14.131 -0.665  0.50 11.85 ? 209  ARG A CD  1 
ATOM   251  N NE  . ARG A 1 31  ? -15.949 -13.926 -0.483  0.50 15.26 ? 209  ARG A NE  1 
ATOM   252  C CZ  . ARG A 1 31  ? -16.492 -13.496 0.655   0.50 14.32 ? 209  ARG A CZ  1 
ATOM   253  N NH1 . ARG A 1 31  ? -15.728 -13.286 1.711   0.50 19.22 ? 209  ARG A NH1 1 
ATOM   254  N NH2 . ARG A 1 31  ? -17.803 -13.335 0.768   0.50 20.56 ? 209  ARG A NH2 1 
ATOM   255  N N   . GLU A 1 32  ? -9.386  -16.718 -0.146  1.00 11.32 ? 210  GLU A N   1 
ATOM   256  C CA  . GLU A 1 32  ? -8.063  -16.588 -0.784  1.00 6.82  ? 210  GLU A CA  1 
ATOM   257  C C   . GLU A 1 32  ? -8.084  -15.516 -1.877  1.00 11.26 ? 210  GLU A C   1 
ATOM   258  O O   . GLU A 1 32  ? -7.705  -15.764 -3.024  1.00 9.94  ? 210  GLU A O   1 
ATOM   259  C CB  . GLU A 1 32  ? -7.568  -17.926 -1.347  1.00 7.17  ? 210  GLU A CB  1 
ATOM   260  C CG  . GLU A 1 32  ? -7.475  -19.004 -0.299  1.00 12.17 ? 210  GLU A CG  1 
ATOM   261  C CD  . GLU A 1 32  ? -7.234  -20.390 -0.878  1.00 19.75 ? 210  GLU A CD  1 
ATOM   262  O OE1 . GLU A 1 32  ? -8.004  -20.859 -1.741  1.00 13.96 ? 210  GLU A OE1 1 
ATOM   263  O OE2 . GLU A 1 32  ? -6.256  -21.001 -0.450  1.00 19.64 ? 210  GLU A OE2 1 
ATOM   264  N N   . THR A 1 33  ? -8.527  -14.307 -1.495  1.00 8.19  ? 211  THR A N   1 
ATOM   265  C CA  . THR A 1 33  ? -8.575  -13.182 -2.406  1.00 9.66  ? 211  THR A CA  1 
ATOM   266  C C   . THR A 1 33  ? -7.997  -11.948 -1.685  1.00 11.73 ? 211  THR A C   1 
ATOM   267  O O   . THR A 1 33  ? -7.751  -11.960 -0.471  1.00 13.67 ? 211  THR A O   1 
ATOM   268  C CB  . THR A 1 33  ? -9.991  -12.865 -2.943  1.00 12.17 ? 211  THR A CB  1 
ATOM   269  O OG1 . THR A 1 33  ? -10.817 -12.465 -1.840  1.00 17.11 ? 211  THR A OG1 1 
ATOM   270  C CG2 . THR A 1 33  ? -10.612 -14.056 -3.714  1.00 12.36 ? 211  THR A CG2 1 
ATOM   271  N N   . ILE A 1 34  ? -7.694  -10.938 -2.477  1.00 12.57 ? 212  ILE A N   1 
ATOM   272  C CA  . ILE A 1 34  ? -7.218  -9.655  -1.991  1.00 12.02 ? 212  ILE A CA  1 
ATOM   273  C C   . ILE A 1 34  ? -8.409  -8.719  -1.922  1.00 11.37 ? 212  ILE A C   1 
ATOM   274  O O   . ILE A 1 34  ? -9.044  -8.440  -2.922  1.00 11.41 ? 212  ILE A O   1 
ATOM   275  C CB  . ILE A 1 34  ? -6.051  -9.071  -2.849  1.00 13.95 ? 212  ILE A CB  1 
ATOM   276  C CG1 . ILE A 1 34  ? -4.836  -10.033 -2.847  1.00 15.89 ? 212  ILE A CG1 1 
ATOM   277  C CG2 . ILE A 1 34  ? -5.600  -7.708  -2.250  1.00 13.83 ? 212  ILE A CG2 1 
ATOM   278  C CD1 . ILE A 1 34  ? -3.738  -9.724  -3.800  1.00 20.93 ? 212  ILE A CD1 1 
ATOM   279  N N   . GLU A 1 35  ? -8.648  -8.177  -0.724  1.00 10.88 ? 213  GLU A N   1 
ATOM   280  C CA  . GLU A 1 35  ? -9.831  -7.448  -0.386  1.00 11.16 ? 213  GLU A CA  1 
ATOM   281  C C   . GLU A 1 35  ? -9.510  -5.954  -0.148  1.00 14.85 ? 213  GLU A C   1 
ATOM   282  O O   . GLU A 1 35  ? -8.532  -5.623  0.487   1.00 11.47 ? 213  GLU A O   1 
ATOM   283  C CB  . GLU A 1 35  ? -10.391 -8.039  0.899   1.00 11.70 ? 213  GLU A CB  1 
ATOM   284  C CG  . GLU A 1 35  ? -11.522 -7.265  1.527   1.00 18.75 ? 213  GLU A CG  1 
ATOM   285  C CD  . GLU A 1 35  ? -12.056 -7.910  2.811   1.00 23.62 ? 213  GLU A CD  1 
ATOM   286  O OE1 . GLU A 1 35  ? -11.614 -9.000  3.188   1.00 29.63 ? 213  GLU A OE1 1 
ATOM   287  O OE2 . GLU A 1 35  ? -12.921 -7.307  3.438   1.00 28.36 ? 213  GLU A OE2 1 
ATOM   288  N N   . LEU A 1 36  ? -10.350 -5.061  -0.682  1.00 12.92 ? 214  LEU A N   1 
ATOM   289  C CA  . LEU A 1 36  ? -10.256 -3.648  -0.383  1.00 11.94 ? 214  LEU A CA  1 
ATOM   290  C C   . LEU A 1 36  ? -10.720 -3.345  1.056   1.00 13.06 ? 214  LEU A C   1 
ATOM   291  O O   . LEU A 1 36  ? -11.818 -3.700  1.421   1.00 15.01 ? 214  LEU A O   1 
ATOM   292  C CB  . LEU A 1 36  ? -11.119 -2.849  -1.370  1.00 11.22 ? 214  LEU A CB  1 
ATOM   293  C CG  . LEU A 1 36  ? -11.108 -1.317  -1.218  1.00 16.02 ? 214  LEU A CG  1 
ATOM   294  C CD1 . LEU A 1 36  ? -9.687  -0.812  -1.473  1.00 11.58 ? 214  LEU A CD1 1 
ATOM   295  C CD2 . LEU A 1 36  ? -12.095 -0.605  -2.160  1.00 12.91 ? 214  LEU A CD2 1 
ATOM   296  N N   . VAL A 1 37  ? -9.917  -2.643  1.856   1.00 8.67  ? 215  VAL A N   1 
ATOM   297  C CA  . VAL A 1 37  ? -10.377 -2.187  3.177   1.00 9.48  ? 215  VAL A CA  1 
ATOM   298  C C   . VAL A 1 37  ? -11.057 -0.811  3.015   1.00 14.84 ? 215  VAL A C   1 
ATOM   299  O O   . VAL A 1 37  ? -12.233 -0.659  3.285   1.00 12.93 ? 215  VAL A O   1 
ATOM   300  C CB  . VAL A 1 37  ? -9.231  -2.158  4.207   1.00 9.51  ? 215  VAL A CB  1 
ATOM   301  C CG1 . VAL A 1 37  ? -9.737  -1.612  5.598   1.00 7.63  ? 215  VAL A CG1 1 
ATOM   302  C CG2 . VAL A 1 37  ? -8.584  -3.575  4.344   1.00 10.81 ? 215  VAL A CG2 1 
ATOM   303  N N   . HIS A 1 38  ? -10.321 0.184   2.542   1.00 9.71  ? 216  HIS A N   1 
ATOM   304  C CA  . HIS A 1 38  ? -10.908 1.466   2.243   1.00 12.31 ? 216  HIS A CA  1 
ATOM   305  C C   . HIS A 1 38  ? -9.987  2.286   1.354   1.00 13.42 ? 216  HIS A C   1 
ATOM   306  O O   . HIS A 1 38  ? -8.856  1.892   1.110   1.00 8.51  ? 216  HIS A O   1 
ATOM   307  C CB  . HIS A 1 38  ? -11.254 2.223   3.528   1.00 11.64 ? 216  HIS A CB  1 
ATOM   308  C CG  . HIS A 1 38  ? -10.084 2.718   4.325   1.00 12.43 ? 216  HIS A CG  1 
ATOM   309  N ND1 . HIS A 1 38  ? -9.411  3.872   4.011   1.00 13.04 ? 216  HIS A ND1 1 
ATOM   310  C CD2 . HIS A 1 38  ? -9.500  2.234   5.454   1.00 10.92 ? 216  HIS A CD2 1 
ATOM   311  C CE1 . HIS A 1 38  ? -8.461  4.087   4.911   1.00 14.13 ? 216  HIS A CE1 1 
ATOM   312  N NE2 . HIS A 1 38  ? -8.492  3.098   5.794   1.00 16.62 ? 216  HIS A NE2 1 
ATOM   313  N N   . THR A 1 39  ? -10.514 3.421   0.887   1.00 12.20 ? 217  THR A N   1 
ATOM   314  C CA  . THR A 1 39  ? -9.773  4.384   0.062   1.00 8.71  ? 217  THR A CA  1 
ATOM   315  C C   . THR A 1 39  ? -9.978  5.799   0.603   1.00 12.94 ? 217  THR A C   1 
ATOM   316  O O   . THR A 1 39  ? -10.087 6.775   -0.153  1.00 13.22 ? 217  THR A O   1 
ATOM   317  C CB  . THR A 1 39  ? -10.217 4.327   -1.444  1.00 15.99 ? 217  THR A CB  1 
ATOM   318  O OG1 . THR A 1 39  ? -11.594 4.676   -1.545  1.00 13.30 ? 217  THR A OG1 1 
ATOM   319  C CG2 . THR A 1 39  ? -10.006 2.945   -2.063  1.00 10.31 ? 217  THR A CG2 1 
ATOM   320  N N   . GLU A 1 40  ? -9.966  5.934   1.918   1.00 17.20 ? 218  GLU A N   1 
ATOM   321  C CA  . GLU A 1 40  ? -10.248 7.231   2.529   1.00 13.42 ? 218  GLU A CA  1 
ATOM   322  C C   . GLU A 1 40  ? -9.169  8.228   2.178   1.00 9.82  ? 218  GLU A C   1 
ATOM   323  O O   . GLU A 1 40  ? -7.994  7.891   2.116   1.00 12.08 ? 218  GLU A O   1 
ATOM   324  C CB  . GLU A 1 40  ? -10.380 7.127   4.031   1.00 12.05 ? 218  GLU A CB  1 
ATOM   325  C CG  . GLU A 1 40  ? -11.570 6.271   4.481   1.00 19.77 ? 218  GLU A CG  1 
ATOM   326  C CD  . GLU A 1 40  ? -11.619 6.120   5.997   1.00 46.72 ? 218  GLU A CD  1 
ATOM   327  O OE1 . GLU A 1 40  ? -10.919 6.888   6.705   1.00 54.64 ? 218  GLU A OE1 1 
ATOM   328  O OE2 . GLU A 1 40  ? -12.353 5.230   6.477   1.00 58.34 ? 218  GLU A OE2 1 
ATOM   329  N N   . PRO A 1 41  ? -9.582  9.483   1.921   1.00 14.47 ? 219  PRO A N   1 
ATOM   330  C CA  . PRO A 1 41  ? -8.665  10.553  1.661   1.00 14.43 ? 219  PRO A CA  1 
ATOM   331  C C   . PRO A 1 41  ? -7.614  10.647  2.750   1.00 11.70 ? 219  PRO A C   1 
ATOM   332  O O   . PRO A 1 41  ? -7.964  10.635  3.924   1.00 13.05 ? 219  PRO A O   1 
ATOM   333  C CB  . PRO A 1 41  ? -9.572  11.778  1.715   1.00 15.65 ? 219  PRO A CB  1 
ATOM   334  C CG  . PRO A 1 41  ? -10.797 11.340  1.209   1.00 14.27 ? 219  PRO A CG  1 
ATOM   335  C CD  . PRO A 1 41  ? -10.972 9.954   1.760   1.00 16.39 ? 219  PRO A CD  1 
ATOM   336  N N   . THR A 1 42  ? -6.346  10.698  2.356   1.00 11.98 ? 220  THR A N   1 
ATOM   337  C CA  . THR A 1 42  ? -5.210  10.618  3.287   1.00 15.92 ? 220  THR A CA  1 
ATOM   338  C C   . THR A 1 42  ? -4.107  11.584  2.817   1.00 17.62 ? 220  THR A C   1 
ATOM   339  O O   . THR A 1 42  ? -3.546  11.411  1.728   1.00 15.27 ? 220  THR A O   1 
ATOM   340  C CB  . THR A 1 42  ? -4.673  9.158   3.385   1.00 15.13 ? 220  THR A CB  1 
ATOM   341  O OG1 . THR A 1 42  ? -5.759  8.263   3.643   1.00 16.33 ? 220  THR A OG1 1 
ATOM   342  C CG2 . THR A 1 42  ? -3.631  8.985   4.492   1.00 10.14 ? 220  THR A CG2 1 
ATOM   343  N N   . ASP A 1 43  ? -3.831  12.609  3.637   1.00 14.70 ? 221  ASP A N   1 
ATOM   344  C CA  . ASP A 1 43  ? -2.662  13.457  3.474   1.00 18.23 ? 221  ASP A CA  1 
ATOM   345  C C   . ASP A 1 43  ? -1.475  12.753  4.109   1.00 14.98 ? 221  ASP A C   1 
ATOM   346  O O   . ASP A 1 43  ? -1.660  11.839  4.916   1.00 11.72 ? 221  ASP A O   1 
ATOM   347  C CB  . ASP A 1 43  ? -2.869  14.802  4.170   1.00 16.11 ? 221  ASP A CB  1 
ATOM   348  C CG  . ASP A 1 43  ? -4.052  15.577  3.622   1.00 38.46 ? 221  ASP A CG  1 
ATOM   349  O OD1 . ASP A 1 43  ? -4.427  15.359  2.446   1.00 43.99 ? 221  ASP A OD1 1 
ATOM   350  O OD2 . ASP A 1 43  ? -4.594  16.424  4.372   1.00 54.96 ? 221  ASP A OD2 1 
ATOM   351  N N   . VAL A 1 44  ? -0.264  13.200  3.778   1.00 16.99 ? 222  VAL A N   1 
ATOM   352  C CA  . VAL A 1 44  ? 0.969   12.623  4.363   1.00 15.04 ? 222  VAL A CA  1 
ATOM   353  C C   . VAL A 1 44  ? 0.879   12.627  5.888   1.00 13.63 ? 222  VAL A C   1 
ATOM   354  O O   . VAL A 1 44  ? 1.351   11.707  6.534   1.00 15.15 ? 222  VAL A O   1 
ATOM   355  C CB  . VAL A 1 44  ? 2.269   13.377  3.895   1.00 20.70 ? 222  VAL A CB  1 
ATOM   356  C CG1 . VAL A 1 44  ? 3.458   13.076  4.791   1.00 22.92 ? 222  VAL A CG1 1 
ATOM   357  C CG2 . VAL A 1 44  ? 2.615   13.003  2.482   1.00 29.69 ? 222  VAL A CG2 1 
ATOM   358  N N   . ALA A 1 45  ? 0.257   13.658  6.446   1.00 16.36 ? 223  ALA A N   1 
ATOM   359  C CA  . ALA A 1 45  ? 0.222   13.861  7.901   1.00 16.57 ? 223  ALA A CA  1 
ATOM   360  C C   . ALA A 1 45  ? -0.650  12.798  8.584   1.00 16.18 ? 223  ALA A C   1 
ATOM   361  O O   . ALA A 1 45  ? -0.378  12.408  9.719   1.00 16.66 ? 223  ALA A O   1 
ATOM   362  C CB  . ALA A 1 45  ? -0.285  15.262  8.225   1.00 12.53 ? 223  ALA A CB  1 
ATOM   363  N N   . GLN A 1 46  ? -1.679  12.343  7.874   1.00 8.30  ? 224  GLN A N   1 
ATOM   364  C CA  . GLN A 1 46  ? -2.596  11.269  8.328   1.00 12.13 ? 224  GLN A CA  1 
ATOM   365  C C   . GLN A 1 46  ? -2.149  9.836   8.001   1.00 7.29  ? 224  GLN A C   1 
ATOM   366  O O   . GLN A 1 46  ? -2.726  8.882   8.516   1.00 11.85 ? 224  GLN A O   1 
ATOM   367  C CB  . GLN A 1 46  ? -3.940  11.447  7.650   1.00 9.04  ? 224  GLN A CB  1 
ATOM   368  C CG  . GLN A 1 46  ? -4.610  12.766  7.854   1.00 16.14 ? 224  GLN A CG  1 
ATOM   369  C CD  . GLN A 1 46  ? -5.804  12.922  6.901   1.00 39.99 ? 224  GLN A CD  1 
ATOM   370  O OE1 . GLN A 1 46  ? -5.628  13.171  5.711   1.00 24.37 ? 224  GLN A OE1 1 
ATOM   371  N NE2 . GLN A 1 46  ? -7.014  12.753  7.422   1.00 52.18 ? 224  GLN A NE2 1 
ATOM   372  N N   . LEU A 1 47  ? -1.151  9.684   7.132   1.00 9.99  ? 225  LEU A N   1 
ATOM   373  C CA  . LEU A 1 47  ? -0.715  8.367   6.689   1.00 13.68 ? 225  LEU A CA  1 
ATOM   374  C C   . LEU A 1 47  ? -0.401  7.372   7.843   1.00 10.68 ? 225  LEU A C   1 
ATOM   375  O O   . LEU A 1 47  ? -0.838  6.211   7.784   1.00 11.47 ? 225  LEU A O   1 
ATOM   376  C CB  . LEU A 1 47  ? 0.458   8.484   5.705   1.00 14.34 ? 225  LEU A CB  1 
ATOM   377  C CG  . LEU A 1 47  ? 0.975   7.223   5.025   1.00 16.83 ? 225  LEU A CG  1 
ATOM   378  C CD1 . LEU A 1 47  ? -0.204  6.327   4.396   1.00 15.44 ? 225  LEU A CD1 1 
ATOM   379  C CD2 . LEU A 1 47  ? 2.050   7.586   4.021   1.00 14.11 ? 225  LEU A CD2 1 
ATOM   380  N N   . PRO A 1 48  ? 0.340   7.801   8.885   1.00 13.70 ? 226  PRO A N   1 
ATOM   381  C CA  . PRO A 1 48  ? 0.579   6.846   9.996   1.00 12.39 ? 226  PRO A CA  1 
ATOM   382  C C   . PRO A 1 48  ? -0.690  6.264   10.662  1.00 14.03 ? 226  PRO A C   1 
ATOM   383  O O   . PRO A 1 48  ? -0.690  5.128   11.099  1.00 15.56 ? 226  PRO A O   1 
ATOM   384  C CB  . PRO A 1 48  ? 1.370   7.674   11.004  1.00 13.55 ? 226  PRO A CB  1 
ATOM   385  C CG  . PRO A 1 48  ? 1.998   8.776   10.220  1.00 17.27 ? 226  PRO A CG  1 
ATOM   386  C CD  . PRO A 1 48  ? 1.065   9.076   9.091   1.00 17.80 ? 226  PRO A CD  1 
ATOM   387  N N   . SER A 1 49  ? -1.768  7.035   10.712  1.00 15.57 ? 227  SER A N   1 
ATOM   388  C CA  . SER A 1 49  ? -3.038  6.577   11.274  1.00 14.92 ? 227  SER A CA  1 
ATOM   389  C C   . SER A 1 49  ? -3.673  5.433   10.469  1.00 19.59 ? 227  SER A C   1 
ATOM   390  O O   . SER A 1 49  ? -4.533  4.684   10.984  1.00 19.92 ? 227  SER A O   1 
ATOM   391  C CB  . SER A 1 49  ? -4.041  7.737   11.327  1.00 16.65 ? 227  SER A CB  1 
ATOM   392  O OG  . SER A 1 49  ? -4.531  8.044   10.033  1.00 24.90 ? 227  SER A OG  1 
ATOM   393  N N   . ARG A 1 50  ? -3.256  5.279   9.213   1.00 19.16 ? 228  ARG A N   1 
ATOM   394  C CA  . ARG A 1 50  ? -3.770  4.169   8.373   1.00 18.43 ? 228  ARG A CA  1 
ATOM   395  C C   . ARG A 1 50  ? -3.117  2.797   8.614   1.00 17.94 ? 228  ARG A C   1 
ATOM   396  O O   . ARG A 1 50  ? -3.493  1.818   7.966   1.00 20.50 ? 228  ARG A O   1 
ATOM   397  C CB  . ARG A 1 50  ? -3.601  4.513   6.899   1.00 19.29 ? 228  ARG A CB  1 
ATOM   398  C CG  . ARG A 1 50  ? -4.172  5.832   6.473   1.00 14.10 ? 228  ARG A CG  1 
ATOM   399  C CD  . ARG A 1 50  ? -5.606  5.962   6.892   1.00 22.62 ? 228  ARG A CD  1 
ATOM   400  N NE  . ARG A 1 50  ? -6.249  7.065   6.207   1.00 22.48 ? 228  ARG A NE  1 
ATOM   401  C CZ  . ARG A 1 50  ? -7.163  7.867   6.740   1.00 23.92 ? 228  ARG A CZ  1 
ATOM   402  N NH1 . ARG A 1 50  ? -7.581  7.707   7.986   1.00 38.15 ? 228  ARG A NH1 1 
ATOM   403  N NH2 . ARG A 1 50  ? -7.676  8.831   6.007   1.00 31.95 ? 228  ARG A NH2 1 
ATOM   404  N N   . VAL A 1 51  ? -2.133  2.700   9.507   1.00 13.00 ? 229  VAL A N   1 
ATOM   405  C CA  . VAL A 1 51  ? -1.351  1.480   9.579   1.00 15.24 ? 229  VAL A CA  1 
ATOM   406  C C   . VAL A 1 51  ? -1.783  0.765   10.831  1.00 18.06 ? 229  VAL A C   1 
ATOM   407  O O   . VAL A 1 51  ? -1.556  1.276   11.908  1.00 14.84 ? 229  VAL A O   1 
ATOM   408  C CB  . VAL A 1 51  ? 0.175   1.791   9.577   1.00 19.05 ? 229  VAL A CB  1 
ATOM   409  C CG1 . VAL A 1 51  ? 0.981   0.515   9.678   1.00 11.59 ? 229  VAL A CG1 1 
ATOM   410  C CG2 . VAL A 1 51  ? 0.578   2.577   8.298   1.00 16.29 ? 229  VAL A CG2 1 
ATOM   411  N N   . PRO A 1 52  ? -2.472  -0.385  10.710  1.00 14.68 ? 230  PRO A N   1 
ATOM   412  C CA  . PRO A 1 52  ? -2.885  -1.006  11.982  1.00 15.17 ? 230  PRO A CA  1 
ATOM   413  C C   . PRO A 1 52  ? -1.701  -1.506  12.813  1.00 14.91 ? 230  PRO A C   1 
ATOM   414  O O   . PRO A 1 52  ? -0.690  -1.942  12.262  1.00 15.66 ? 230  PRO A O   1 
ATOM   415  C CB  . PRO A 1 52  ? -3.733  -2.191  11.533  1.00 15.21 ? 230  PRO A CB  1 
ATOM   416  C CG  . PRO A 1 52  ? -4.254  -1.814  10.228  1.00 16.37 ? 230  PRO A CG  1 
ATOM   417  C CD  . PRO A 1 52  ? -3.171  -1.001  9.567   1.00 16.78 ? 230  PRO A CD  1 
ATOM   418  N N   . ARG A 1 53  ? -1.832  -1.453  14.127  1.00 16.44 ? 231  ARG A N   1 
ATOM   419  C CA  . ARG A 1 53  ? -0.814  -2.026  15.004  1.00 17.07 ? 231  ARG A CA  1 
ATOM   420  C C   . ARG A 1 53  ? -0.918  -3.519  15.150  1.00 16.67 ? 231  ARG A C   1 
ATOM   421  O O   . ARG A 1 53  ? 0.011   -4.172  15.667  1.00 21.45 ? 231  ARG A O   1 
ATOM   422  C CB  . ARG A 1 53  ? -0.993  -1.484  16.401  1.00 18.98 ? 231  ARG A CB  1 
ATOM   423  C CG  . ARG A 1 53  ? -0.745  -0.038  16.568  1.00 34.08 ? 231  ARG A CG  1 
ATOM   424  C CD  . ARG A 1 53  ? -1.002  0.337   18.018  1.00 39.77 ? 231  ARG A CD  1 
ATOM   425  N NE  . ARG A 1 53  ? -2.246  -0.250  18.537  1.00 44.72 ? 231  ARG A NE  1 
ATOM   426  C CZ  . ARG A 1 53  ? -2.337  -1.249  19.421  1.00 46.11 ? 231  ARG A CZ  1 
ATOM   427  N NH1 . ARG A 1 53  ? -3.540  -1.675  19.803  1.00 33.42 ? 231  ARG A NH1 1 
ATOM   428  N NH2 . ARG A 1 53  ? -1.249  -1.829  19.931  1.00 58.61 ? 231  ARG A NH2 1 
ATOM   429  N N   . ASP A 1 54  ? -2.069  -4.068  14.789  1.00 14.65 ? 232  ASP A N   1 
ATOM   430  C CA  . ASP A 1 54  ? -2.401  -5.429  15.156  1.00 16.04 ? 232  ASP A CA  1 
ATOM   431  C C   . ASP A 1 54  ? -2.649  -6.391  14.000  1.00 18.60 ? 232  ASP A C   1 
ATOM   432  O O   . ASP A 1 54  ? -3.060  -7.519  14.242  1.00 18.99 ? 232  ASP A O   1 
ATOM   433  C CB  . ASP A 1 54  ? -3.630  -5.416  16.096  1.00 18.84 ? 232  ASP A CB  1 
ATOM   434  C CG  . ASP A 1 54  ? -4.935  -4.876  15.435  1.00 31.75 ? 232  ASP A CG  1 
ATOM   435  O OD1 . ASP A 1 54  ? -4.936  -4.254  14.340  1.00 26.80 ? 232  ASP A OD1 1 
ATOM   436  O OD2 . ASP A 1 54  ? -6.005  -5.070  16.063  1.00 61.24 ? 232  ASP A OD2 1 
ATOM   437  N N   . ALA A 1 55  ? -2.466  -5.937  12.767  1.00 17.06 ? 233  ALA A N   1 
ATOM   438  C CA  . ALA A 1 55  ? -2.706  -6.758  11.564  1.00 19.31 ? 233  ALA A CA  1 
ATOM   439  C C   . ALA A 1 55  ? -1.851  -6.248  10.417  1.00 18.02 ? 233  ALA A C   1 
ATOM   440  O O   . ALA A 1 55  ? -1.608  -5.047  10.327  1.00 17.60 ? 233  ALA A O   1 
ATOM   441  C CB  . ALA A 1 55  ? -4.160  -6.730  11.169  1.00 15.49 ? 233  ALA A CB  1 
ATOM   442  N N   . ALA A 1 56  ? -1.385  -7.169  9.570   1.00 18.98 ? 234  ALA A N   1 
ATOM   443  C CA  . ALA A 1 56  ? -0.613  -6.837  8.359   1.00 14.39 ? 234  ALA A CA  1 
ATOM   444  C C   . ALA A 1 56  ? -1.514  -6.224  7.290   1.00 15.78 ? 234  ALA A C   1 
ATOM   445  O O   . ALA A 1 56  ? -2.676  -6.574  7.165   1.00 13.46 ? 234  ALA A O   1 
ATOM   446  C CB  . ALA A 1 56  ? 0.068   -8.081  7.809   1.00 15.99 ? 234  ALA A CB  1 
ATOM   447  N N   . ARG A 1 57  ? -0.985  -5.270  6.547   1.00 13.82 ? 235  ARG A N   1 
ATOM   448  C CA  . ARG A 1 57  ? -1.777  -4.566  5.504   1.00 12.71 ? 235  ARG A CA  1 
ATOM   449  C C   . ARG A 1 57  ? -0.917  -4.232  4.290   1.00 15.74 ? 235  ARG A C   1 
ATOM   450  O O   . ARG A 1 57  ? 0.310   -4.161  4.380   1.00 13.50 ? 235  ARG A O   1 
ATOM   451  C CB  . ARG A 1 57  ? -2.460  -3.296  5.983   1.00 17.48 ? 235  ARG A CB  1 
ATOM   452  C CG  . ARG A 1 57  ? -3.609  -3.489  6.919   1.00 19.45 ? 235  ARG A CG  1 
ATOM   453  C CD  . ARG A 1 57  ? -4.765  -4.228  6.262   1.00 15.76 ? 235  ARG A CD  1 
ATOM   454  N NE  . ARG A 1 57  ? -5.851  -4.366  7.210   1.00 16.31 ? 235  ARG A NE  1 
ATOM   455  C CZ  . ARG A 1 57  ? -6.167  -5.475  7.871   1.00 17.82 ? 235  ARG A CZ  1 
ATOM   456  N NH1 . ARG A 1 57  ? -5.472  -6.596  7.752   1.00 25.52 ? 235  ARG A NH1 1 
ATOM   457  N NH2 . ARG A 1 57  ? -7.201  -5.451  8.670   1.00 20.58 ? 235  ARG A NH2 1 
ATOM   458  N N   . TYR A 1 58  ? -1.564  -4.093  3.152   1.00 13.10 ? 236  TYR A N   1 
ATOM   459  C CA  . TYR A 1 58  ? -0.960  -3.464  1.976   1.00 13.86 ? 236  TYR A CA  1 
ATOM   460  C C   . TYR A 1 58  ? -1.556  -2.057  1.784   1.00 14.36 ? 236  TYR A C   1 
ATOM   461  O O   . TYR A 1 58  ? -2.745  -1.834  2.017   1.00 17.65 ? 236  TYR A O   1 
ATOM   462  C CB  . TYR A 1 58  ? -1.244  -4.253  0.701   1.00 12.59 ? 236  TYR A CB  1 
ATOM   463  C CG  . TYR A 1 58  ? -0.799  -5.689  0.755   1.00 13.40 ? 236  TYR A CG  1 
ATOM   464  C CD1 . TYR A 1 58  ? 0.514   -6.030  1.121   1.00 16.95 ? 236  TYR A CD1 1 
ATOM   465  C CD2 . TYR A 1 58  ? -1.691  -6.699  0.472   1.00 17.07 ? 236  TYR A CD2 1 
ATOM   466  C CE1 . TYR A 1 58  ? 0.924   -7.385  1.165   1.00 17.60 ? 236  TYR A CE1 1 
ATOM   467  C CE2 . TYR A 1 58  ? -1.293  -8.062  0.512   1.00 22.59 ? 236  TYR A CE2 1 
ATOM   468  C CZ  . TYR A 1 58  ? 0.011   -8.379  0.865   1.00 26.14 ? 236  TYR A CZ  1 
ATOM   469  O OH  . TYR A 1 58  ? 0.381   -9.702  0.906   1.00 23.68 ? 236  TYR A OH  1 
ATOM   470  N N   . HIS A 1 59  ? -0.714  -1.118  1.389   1.00 15.16 ? 237  HIS A N   1 
ATOM   471  C CA  . HIS A 1 59  ? -1.112  0.257   1.207   1.00 14.73 ? 237  HIS A CA  1 
ATOM   472  C C   . HIS A 1 59  ? -0.524  0.778   -0.089  1.00 15.93 ? 237  HIS A C   1 
ATOM   473  O O   . HIS A 1 59  ? 0.630   0.489   -0.455  1.00 16.67 ? 237  HIS A O   1 
ATOM   474  C CB  . HIS A 1 59  ? -0.574  1.195   2.279   1.00 15.95 ? 237  HIS A CB  1 
ATOM   475  C CG  . HIS A 1 59  ? -0.728  0.704   3.689   1.00 14.58 ? 237  HIS A CG  1 
ATOM   476  N ND1 . HIS A 1 59  ? -1.792  1.049   4.489   1.00 18.21 ? 237  HIS A ND1 1 
ATOM   477  C CD2 . HIS A 1 59  ? 0.024   -0.161  4.411   1.00 18.12 ? 237  HIS A CD2 1 
ATOM   478  C CE1 . HIS A 1 59  ? -1.662  0.452   5.666   1.00 14.26 ? 237  HIS A CE1 1 
ATOM   479  N NE2 . HIS A 1 59  ? -0.565  -0.289  5.642   1.00 15.01 ? 237  HIS A NE2 1 
ATOM   480  N N   . PHE A 1 60  ? -1.323  1.566   -0.770  1.00 14.51 ? 238  PHE A N   1 
ATOM   481  C CA  . PHE A 1 60  ? -0.861  2.338   -1.904  1.00 13.80 ? 238  PHE A CA  1 
ATOM   482  C C   . PHE A 1 60  ? -1.172  3.776   -1.569  1.00 16.59 ? 238  PHE A C   1 
ATOM   483  O O   . PHE A 1 60  ? -2.329  4.128   -1.224  1.00 13.87 ? 238  PHE A O   1 
ATOM   484  C CB  . PHE A 1 60  ? -1.579  1.947   -3.195  1.00 14.71 ? 238  PHE A CB  1 
ATOM   485  C CG  . PHE A 1 60  ? -1.356  0.533   -3.602  1.00 11.56 ? 238  PHE A CG  1 
ATOM   486  C CD1 . PHE A 1 60  ? -0.343  0.205   -4.492  1.00 21.83 ? 238  PHE A CD1 1 
ATOM   487  C CD2 . PHE A 1 60  ? -2.142  -0.490  -3.062  1.00 15.78 ? 238  PHE A CD2 1 
ATOM   488  C CE1 . PHE A 1 60  ? -0.125  -1.105  -4.865  1.00 23.37 ? 238  PHE A CE1 1 
ATOM   489  C CE2 . PHE A 1 60  ? -1.929  -1.800  -3.423  1.00 19.56 ? 238  PHE A CE2 1 
ATOM   490  C CZ  . PHE A 1 60  ? -0.906  -2.107  -4.335  1.00 16.32 ? 238  PHE A CZ  1 
ATOM   491  N N   . PHE A 1 61  ? -0.153  4.627   -1.742  1.00 16.29 ? 239  PHE A N   1 
ATOM   492  C CA  . PHE A 1 61  ? -0.275  6.006   -1.370  1.00 14.15 ? 239  PHE A CA  1 
ATOM   493  C C   . PHE A 1 61  ? 0.283   6.924   -2.471  1.00 13.41 ? 239  PHE A C   1 
ATOM   494  O O   . PHE A 1 61  ? 1.397   6.752   -2.927  1.00 16.67 ? 239  PHE A O   1 
ATOM   495  C CB  . PHE A 1 61  ? 0.451   6.225   -0.029  1.00 13.65 ? 239  PHE A CB  1 
ATOM   496  C CG  . PHE A 1 61  ? 0.483   7.652   0.437   1.00 16.76 ? 239  PHE A CG  1 
ATOM   497  C CD1 . PHE A 1 61  ? -0.682  8.292   0.836   1.00 12.35 ? 239  PHE A CD1 1 
ATOM   498  C CD2 . PHE A 1 61  ? 1.702   8.366   0.487   1.00 19.91 ? 239  PHE A CD2 1 
ATOM   499  C CE1 . PHE A 1 61  ? -0.656  9.606   1.260   1.00 18.60 ? 239  PHE A CE1 1 
ATOM   500  C CE2 . PHE A 1 61  ? 1.738   9.649   0.941   1.00 18.46 ? 239  PHE A CE2 1 
ATOM   501  C CZ  . PHE A 1 61  ? 0.553   10.286  1.325   1.00 15.14 ? 239  PHE A CZ  1 
ATOM   502  N N   . LEU A 1 62  ? -0.503  7.919   -2.845  1.00 14.52 ? 240  LEU A N   1 
ATOM   503  C CA  . LEU A 1 62  ? -0.094  8.908   -3.828  1.00 12.59 ? 240  LEU A CA  1 
ATOM   504  C C   . LEU A 1 62  ? 0.621   10.047  -3.073  1.00 15.33 ? 240  LEU A C   1 
ATOM   505  O O   . LEU A 1 62  ? 0.011   10.883  -2.398  1.00 11.90 ? 240  LEU A O   1 
ATOM   506  C CB  . LEU A 1 62  ? -1.317  9.394   -4.626  1.00 18.60 ? 240  LEU A CB  1 
ATOM   507  C CG  . LEU A 1 62  ? -1.076  10.234  -5.876  1.00 21.88 ? 240  LEU A CG  1 
ATOM   508  C CD1 . LEU A 1 62  ? -0.158  9.539   -6.856  1.00 26.48 ? 240  LEU A CD1 1 
ATOM   509  C CD2 . LEU A 1 62  ? -2.419  10.533  -6.498  1.00 23.74 ? 240  LEU A CD2 1 
ATOM   510  N N   . TYR A 1 63  ? 1.949   10.028  -3.183  1.00 14.92 ? 241  TYR A N   1 
ATOM   511  C CA  . TYR A 1 63  ? 2.828   10.940  -2.475  1.00 14.51 ? 241  TYR A CA  1 
ATOM   512  C C   . TYR A 1 63  ? 3.080   12.133  -3.382  1.00 18.29 ? 241  TYR A C   1 
ATOM   513  O O   . TYR A 1 63  ? 3.808   12.031  -4.366  1.00 11.18 ? 241  TYR A O   1 
ATOM   514  C CB  . TYR A 1 63  ? 4.133   10.221  -2.092  1.00 15.62 ? 241  TYR A CB  1 
ATOM   515  C CG  . TYR A 1 63  ? 5.135   11.120  -1.412  1.00 12.73 ? 241  TYR A CG  1 
ATOM   516  C CD1 . TYR A 1 63  ? 4.725   12.027  -0.440  1.00 16.14 ? 241  TYR A CD1 1 
ATOM   517  C CD2 . TYR A 1 63  ? 6.492   11.032  -1.701  1.00 19.78 ? 241  TYR A CD2 1 
ATOM   518  C CE1 . TYR A 1 63  ? 5.626   12.849  0.193   1.00 25.65 ? 241  TYR A CE1 1 
ATOM   519  C CE2 . TYR A 1 63  ? 7.415   11.875  -1.071  1.00 17.52 ? 241  TYR A CE2 1 
ATOM   520  C CZ  . TYR A 1 63  ? 6.967   12.770  -0.112  1.00 20.86 ? 241  TYR A CZ  1 
ATOM   521  O OH  . TYR A 1 63  ? 7.842   13.629  0.532   1.00 26.40 ? 241  TYR A OH  1 
ATOM   522  N N   . LYS A 1 64  ? 2.437   13.251  -3.050  1.00 19.65 ? 242  LYS A N   1 
ATOM   523  C CA  . LYS A 1 64  ? 2.498   14.462  -3.849  1.00 20.75 ? 242  LYS A CA  1 
ATOM   524  C C   . LYS A 1 64  ? 3.523   15.353  -3.163  1.00 23.02 ? 242  LYS A C   1 
ATOM   525  O O   . LYS A 1 64  ? 3.391   15.705  -1.980  1.00 20.07 ? 242  LYS A O   1 
ATOM   526  C CB  . LYS A 1 64  ? 1.114   15.129  -3.973  1.00 21.99 ? 242  LYS A CB  1 
ATOM   527  C CG  . LYS A 1 64  ? 0.025   14.157  -4.517  1.00 26.63 ? 242  LYS A CG  1 
ATOM   528  C CD  . LYS A 1 64  ? -1.345  14.789  -4.677  1.00 26.83 ? 242  LYS A CD  1 
ATOM   529  C CE  . LYS A 1 64  ? -2.421  13.761  -4.935  1.00 35.63 ? 242  LYS A CE  1 
ATOM   530  N N   . HIS A 1 65  ? 4.576   15.661  -3.910  1.00 25.03 ? 243  HIS A N   1 
ATOM   531  C CA  . HIS A 1 65  ? 5.733   16.322  -3.354  1.00 24.22 ? 243  HIS A CA  1 
ATOM   532  C C   . HIS A 1 65  ? 6.504   17.057  -4.441  1.00 26.09 ? 243  HIS A C   1 
ATOM   533  O O   . HIS A 1 65  ? 6.121   17.048  -5.612  1.00 23.51 ? 243  HIS A O   1 
ATOM   534  C CB  . HIS A 1 65  ? 6.606   15.277  -2.639  1.00 23.27 ? 243  HIS A CB  1 
ATOM   535  C CG  . HIS A 1 65  ? 7.242   14.282  -3.557  1.00 21.99 ? 243  HIS A CG  1 
ATOM   536  N ND1 . HIS A 1 65  ? 6.521   13.320  -4.234  1.00 17.96 ? 243  HIS A ND1 1 
ATOM   537  C CD2 . HIS A 1 65  ? 8.542   14.075  -3.882  1.00 16.11 ? 243  HIS A CD2 1 
ATOM   538  C CE1 . HIS A 1 65  ? 7.348   12.590  -4.963  1.00 22.94 ? 243  HIS A CE1 1 
ATOM   539  N NE2 . HIS A 1 65  ? 8.580   13.026  -4.767  1.00 24.20 ? 243  HIS A NE2 1 
ATOM   540  N N   . THR A 1 66  ? 7.575   17.725  -4.040  1.00 25.82 ? 244  THR A N   1 
ATOM   541  C CA  . THR A 1 66  ? 8.444   18.389  -4.988  1.00 29.37 ? 244  THR A CA  1 
ATOM   542  C C   . THR A 1 66  ? 9.836   17.830  -4.821  1.00 34.19 ? 244  THR A C   1 
ATOM   543  O O   . THR A 1 66  ? 10.346  17.753  -3.705  1.00 39.39 ? 244  THR A O   1 
ATOM   544  C CB  . THR A 1 66  ? 8.476   19.900  -4.768  1.00 26.61 ? 244  THR A CB  1 
ATOM   545  O OG1 . THR A 1 66  ? 7.139   20.412  -4.814  1.00 20.06 ? 244  THR A OG1 1 
ATOM   546  C CG2 . THR A 1 66  ? 9.314   20.574  -5.846  1.00 20.79 ? 244  THR A CG2 1 
ATOM   547  N N   . HIS A 1 67  ? 10.431  17.400  -5.928  1.00 35.70 ? 245  HIS A N   1 
ATOM   548  C CA  . HIS A 1 67  ? 11.804  16.936  -5.916  1.00 34.82 ? 245  HIS A CA  1 
ATOM   549  C C   . HIS A 1 67  ? 12.620  17.913  -6.736  1.00 32.20 ? 245  HIS A C   1 
ATOM   550  O O   . HIS A 1 67  ? 12.565  17.893  -7.967  1.00 32.78 ? 245  HIS A O   1 
ATOM   551  C CB  . HIS A 1 67  ? 11.920  15.514  -6.472  1.00 36.22 ? 245  HIS A CB  1 
ATOM   552  C CG  . HIS A 1 67  ? 13.262  14.890  -6.240  1.00 37.50 ? 245  HIS A CG  1 
ATOM   553  N ND1 . HIS A 1 67  ? 14.064  14.436  -7.266  1.00 34.23 ? 245  HIS A ND1 1 
ATOM   554  C CD2 . HIS A 1 67  ? 13.949  14.657  -5.097  1.00 40.76 ? 245  HIS A CD2 1 
ATOM   555  C CE1 . HIS A 1 67  ? 15.179  13.936  -6.765  1.00 32.31 ? 245  HIS A CE1 1 
ATOM   556  N NE2 . HIS A 1 67  ? 15.136  14.063  -5.451  1.00 44.29 ? 245  HIS A NE2 1 
ATOM   557  N N   . GLU A 1 68  ? 13.349  18.784  -6.034  1.00 29.63 ? 246  GLU A N   1 
ATOM   558  C CA  . GLU A 1 68  ? 14.228  19.747  -6.665  1.00 26.52 ? 246  GLU A CA  1 
ATOM   559  C C   . GLU A 1 68  ? 13.444  20.618  -7.644  1.00 27.27 ? 246  GLU A C   1 
ATOM   560  O O   . GLU A 1 68  ? 13.741  20.640  -8.841  1.00 31.14 ? 246  GLU A O   1 
ATOM   561  C CB  . GLU A 1 68  ? 15.363  19.006  -7.379  1.00 23.18 ? 246  GLU A CB  1 
ATOM   562  N N   . GLY A 1 69  ? 12.421  21.309  -7.140  1.00 27.66 ? 247  GLY A N   1 
ATOM   563  C CA  . GLY A 1 69  ? 11.633  22.248  -7.957  1.00 27.67 ? 247  GLY A CA  1 
ATOM   564  C C   . GLY A 1 69  ? 10.766  21.646  -9.062  1.00 28.98 ? 247  GLY A C   1 
ATOM   565  O O   . GLY A 1 69  ? 10.142  22.384  -9.832  1.00 30.14 ? 247  GLY A O   1 
ATOM   566  N N   . ASP A 1 70  ? 10.737  20.317  -9.153  1.00 28.72 ? 248  ASP A N   1 
ATOM   567  C CA  . ASP A 1 70  ? 9.880   19.604  -10.090 1.00 28.62 ? 248  ASP A CA  1 
ATOM   568  C C   . ASP A 1 70  ? 8.829   18.861  -9.269  1.00 29.37 ? 248  ASP A C   1 
ATOM   569  O O   . ASP A 1 70  ? 9.132   17.815  -8.687  1.00 25.87 ? 248  ASP A O   1 
ATOM   570  C CB  . ASP A 1 70  ? 10.693  18.607  -10.918 1.00 28.46 ? 248  ASP A CB  1 
ATOM   571  N N   . PRO A 1 71  ? 7.595   19.405  -9.202  1.00 29.94 ? 249  PRO A N   1 
ATOM   572  C CA  . PRO A 1 71  ? 6.554   18.734  -8.421  1.00 29.08 ? 249  PRO A CA  1 
ATOM   573  C C   . PRO A 1 71  ? 6.161   17.392  -9.038  1.00 28.38 ? 249  PRO A C   1 
ATOM   574  O O   . PRO A 1 71  ? 6.065   17.273  -10.262 1.00 28.28 ? 249  PRO A O   1 
ATOM   575  C CB  . PRO A 1 71  ? 5.385   19.725  -8.443  1.00 30.55 ? 249  PRO A CB  1 
ATOM   576  C CG  . PRO A 1 71  ? 5.607   20.562  -9.652  1.00 31.52 ? 249  PRO A CG  1 
ATOM   577  C CD  . PRO A 1 71  ? 7.092   20.619  -9.877  1.00 30.72 ? 249  PRO A CD  1 
ATOM   578  N N   . LEU A 1 72  ? 5.954   16.404  -8.176  1.00 22.27 ? 250  LEU A N   1 
ATOM   579  C CA  . LEU A 1 72  ? 5.730   15.024  -8.585  1.00 21.46 ? 250  LEU A CA  1 
ATOM   580  C C   . LEU A 1 72  ? 4.560   14.489  -7.779  1.00 16.49 ? 250  LEU A C   1 
ATOM   581  O O   . LEU A 1 72  ? 4.246   15.012  -6.683  1.00 16.52 ? 250  LEU A O   1 
ATOM   582  C CB  . LEU A 1 72  ? 6.989   14.160  -8.304  1.00 19.72 ? 250  LEU A CB  1 
ATOM   583  C CG  . LEU A 1 72  ? 8.270   14.356  -9.130  1.00 23.37 ? 250  LEU A CG  1 
ATOM   584  C CD1 . LEU A 1 72  ? 9.391   13.481  -8.586  1.00 21.28 ? 250  LEU A CD1 1 
ATOM   585  C CD2 . LEU A 1 72  ? 8.008   14.036  -10.590 1.00 22.46 ? 250  LEU A CD2 1 
ATOM   586  N N   . GLU A 1 73  ? 3.940   13.427  -8.319  1.00 21.39 ? 251  GLU A N   1 
ATOM   587  C CA  . GLU A 1 73  ? 2.952   12.618  -7.601  1.00 17.88 ? 251  GLU A CA  1 
ATOM   588  C C   . GLU A 1 73  ? 3.310   11.147  -7.818  1.00 22.08 ? 251  GLU A C   1 
ATOM   589  O O   . GLU A 1 73  ? 3.085   10.588  -8.894  1.00 26.96 ? 251  GLU A O   1 
ATOM   590  C CB  . GLU A 1 73  ? 1.540   12.897  -8.125  1.00 21.90 ? 251  GLU A CB  1 
ATOM   591  C CG  . GLU A 1 73  ? 1.167   14.375  -8.085  1.00 34.11 ? 251  GLU A CG  1 
ATOM   592  C CD  . GLU A 1 73  ? -0.292  14.656  -8.418  1.00 32.85 ? 251  GLU A CD  1 
ATOM   593  O OE1 . GLU A 1 73  ? -1.200  14.074  -7.780  1.00 37.83 ? 251  GLU A OE1 1 
ATOM   594  O OE2 . GLU A 1 73  ? -0.524  15.507  -9.294  1.00 29.29 ? 251  GLU A OE2 1 
ATOM   595  N N   . SER A 1 74  ? 3.862   10.516  -6.790  1.00 13.56 ? 252  SER A N   1 
ATOM   596  C CA  . SER A 1 74  ? 4.486   9.226   -6.948  1.00 15.67 ? 252  SER A CA  1 
ATOM   597  C C   . SER A 1 74  ? 3.662   8.220   -6.161  1.00 10.27 ? 252  SER A C   1 
ATOM   598  O O   . SER A 1 74  ? 3.320   8.473   -5.023  1.00 11.20 ? 252  SER A O   1 
ATOM   599  C CB  . SER A 1 74  ? 5.942   9.300   -6.450  1.00 16.58 ? 252  SER A CB  1 
ATOM   600  O OG  . SER A 1 74  ? 6.701   10.248  -7.215  1.00 19.81 ? 252  SER A OG  1 
ATOM   601  N N   . VAL A 1 75  ? 3.376   7.057   -6.742  1.00 15.80 ? 253  VAL A N   1 
ATOM   602  C CA  . VAL A 1 75  ? 2.684   6.013   -5.993  1.00 10.98 ? 253  VAL A CA  1 
ATOM   603  C C   . VAL A 1 75  ? 3.725   5.247   -5.198  1.00 10.79 ? 253  VAL A C   1 
ATOM   604  O O   . VAL A 1 75  ? 4.755   4.787   -5.761  1.00 8.55  ? 253  VAL A O   1 
ATOM   605  C CB  . VAL A 1 75  ? 1.844   5.060   -6.923  1.00 16.72 ? 253  VAL A CB  1 
ATOM   606  C CG1 . VAL A 1 75  ? 1.208   3.908   -6.123  1.00 14.55 ? 253  VAL A CG1 1 
ATOM   607  C CG2 . VAL A 1 75  ? 0.792   5.872   -7.657  1.00 15.98 ? 253  VAL A CG2 1 
ATOM   608  N N   . VAL A 1 76  ? 3.475   5.159   -3.893  1.00 8.16  ? 254  VAL A N   1 
ATOM   609  C CA  . VAL A 1 76  ? 4.329   4.425   -2.984  1.00 10.77 ? 254  VAL A CA  1 
ATOM   610  C C   . VAL A 1 76  ? 3.511   3.246   -2.513  1.00 9.66  ? 254  VAL A C   1 
ATOM   611  O O   . VAL A 1 76  ? 2.361   3.409   -2.109  1.00 13.39 ? 254  VAL A O   1 
ATOM   612  C CB  A VAL A 1 76  ? 4.839   5.289   -1.807  0.50 10.53 ? 254  VAL A CB  1 
ATOM   613  C CB  B VAL A 1 76  ? 4.747   5.325   -1.771  0.50 8.91  ? 254  VAL A CB  1 
ATOM   614  C CG1 A VAL A 1 76  ? 5.418   6.581   -2.332  0.50 10.50 ? 254  VAL A CG1 1 
ATOM   615  C CG1 B VAL A 1 76  ? 5.485   4.536   -0.638  0.50 5.31  ? 254  VAL A CG1 1 
ATOM   616  C CG2 A VAL A 1 76  ? 3.750   5.559   -0.795  0.50 10.45 ? 254  VAL A CG2 1 
ATOM   617  C CG2 B VAL A 1 76  ? 5.599   6.467   -2.257  0.50 9.38  ? 254  VAL A CG2 1 
ATOM   618  N N   . PHE A 1 77  ? 4.105   2.070   -2.629  1.00 11.09 ? 255  PHE A N   1 
ATOM   619  C CA  . PHE A 1 77  ? 3.556   0.858   -2.040  1.00 11.52 ? 255  PHE A CA  1 
ATOM   620  C C   . PHE A 1 77  ? 4.179   0.637   -0.686  1.00 8.98  ? 255  PHE A C   1 
ATOM   621  O O   . PHE A 1 77  ? 5.392   0.600   -0.545  1.00 9.83  ? 255  PHE A O   1 
ATOM   622  C CB  . PHE A 1 77  ? 3.870   -0.357  -2.891  1.00 14.91 ? 255  PHE A CB  1 
ATOM   623  C CG  . PHE A 1 77  ? 3.469   -1.656  -2.250  1.00 14.27 ? 255  PHE A CG  1 
ATOM   624  C CD1 . PHE A 1 77  ? 2.122   -2.013  -2.185  1.00 13.69 ? 255  PHE A CD1 1 
ATOM   625  C CD2 . PHE A 1 77  ? 4.427   -2.529  -1.767  1.00 14.27 ? 255  PHE A CD2 1 
ATOM   626  C CE1 . PHE A 1 77  ? 1.750   -3.206  -1.619  1.00 14.34 ? 255  PHE A CE1 1 
ATOM   627  C CE2 . PHE A 1 77  ? 4.049   -3.732  -1.195  1.00 21.23 ? 255  PHE A CE2 1 
ATOM   628  C CZ  . PHE A 1 77  ? 2.701   -4.065  -1.156  1.00 14.52 ? 255  PHE A CZ  1 
ATOM   629  N N   . ILE A 1 78  ? 3.313   0.423   0.286   1.00 10.55 ? 256  ILE A N   1 
ATOM   630  C CA  . ILE A 1 78  ? 3.765   0.095   1.637   1.00 10.79 ? 256  ILE A CA  1 
ATOM   631  C C   . ILE A 1 78  ? 3.180   -1.212  2.128   1.00 11.06 ? 256  ILE A C   1 
ATOM   632  O O   . ILE A 1 78  ? 1.976   -1.382  2.156   1.00 16.00 ? 256  ILE A O   1 
ATOM   633  C CB  . ILE A 1 78  ? 3.409   1.208   2.663   1.00 12.08 ? 256  ILE A CB  1 
ATOM   634  C CG1 . ILE A 1 78  ? 3.936   2.578   2.220   1.00 18.20 ? 256  ILE A CG1 1 
ATOM   635  C CG2 . ILE A 1 78  ? 3.960   0.834   4.068   1.00 17.55 ? 256  ILE A CG2 1 
ATOM   636  C CD1 . ILE A 1 78  ? 3.035   3.765   2.617   1.00 17.77 ? 256  ILE A CD1 1 
ATOM   637  N N   . TYR A 1 79  ? 4.053   -2.122  2.570   1.00 12.90 ? 257  TYR A N   1 
ATOM   638  C CA  . TYR A 1 79  ? 3.648   -3.367  3.193   1.00 10.42 ? 257  TYR A CA  1 
ATOM   639  C C   . TYR A 1 79  ? 3.898   -3.186  4.653   1.00 13.63 ? 257  TYR A C   1 
ATOM   640  O O   . TYR A 1 79  ? 5.052   -2.958  5.062   1.00 13.96 ? 257  TYR A O   1 
ATOM   641  C CB  . TYR A 1 79  ? 4.478   -4.539  2.640   1.00 12.06 ? 257  TYR A CB  1 
ATOM   642  C CG  . TYR A 1 79  ? 4.414   -5.803  3.444   1.00 9.77  ? 257  TYR A CG  1 
ATOM   643  C CD1 . TYR A 1 79  ? 3.225   -6.233  4.028   1.00 14.98 ? 257  TYR A CD1 1 
ATOM   644  C CD2 . TYR A 1 79  ? 5.540   -6.624  3.591   1.00 17.29 ? 257  TYR A CD2 1 
ATOM   645  C CE1 . TYR A 1 79  ? 3.157   -7.407  4.780   1.00 20.41 ? 257  TYR A CE1 1 
ATOM   646  C CE2 . TYR A 1 79  ? 5.467   -7.823  4.347   1.00 21.70 ? 257  TYR A CE2 1 
ATOM   647  C CZ  . TYR A 1 79  ? 4.265   -8.197  4.938   1.00 18.50 ? 257  TYR A CZ  1 
ATOM   648  O OH  . TYR A 1 79  ? 4.130   -9.375  5.652   1.00 20.00 ? 257  TYR A OH  1 
ATOM   649  N N   . SER A 1 80  ? 2.839   -3.198  5.466   1.00 14.82 ? 258  SER A N   1 
ATOM   650  C CA  . SER A 1 80  ? 3.046   -3.013  6.909   1.00 15.58 ? 258  SER A CA  1 
ATOM   651  C C   . SER A 1 80  ? 2.828   -4.328  7.647   1.00 12.95 ? 258  SER A C   1 
ATOM   652  O O   . SER A 1 80  ? 1.835   -5.008  7.409   1.00 13.16 ? 258  SER A O   1 
ATOM   653  C CB  . SER A 1 80  ? 2.153   -1.896  7.456   1.00 12.41 ? 258  SER A CB  1 
ATOM   654  O OG  . SER A 1 80  ? 0.779   -2.157  7.282   1.00 12.89 ? 258  SER A OG  1 
ATOM   655  N N   . MET A 1 81  ? 3.784   -4.699  8.493   1.00 12.76 ? 259  MET A N   1 
ATOM   656  C CA  . MET A 1 81  ? 3.800   -5.957  9.200   1.00 14.59 ? 259  MET A CA  1 
ATOM   657  C C   . MET A 1 81  ? 4.210   -5.665  10.668  1.00 14.29 ? 259  MET A C   1 
ATOM   658  O O   . MET A 1 81  ? 5.407   -5.536  10.973  1.00 16.66 ? 259  MET A O   1 
ATOM   659  C CB  . MET A 1 81  ? 4.813   -6.898  8.504   1.00 20.33 ? 259  MET A CB  1 
ATOM   660  C CG  . MET A 1 81  ? 5.346   -8.063  9.292   1.00 37.76 ? 259  MET A CG  1 
ATOM   661  S SD  . MET A 1 81  ? 4.136   -8.884  10.308  1.00 30.93 ? 259  MET A SD  1 
ATOM   662  C CE  . MET A 1 81  ? 2.910   -9.152  9.025   1.00 19.67 ? 259  MET A CE  1 
ATOM   663  N N   . PRO A 1 82  ? 3.213   -5.476  11.566  1.00 16.36 ? 260  PRO A N   1 
ATOM   664  C CA  . PRO A 1 82  ? 3.568   -5.277  12.990  1.00 15.98 ? 260  PRO A CA  1 
ATOM   665  C C   . PRO A 1 82  ? 3.908   -6.638  13.596  1.00 9.68  ? 260  PRO A C   1 
ATOM   666  O O   . PRO A 1 82  ? 3.035   -7.363  14.052  1.00 17.01 ? 260  PRO A O   1 
ATOM   667  C CB  . PRO A 1 82  ? 2.316   -4.635  13.572  1.00 14.68 ? 260  PRO A CB  1 
ATOM   668  C CG  . PRO A 1 82  ? 1.201   -5.114  12.726  1.00 17.37 ? 260  PRO A CG  1 
ATOM   669  C CD  . PRO A 1 82  ? 1.774   -5.309  11.331  1.00 18.62 ? 260  PRO A CD  1 
ATOM   670  N N   . GLY A 1 83  ? 5.180   -7.003  13.513  1.00 12.54 ? 261  GLY A N   1 
ATOM   671  C CA  . GLY A 1 83  ? 5.629   -8.341  13.907  1.00 16.58 ? 261  GLY A CA  1 
ATOM   672  C C   . GLY A 1 83  ? 5.166   -8.783  15.295  1.00 18.14 ? 261  GLY A C   1 
ATOM   673  O O   . GLY A 1 83  ? 4.793   -9.954  15.500  1.00 18.40 ? 261  GLY A O   1 
ATOM   674  N N   . TYR A 1 84  ? 5.136   -7.851  16.245  1.00 11.87 ? 262  TYR A N   1 
ATOM   675  C CA  . TYR A 1 84  ? 4.809   -8.218  17.616  1.00 14.23 ? 262  TYR A CA  1 
ATOM   676  C C   . TYR A 1 84  ? 3.379   -8.721  17.753  1.00 12.68 ? 262  TYR A C   1 
ATOM   677  O O   . TYR A 1 84  ? 3.057   -9.366  18.740  1.00 13.35 ? 262  TYR A O   1 
ATOM   678  C CB  . TYR A 1 84  ? 5.019   -7.055  18.572  1.00 10.39 ? 262  TYR A CB  1 
ATOM   679  C CG  . TYR A 1 84  ? 6.470   -6.699  18.826  1.00 9.87  ? 262  TYR A CG  1 
ATOM   680  C CD1 . TYR A 1 84  ? 7.251   -7.504  19.601  1.00 11.21 ? 262  TYR A CD1 1 
ATOM   681  C CD2 . TYR A 1 84  ? 7.046   -5.541  18.292  1.00 10.33 ? 262  TYR A CD2 1 
ATOM   682  C CE1 . TYR A 1 84  ? 8.559   -7.203  19.870  1.00 17.27 ? 262  TYR A CE1 1 
ATOM   683  C CE2 . TYR A 1 84  ? 8.381   -5.211  18.593  1.00 6.31  ? 262  TYR A CE2 1 
ATOM   684  C CZ  . TYR A 1 84  ? 9.129   -6.075  19.348  1.00 14.16 ? 262  TYR A CZ  1 
ATOM   685  O OH  . TYR A 1 84  ? 10.445  -5.850  19.688  1.00 22.44 ? 262  TYR A OH  1 
ATOM   686  N N   . LYS A 1 85  ? 2.537   -8.436  16.771  1.00 10.85 ? 263  LYS A N   1 
ATOM   687  C CA  . LYS A 1 85  ? 1.125   -8.675  16.895  1.00 11.21 ? 263  LYS A CA  1 
ATOM   688  C C   . LYS A 1 85  ? 0.571   -9.618  15.871  1.00 13.84 ? 263  LYS A C   1 
ATOM   689  O O   . LYS A 1 85  ? -0.637  -9.808  15.870  1.00 18.59 ? 263  LYS A O   1 
ATOM   690  C CB  . LYS A 1 85  ? 0.350   -7.342  16.751  1.00 15.54 ? 263  LYS A CB  1 
ATOM   691  C CG  . LYS A 1 85  ? 0.821   -6.219  17.683  1.00 27.86 ? 263  LYS A CG  1 
ATOM   692  C CD  . LYS A 1 85  ? 0.506   -6.513  19.116  1.00 27.62 ? 263  LYS A CD  1 
ATOM   693  C CE  . LYS A 1 85  ? 0.813   -5.305  19.963  1.00 28.50 ? 263  LYS A CE  1 
ATOM   694  N NZ  . LYS A 1 85  ? 0.543   -5.579  21.355  1.00 31.63 ? 263  LYS A NZ  1 
ATOM   695  N N   . CYS A 1 86  ? 1.391   -10.074 14.909  1.00 13.00 ? 264  CYS A N   1 
ATOM   696  C CA  . CYS A 1 86  ? 0.959   -10.998 13.864  1.00 10.14 ? 264  CYS A CA  1 
ATOM   697  C C   . CYS A 1 86  ? 1.556   -12.351 14.072  1.00 15.95 ? 264  CYS A C   1 
ATOM   698  O O   . CYS A 1 86  ? 2.672   -12.454 14.541  1.00 11.45 ? 264  CYS A O   1 
ATOM   699  C CB  . CYS A 1 86  ? 1.384   -10.537 12.490  1.00 16.87 ? 264  CYS A CB  1 
ATOM   700  S SG  . CYS A 1 86  ? 0.546   -8.972  12.098  1.00 21.42 ? 264  CYS A SG  1 
ATOM   701  N N   . SER A 1 87  ? 0.799   -13.375 13.694  1.00 19.66 ? 265  SER A N   1 
ATOM   702  C CA  . SER A 1 87  ? 1.249   -14.744 13.833  1.00 23.41 ? 265  SER A CA  1 
ATOM   703  C C   . SER A 1 87  ? 2.218   -15.030 12.714  1.00 21.94 ? 265  SER A C   1 
ATOM   704  O O   . SER A 1 87  ? 2.271   -14.344 11.691  1.00 22.85 ? 265  SER A O   1 
ATOM   705  C CB  . SER A 1 87  ? 0.095   -15.740 13.767  1.00 26.68 ? 265  SER A CB  1 
ATOM   706  O OG  . SER A 1 87  ? -0.325  -15.932 12.436  1.00 21.94 ? 265  SER A OG  1 
ATOM   707  N N   . ILE A 1 88  ? 3.014   -16.057 12.917  1.00 24.17 ? 266  ILE A N   1 
ATOM   708  C CA  . ILE A 1 88  ? 3.965   -16.426 11.910  1.00 21.26 ? 266  ILE A CA  1 
ATOM   709  C C   . ILE A 1 88  ? 3.272   -16.833 10.596  1.00 22.40 ? 266  ILE A C   1 
ATOM   710  O O   . ILE A 1 88  ? 3.762   -16.501 9.535   1.00 19.95 ? 266  ILE A O   1 
ATOM   711  C CB  . ILE A 1 88  ? 4.986   -17.423 12.462  1.00 19.14 ? 266  ILE A CB  1 
ATOM   712  C CG1 . ILE A 1 88  ? 6.190   -17.501 11.556  1.00 23.22 ? 266  ILE A CG1 1 
ATOM   713  C CG2 . ILE A 1 88  ? 4.379   -18.823 12.705  1.00 22.13 ? 266  ILE A CG2 1 
ATOM   714  C CD1 . ILE A 1 88  ? 7.236   -18.359 12.164  1.00 26.60 ? 266  ILE A CD1 1 
ATOM   715  N N   . LYS A 1 89  ? 2.111   -17.472 10.653  1.00 21.36 ? 267  LYS A N   1 
ATOM   716  C CA  . LYS A 1 89  ? 1.360   -17.782 9.427   1.00 18.49 ? 267  LYS A CA  1 
ATOM   717  C C   . LYS A 1 89  ? 0.932   -16.534 8.655   1.00 22.82 ? 267  LYS A C   1 
ATOM   718  O O   . LYS A 1 89  ? 0.992   -16.502 7.409   1.00 22.87 ? 267  LYS A O   1 
ATOM   719  C CB  . LYS A 1 89  ? 0.100   -18.580 9.778   1.00 19.65 ? 267  LYS A CB  1 
ATOM   720  C CG  . LYS A 1 89  ? 0.345   -19.954 10.289  1.00 30.13 ? 267  LYS A CG  1 
ATOM   721  C CD  . LYS A 1 89  ? -0.889  -20.846 10.111  1.00 38.25 ? 267  LYS A CD  1 
ATOM   722  C CE  . LYS A 1 89  ? -2.040  -20.435 11.007  1.00 39.04 ? 267  LYS A CE  1 
ATOM   723  N NZ  . LYS A 1 89  ? -1.691  -20.462 12.452  1.00 32.07 ? 267  LYS A NZ  1 
ATOM   724  N N   . GLU A 1 90  ? 0.469   -15.523 9.397   1.00 23.91 ? 268  GLU A N   1 
ATOM   725  C CA  . GLU A 1 90  ? 0.019   -14.252 8.785   1.00 21.15 ? 268  GLU A CA  1 
ATOM   726  C C   . GLU A 1 90  ? 1.177   -13.563 8.098   1.00 24.57 ? 268  GLU A C   1 
ATOM   727  O O   . GLU A 1 90  ? 1.040   -13.140 6.948   1.00 25.96 ? 268  GLU A O   1 
ATOM   728  C CB  A GLU A 1 90  ? -0.541  -13.297 9.841   0.50 22.02 ? 268  GLU A CB  1 
ATOM   729  C CB  B GLU A 1 90  ? -0.643  -13.305 9.798   0.50 21.37 ? 268  GLU A CB  1 
ATOM   730  C CG  A GLU A 1 90  ? -1.731  -13.787 10.619  0.50 23.84 ? 268  GLU A CG  1 
ATOM   731  C CG  B GLU A 1 90  ? -1.224  -12.017 9.143   0.50 23.05 ? 268  GLU A CG  1 
ATOM   732  C CD  A GLU A 1 90  ? -2.219  -12.764 11.616  0.50 24.85 ? 268  GLU A CD  1 
ATOM   733  C CD  B GLU A 1 90  ? -1.780  -11.013 10.159  0.50 21.03 ? 268  GLU A CD  1 
ATOM   734  O OE1 A GLU A 1 90  ? -2.811  -11.750 11.182  0.50 33.98 ? 268  GLU A OE1 1 
ATOM   735  O OE1 B GLU A 1 90  ? -2.324  -9.961  9.750   0.50 12.82 ? 268  GLU A OE1 1 
ATOM   736  O OE2 A GLU A 1 90  ? -2.011  -12.963 12.833  0.50 16.60 ? 268  GLU A OE2 1 
ATOM   737  O OE2 B GLU A 1 90  ? -1.650  -11.289 11.376  0.50 25.38 ? 268  GLU A OE2 1 
ATOM   738  N N   . ARG A 1 91  ? 2.295   -13.441 8.819   1.00 26.12 ? 269  ARG A N   1 
ATOM   739  C CA  . ARG A 1 91  ? 3.515   -12.843 8.285   1.00 31.12 ? 269  ARG A CA  1 
ATOM   740  C C   . ARG A 1 91  ? 3.904   -13.566 7.005   1.00 28.76 ? 269  ARG A C   1 
ATOM   741  O O   . ARG A 1 91  ? 4.123   -12.953 5.992   1.00 25.62 ? 269  ARG A O   1 
ATOM   742  C CB  . ARG A 1 91  ? 4.666   -12.873 9.314   1.00 37.33 ? 269  ARG A CB  1 
ATOM   743  C CG  . ARG A 1 91  ? 4.313   -12.315 10.720  1.00 45.15 ? 269  ARG A CG  1 
ATOM   744  C CD  . ARG A 1 91  ? 5.530   -11.823 11.552  1.00 46.29 ? 269  ARG A CD  1 
ATOM   745  N NE  . ARG A 1 91  ? 6.402   -12.906 12.024  1.00 41.73 ? 269  ARG A NE  1 
ATOM   746  C CZ  . ARG A 1 91  ? 6.257   -13.591 13.162  1.00 47.80 ? 269  ARG A CZ  1 
ATOM   747  N NH1 . ARG A 1 91  ? 7.125   -14.556 13.451  1.00 42.86 ? 269  ARG A NH1 1 
ATOM   748  N NH2 . ARG A 1 91  ? 5.266   -13.332 14.017  1.00 37.23 ? 269  ARG A NH2 1 
ATOM   749  N N   . MET A 1 92  ? 3.924   -14.892 7.034   1.00 29.85 ? 270  MET A N   1 
ATOM   750  C CA  . MET A 1 92  ? 4.345   -15.641 5.861   1.00 27.36 ? 270  MET A CA  1 
ATOM   751  C C   . MET A 1 92  ? 3.408   -15.437 4.666   1.00 24.12 ? 270  MET A C   1 
ATOM   752  O O   . MET A 1 92  ? 3.881   -15.265 3.518   1.00 19.86 ? 270  MET A O   1 
ATOM   753  C CB  . MET A 1 92  ? 4.547   -17.120 6.228   1.00 24.28 ? 270  MET A CB  1 
ATOM   754  C CG  . MET A 1 92  ? 5.750   -17.306 7.151   1.00 26.60 ? 270  MET A CG  1 
ATOM   755  S SD  . MET A 1 92  ? 5.988   -19.003 7.713   1.00 30.36 ? 270  MET A SD  1 
ATOM   756  C CE  . MET A 1 92  ? 7.786   -19.052 7.871   1.00 40.58 ? 270  MET A CE  1 
ATOM   757  N N   . LEU A 1 93  ? 2.100   -15.387 4.930   1.00 24.78 ? 271  LEU A N   1 
ATOM   758  C CA  . LEU A 1 93  ? 1.108   -15.269 3.864   1.00 23.07 ? 271  LEU A CA  1 
ATOM   759  C C   . LEU A 1 93  ? 1.157   -13.877 3.224   1.00 22.53 ? 271  LEU A C   1 
ATOM   760  O O   . LEU A 1 93  ? 1.203   -13.745 2.008   1.00 23.07 ? 271  LEU A O   1 
ATOM   761  C CB  . LEU A 1 93  ? -0.299  -15.598 4.361   1.00 19.86 ? 271  LEU A CB  1 
ATOM   762  C CG  . LEU A 1 93  ? -0.543  -17.097 4.598   1.00 23.28 ? 271  LEU A CG  1 
ATOM   763  C CD1 . LEU A 1 93  ? -1.746  -17.315 5.451   1.00 20.34 ? 271  LEU A CD1 1 
ATOM   764  C CD2 . LEU A 1 93  ? -0.655  -17.870 3.272   1.00 25.94 ? 271  LEU A CD2 1 
ATOM   765  N N   . TYR A 1 94  ? 1.254   -12.861 4.049   1.00 22.37 ? 272  TYR A N   1 
ATOM   766  C CA  . TYR A 1 94  ? 1.333   -11.494 3.528   1.00 24.20 ? 272  TYR A CA  1 
ATOM   767  C C   . TYR A 1 94  ? 2.633   -11.256 2.751   1.00 29.56 ? 272  TYR A C   1 
ATOM   768  O O   . TYR A 1 94  ? 2.616   -10.628 1.692   1.00 30.42 ? 272  TYR A O   1 
ATOM   769  C CB  . TYR A 1 94  ? 1.177   -10.474 4.663   1.00 30.29 ? 272  TYR A CB  1 
ATOM   770  C CG  . TYR A 1 94  ? -0.258  -10.098 4.915   1.00 22.80 ? 272  TYR A CG  1 
ATOM   771  C CD1 . TYR A 1 94  ? -0.817  -8.992  4.295   1.00 17.62 ? 272  TYR A CD1 1 
ATOM   772  C CD2 . TYR A 1 94  ? -1.087  -10.898 5.709   1.00 23.82 ? 272  TYR A CD2 1 
ATOM   773  C CE1 . TYR A 1 94  ? -2.132  -8.619  4.525   1.00 17.24 ? 272  TYR A CE1 1 
ATOM   774  C CE2 . TYR A 1 94  ? -2.426  -10.555 5.918   1.00 17.83 ? 272  TYR A CE2 1 
ATOM   775  C CZ  . TYR A 1 94  ? -2.942  -9.430  5.299   1.00 12.77 ? 272  TYR A CZ  1 
ATOM   776  O OH  . TYR A 1 94  ? -4.241  -9.039  5.477   1.00 16.01 ? 272  TYR A OH  1 
ATOM   777  N N   . SER A 1 95  ? 3.751   -11.769 3.267   1.00 25.70 ? 273  SER A N   1 
ATOM   778  C CA  . SER A 1 95  ? 5.029   -11.658 2.570   1.00 25.11 ? 273  SER A CA  1 
ATOM   779  C C   . SER A 1 95  ? 4.985   -12.366 1.229   1.00 27.38 ? 273  SER A C   1 
ATOM   780  O O   . SER A 1 95  ? 5.421   -11.822 0.232   1.00 28.32 ? 273  SER A O   1 
ATOM   781  C CB  . SER A 1 95  ? 6.191   -12.190 3.407   1.00 33.84 ? 273  SER A CB  1 
ATOM   782  O OG  . SER A 1 95  ? 6.372   -11.368 4.548   1.00 43.71 ? 273  SER A OG  1 
ATOM   783  N N   . SER A 1 96  ? 4.450   -13.574 1.205   1.00 29.37 ? 274  SER A N   1 
ATOM   784  C CA  . SER A 1 96  ? 4.394   -14.370 -0.012  1.00 26.81 ? 274  SER A CA  1 
ATOM   785  C C   . SER A 1 96  ? 3.481   -13.766 -1.069  1.00 28.22 ? 274  SER A C   1 
ATOM   786  O O   . SER A 1 96  ? 3.818   -13.761 -2.246  1.00 27.08 ? 274  SER A O   1 
ATOM   787  C CB  . SER A 1 96  ? 3.901   -15.778 0.313   1.00 30.44 ? 274  SER A CB  1 
ATOM   788  O OG  . SER A 1 96  ? 4.791   -16.432 1.187   1.00 28.42 ? 274  SER A OG  1 
ATOM   789  N N   . CYS A 1 97  ? 2.302   -13.288 -0.665  1.00 25.78 ? 275  CYS A N   1 
ATOM   790  C CA  . CYS A 1 97  ? 1.408   -12.658 -1.624  1.00 27.24 ? 275  CYS A CA  1 
ATOM   791  C C   . CYS A 1 97  ? 1.908   -11.289 -2.096  1.00 30.37 ? 275  CYS A C   1 
ATOM   792  O O   . CYS A 1 97  ? 1.457   -10.839 -3.133  1.00 31.30 ? 275  CYS A O   1 
ATOM   793  C CB  . CYS A 1 97  ? -0.006  -12.458 -1.074  1.00 27.07 ? 275  CYS A CB  1 
ATOM   794  S SG  . CYS A 1 97  ? -0.808  -13.922 -0.521  1.00 39.63 ? 275  CYS A SG  1 
ATOM   795  N N   . LYS A 1 98  ? 2.803   -10.646 -1.336  1.00 30.81 ? 276  LYS A N   1 
ATOM   796  C CA  . LYS A 1 98  ? 3.268   -9.268  -1.636  1.00 28.96 ? 276  LYS A CA  1 
ATOM   797  C C   . LYS A 1 98  ? 3.799   -9.204  -3.036  1.00 26.67 ? 276  LYS A C   1 
ATOM   798  O O   . LYS A 1 98  ? 3.463   -8.322  -3.814  1.00 28.14 ? 276  LYS A O   1 
ATOM   799  C CB  . LYS A 1 98  ? 4.356   -8.814  -0.653  1.00 28.57 ? 276  LYS A CB  1 
ATOM   800  C CG  . LYS A 1 98  ? 5.006   -7.470  -0.962  1.00 28.40 ? 276  LYS A CG  1 
ATOM   801  C CD  . LYS A 1 98  ? 6.220   -7.183  -0.056  1.00 36.58 ? 276  LYS A CD  1 
ATOM   802  C CE  . LYS A 1 98  ? 7.567   -7.648  -0.659  1.00 31.13 ? 276  LYS A CE  1 
ATOM   803  N N   . SER A 1 99  ? 4.661   -10.151 -3.351  1.00 32.58 ? 277  SER A N   1 
ATOM   804  C CA  . SER A 1 99  ? 5.286   -10.223 -4.678  1.00 33.58 ? 277  SER A CA  1 
ATOM   805  C C   . SER A 1 99  ? 4.227   -10.425 -5.765  1.00 29.22 ? 277  SER A C   1 
ATOM   806  O O   . SER A 1 99  ? 4.301   -9.859  -6.836  1.00 22.32 ? 277  SER A O   1 
ATOM   807  C CB  . SER A 1 99  ? 6.336   -11.363 -4.699  1.00 34.67 ? 277  SER A CB  1 
ATOM   808  O OG  . SER A 1 99  ? 6.089   -12.303 -3.648  1.00 34.08 ? 277  SER A OG  1 
ATOM   809  N N   . ARG A 1 100 ? 3.231   -11.242 -5.459  1.00 32.85 ? 278  ARG A N   1 
ATOM   810  C CA  . ARG A 1 100 ? 2.175   -11.564 -6.414  1.00 34.55 ? 278  ARG A CA  1 
ATOM   811  C C   . ARG A 1 100 ? 1.222   -10.376 -6.640  1.00 29.58 ? 278  ARG A C   1 
ATOM   812  O O   . ARG A 1 100 ? 0.850   -10.073 -7.764  1.00 32.94 ? 278  ARG A O   1 
ATOM   813  C CB  . ARG A 1 100 ? 1.404   -12.790 -5.913  1.00 32.33 ? 278  ARG A CB  1 
ATOM   814  C CG  . ARG A 1 100 ? 2.326   -13.964 -5.594  1.00 34.36 ? 278  ARG A CG  1 
ATOM   815  C CD  . ARG A 1 100 ? 1.878   -15.239 -6.264  1.00 54.68 ? 278  ARG A CD  1 
ATOM   816  N NE  . ARG A 1 100 ? 2.991   -16.185 -6.333  1.00 63.66 ? 278  ARG A NE  1 
ATOM   817  C CZ  . ARG A 1 100 ? 3.178   -17.085 -7.300  1.00 76.09 ? 278  ARG A CZ  1 
ATOM   818  N NH1 . ARG A 1 100 ? 2.324   -17.187 -8.318  1.00 76.44 ? 278  ARG A NH1 1 
ATOM   819  N NH2 . ARG A 1 100 ? 4.234   -17.893 -7.251  1.00 81.14 ? 278  ARG A NH2 1 
ATOM   820  N N   . LEU A 1 101 ? 0.831   -9.723  -5.559  1.00 30.07 ? 279  LEU A N   1 
ATOM   821  C CA  . LEU A 1 101 ? 0.023   -8.512  -5.661  1.00 26.78 ? 279  LEU A CA  1 
ATOM   822  C C   . LEU A 1 101 ? 0.704   -7.459  -6.579  1.00 28.82 ? 279  LEU A C   1 
ATOM   823  O O   . LEU A 1 101 ? 0.102   -6.933  -7.504  1.00 23.96 ? 279  LEU A O   1 
ATOM   824  C CB  . LEU A 1 101 ? -0.230  -7.982  -4.264  1.00 25.90 ? 279  LEU A CB  1 
ATOM   825  C CG  . LEU A 1 101 ? -0.849  -6.588  -4.194  1.00 23.98 ? 279  LEU A CG  1 
ATOM   826  C CD1 . LEU A 1 101 ? -2.177  -6.551  -4.981  1.00 19.41 ? 279  LEU A CD1 1 
ATOM   827  C CD2 . LEU A 1 101 ? -0.962  -6.163  -2.773  1.00 17.77 ? 279  LEU A CD2 1 
ATOM   828  N N   . LEU A 1 102 ? 1.974   -7.185  -6.323  1.00 30.44 ? 280  LEU A N   1 
ATOM   829  C CA  . LEU A 1 102 ? 2.699   -6.174  -7.090  1.00 30.41 ? 280  LEU A CA  1 
ATOM   830  C C   . LEU A 1 102 ? 2.850   -6.559  -8.550  1.00 31.23 ? 280  LEU A C   1 
ATOM   831  O O   . LEU A 1 102 ? 2.731   -5.714  -9.438  1.00 27.12 ? 280  LEU A O   1 
ATOM   832  C CB  . LEU A 1 102 ? 4.030   -5.904  -6.424  1.00 24.99 ? 280  LEU A CB  1 
ATOM   833  C CG  . LEU A 1 102 ? 3.944   -5.245  -5.037  1.00 32.60 ? 280  LEU A CG  1 
ATOM   834  C CD1 . LEU A 1 102 ? 5.324   -5.260  -4.331  1.00 29.27 ? 280  LEU A CD1 1 
ATOM   835  C CD2 . LEU A 1 102 ? 3.383   -3.824  -5.158  1.00 29.72 ? 280  LEU A CD2 1 
ATOM   836  N N   . ASP A 1 103 ? 3.073   -7.845  -8.821  1.00 35.72 ? 281  ASP A N   1 
ATOM   837  C CA  . ASP A 1 103 ? 3.065   -8.310  -10.200 1.00 33.37 ? 281  ASP A CA  1 
ATOM   838  C C   . ASP A 1 103 ? 1.737   -7.939  -10.869 1.00 32.54 ? 281  ASP A C   1 
ATOM   839  O O   . ASP A 1 103 ? 1.740   -7.385  -11.956 1.00 20.88 ? 281  ASP A O   1 
ATOM   840  C CB  . ASP A 1 103 ? 3.335   -9.819  -10.298 1.00 36.81 ? 281  ASP A CB  1 
ATOM   841  N N   . SER A 1 104 ? 0.607   -8.191  -10.209 1.00 30.00 ? 282  SER A N   1 
ATOM   842  C CA  . SER A 1 104 ? -0.689  -7.862  -10.840 1.00 33.01 ? 282  SER A CA  1 
ATOM   843  C C   . SER A 1 104 ? -0.896  -6.349  -11.004 1.00 31.92 ? 282  SER A C   1 
ATOM   844  O O   . SER A 1 104 ? -1.347  -5.897  -12.039 1.00 31.73 ? 282  SER A O   1 
ATOM   845  C CB  A SER A 1 104 ? -1.847  -8.458  -10.039 0.50 33.16 ? 282  SER A CB  1 
ATOM   846  C CB  B SER A 1 104 ? -1.854  -8.454  -10.038 0.50 32.69 ? 282  SER A CB  1 
ATOM   847  O OG  A SER A 1 104 ? -1.851  -9.866  -10.152 0.50 38.07 ? 282  SER A OG  1 
ATOM   848  O OG  B SER A 1 104 ? -3.100  -8.166  -10.656 0.50 31.60 ? 282  SER A OG  1 
ATOM   849  N N   . VAL A 1 105 ? -0.582  -5.578  -9.968  1.00 29.39 ? 283  VAL A N   1 
ATOM   850  C CA  . VAL A 1 105 ? -0.743  -4.123  -10.013 1.00 27.49 ? 283  VAL A CA  1 
ATOM   851  C C   . VAL A 1 105 ? 0.039   -3.456  -11.151 1.00 28.05 ? 283  VAL A C   1 
ATOM   852  O O   . VAL A 1 105 ? -0.456  -2.537  -11.809 1.00 29.04 ? 283  VAL A O   1 
ATOM   853  C CB  . VAL A 1 105 ? -0.325  -3.498  -8.659  1.00 27.53 ? 283  VAL A CB  1 
ATOM   854  C CG1 . VAL A 1 105 ? -0.148  -1.969  -8.770  1.00 19.38 ? 283  VAL A CG1 1 
ATOM   855  C CG2 . VAL A 1 105 ? -1.319  -3.886  -7.615  1.00 21.61 ? 283  VAL A CG2 1 
ATOM   856  N N   . GLU A 1 106 ? 1.264   -3.917  -11.358 1.00 28.37 ? 284  GLU A N   1 
ATOM   857  C CA  . GLU A 1 106 ? 2.123   -3.416  -12.424 1.00 29.20 ? 284  GLU A CA  1 
ATOM   858  C C   . GLU A 1 106 ? 1.756   -4.061  -13.753 1.00 30.58 ? 284  GLU A C   1 
ATOM   859  O O   . GLU A 1 106 ? 1.563   -3.362  -14.751 1.00 25.87 ? 284  GLU A O   1 
ATOM   860  C CB  . GLU A 1 106 ? 3.604   -3.657  -12.082 1.00 30.55 ? 284  GLU A CB  1 
ATOM   861  C CG  . GLU A 1 106 ? 4.042   -2.879  -10.834 1.00 37.61 ? 284  GLU A CG  1 
ATOM   862  C CD  . GLU A 1 106 ? 5.432   -3.243  -10.314 1.00 45.66 ? 284  GLU A CD  1 
ATOM   863  O OE1 . GLU A 1 106 ? 5.858   -4.421  -10.398 1.00 33.28 ? 284  GLU A OE1 1 
ATOM   864  O OE2 . GLU A 1 106 ? 6.092   -2.335  -9.775  1.00 43.21 ? 284  GLU A OE2 1 
ATOM   865  N N   . GLN A 1 107 ? 1.613   -5.388  -13.757 1.00 25.96 ? 285  GLN A N   1 
ATOM   866  C CA  . GLN A 1 107 ? 1.409   -6.109  -15.017 1.00 27.93 ? 285  GLN A CA  1 
ATOM   867  C C   . GLN A 1 107 ? -0.055  -6.089  -15.476 1.00 26.60 ? 285  GLN A C   1 
ATOM   868  O O   . GLN A 1 107 ? -0.326  -5.836  -16.635 1.00 26.29 ? 285  GLN A O   1 
ATOM   869  C CB  . GLN A 1 107 ? 1.989   -7.529  -14.926 1.00 28.62 ? 285  GLN A CB  1 
ATOM   870  C CG  . GLN A 1 107 ? 3.492   -7.553  -14.505 1.00 24.77 ? 285  GLN A CG  1 
ATOM   871  N N   . ASP A 1 108 ? -1.002  -6.295  -14.559 1.00 30.82 ? 286  ASP A N   1 
ATOM   872  C CA  . ASP A 1 108 ? -2.429  -6.363  -14.922 1.00 31.21 ? 286  ASP A CA  1 
ATOM   873  C C   . ASP A 1 108 ? -3.234  -5.044  -14.744 1.00 32.04 ? 286  ASP A C   1 
ATOM   874  O O   . ASP A 1 108 ? -4.338  -4.932  -15.279 1.00 32.89 ? 286  ASP A O   1 
ATOM   875  C CB  . ASP A 1 108 ? -3.115  -7.516  -14.154 1.00 30.24 ? 286  ASP A CB  1 
ATOM   876  C CG  . ASP A 1 108 ? -2.482  -8.890  -14.443 1.00 35.21 ? 286  ASP A CG  1 
ATOM   877  O OD1 . ASP A 1 108 ? -2.131  -9.171  -15.615 1.00 45.36 ? 286  ASP A OD1 1 
ATOM   878  O OD2 . ASP A 1 108 ? -2.353  -9.697  -13.494 1.00 39.92 ? 286  ASP A OD2 1 
ATOM   879  N N   . PHE A 1 109 ? -2.705  -4.074  -13.989 1.00 32.74 ? 287  PHE A N   1 
ATOM   880  C CA  . PHE A 1 109 ? -3.394  -2.778  -13.764 1.00 29.72 ? 287  PHE A CA  1 
ATOM   881  C C   . PHE A 1 109 ? -2.555  -1.584  -14.191 1.00 28.78 ? 287  PHE A C   1 
ATOM   882  O O   . PHE A 1 109 ? -2.977  -0.438  -14.035 1.00 29.38 ? 287  PHE A O   1 
ATOM   883  C CB  . PHE A 1 109 ? -3.842  -2.636  -12.275 1.00 32.26 ? 287  PHE A CB  1 
ATOM   884  C CG  . PHE A 1 109 ? -5.008  -3.501  -11.939 1.00 25.30 ? 287  PHE A CG  1 
ATOM   885  C CD1 . PHE A 1 109 ? -6.308  -3.040  -12.141 1.00 35.42 ? 287  PHE A CD1 1 
ATOM   886  C CD2 . PHE A 1 109 ? -4.813  -4.818  -11.537 1.00 29.37 ? 287  PHE A CD2 1 
ATOM   887  C CE1 . PHE A 1 109 ? -7.385  -3.861  -11.909 1.00 28.89 ? 287  PHE A CE1 1 
ATOM   888  C CE2 . PHE A 1 109 ? -5.881  -5.643  -11.298 1.00 31.98 ? 287  PHE A CE2 1 
ATOM   889  C CZ  . PHE A 1 109 ? -7.173  -5.167  -11.488 1.00 36.56 ? 287  PHE A CZ  1 
ATOM   890  N N   . HIS A 1 110 ? -1.350  -1.850  -14.694 1.00 28.67 ? 288  HIS A N   1 
ATOM   891  C CA  . HIS A 1 110 ? -0.535  -0.835  -15.356 1.00 32.25 ? 288  HIS A CA  1 
ATOM   892  C C   . HIS A 1 110 ? -0.283  0.403   -14.479 1.00 34.14 ? 288  HIS A C   1 
ATOM   893  O O   . HIS A 1 110 ? -0.357  1.541   -14.945 1.00 32.60 ? 288  HIS A O   1 
ATOM   894  C CB  . HIS A 1 110 ? -1.197  -0.455  -16.685 1.00 35.11 ? 288  HIS A CB  1 
ATOM   895  C CG  . HIS A 1 110 ? -1.932  -1.589  -17.345 1.00 43.84 ? 288  HIS A CG  1 
ATOM   896  N ND1 . HIS A 1 110 ? -3.304  -1.604  -17.489 1.00 45.59 ? 288  HIS A ND1 1 
ATOM   897  C CD2 . HIS A 1 110 ? -1.486  -2.750  -17.886 1.00 46.89 ? 288  HIS A CD2 1 
ATOM   898  C CE1 . HIS A 1 110 ? -3.669  -2.714  -18.104 1.00 50.76 ? 288  HIS A CE1 1 
ATOM   899  N NE2 . HIS A 1 110 ? -2.584  -3.421  -18.368 1.00 53.55 ? 288  HIS A NE2 1 
ATOM   900  N N   . LEU A 1 111 ? 0.011   0.156   -13.202 1.00 36.69 ? 289  LEU A N   1 
ATOM   901  C CA  . LEU A 1 111 ? 0.338   1.216   -12.223 1.00 36.12 ? 289  LEU A CA  1 
ATOM   902  C C   . LEU A 1 111 ? 1.842   1.318   -11.990 1.00 30.98 ? 289  LEU A C   1 
ATOM   903  O O   . LEU A 1 111 ? 2.494   0.323   -11.653 1.00 31.95 ? 289  LEU A O   1 
ATOM   904  C CB  . LEU A 1 111 ? -0.334  0.915   -10.892 1.00 36.93 ? 289  LEU A CB  1 
ATOM   905  C CG  . LEU A 1 111 ? -0.510  2.082   -9.938  1.00 36.41 ? 289  LEU A CG  1 
ATOM   906  C CD1 . LEU A 1 111 ? -1.800  2.831   -10.253 1.00 33.05 ? 289  LEU A CD1 1 
ATOM   907  C CD2 . LEU A 1 111 ? -0.520  1.538   -8.513  1.00 52.54 ? 289  LEU A CD2 1 
ATOM   908  N N   . GLU A 1 112 ? 2.393   2.519   -12.138 1.00 27.47 ? 290  GLU A N   1 
ATOM   909  C CA  . GLU A 1 112 ? 3.814   2.730   -11.872 1.00 25.03 ? 290  GLU A CA  1 
ATOM   910  C C   . GLU A 1 112 ? 4.090   2.986   -10.389 1.00 25.04 ? 290  GLU A C   1 
ATOM   911  O O   . GLU A 1 112 ? 3.678   3.993   -9.838  1.00 28.97 ? 290  GLU A O   1 
ATOM   912  C CB  . GLU A 1 112 ? 4.359   3.891   -12.706 1.00 24.24 ? 290  GLU A CB  1 
ATOM   913  C CG  . GLU A 1 112 ? 5.848   4.204   -12.477 1.00 39.12 ? 290  GLU A CG  1 
ATOM   914  C CD  . GLU A 1 112 ? 6.801   3.186   -13.108 1.00 55.04 ? 290  GLU A CD  1 
ATOM   915  O OE1 . GLU A 1 112 ? 6.549   2.750   -14.260 1.00 69.77 ? 290  GLU A OE1 1 
ATOM   916  O OE2 . GLU A 1 112 ? 7.821   2.851   -12.455 1.00 56.54 ? 290  GLU A OE2 1 
ATOM   917  N N   . ILE A 1 113 ? 4.821   2.079   -9.754  1.00 25.47 ? 291  ILE A N   1 
ATOM   918  C CA  . ILE A 1 113 ? 5.148   2.227   -8.350  1.00 22.25 ? 291  ILE A CA  1 
ATOM   919  C C   . ILE A 1 113 ? 6.536   2.849   -8.254  1.00 22.30 ? 291  ILE A C   1 
ATOM   920  O O   . ILE A 1 113 ? 7.534   2.315   -8.762  1.00 22.51 ? 291  ILE A O   1 
ATOM   921  C CB  . ILE A 1 113 ? 5.068   0.874   -7.607  1.00 25.40 ? 291  ILE A CB  1 
ATOM   922  C CG1 . ILE A 1 113 ? 3.631   0.334   -7.687  1.00 22.81 ? 291  ILE A CG1 1 
ATOM   923  C CG2 . ILE A 1 113 ? 5.517   1.002   -6.139  1.00 25.24 ? 291  ILE A CG2 1 
ATOM   924  C CD1 . ILE A 1 113 ? 3.496   -1.106  -7.222  1.00 35.28 ? 291  ILE A CD1 1 
ATOM   925  N N   . ALA A 1 114 ? 6.587   4.004   -7.617  1.00 16.77 ? 292  ALA A N   1 
ATOM   926  C CA  . ALA A 1 114 ? 7.839   4.754   -7.505  1.00 21.91 ? 292  ALA A CA  1 
ATOM   927  C C   . ALA A 1 114 ? 8.746   4.077   -6.462  1.00 21.04 ? 292  ALA A C   1 
ATOM   928  O O   . ALA A 1 114 ? 9.957   4.034   -6.615  1.00 18.69 ? 292  ALA A O   1 
ATOM   929  C CB  . ALA A 1 114 ? 7.550   6.189   -7.138  1.00 15.61 ? 292  ALA A CB  1 
ATOM   930  N N   . LYS A 1 115 ? 8.153   3.508   -5.425  1.00 18.84 ? 293  LYS A N   1 
ATOM   931  C CA  . LYS A 1 115 ? 8.929   2.872   -4.378  1.00 19.33 ? 293  LYS A CA  1 
ATOM   932  C C   . LYS A 1 115 ? 8.078   1.852   -3.639  1.00 20.71 ? 293  LYS A C   1 
ATOM   933  O O   . LYS A 1 115 ? 6.889   2.088   -3.413  1.00 19.46 ? 293  LYS A O   1 
ATOM   934  C CB  . LYS A 1 115 ? 9.482   3.939   -3.402  1.00 25.31 ? 293  LYS A CB  1 
ATOM   935  C CG  . LYS A 1 115 ? 10.540  3.430   -2.403  1.00 27.78 ? 293  LYS A CG  1 
ATOM   936  C CD  . LYS A 1 115 ? 11.778  2.886   -3.142  1.00 32.89 ? 293  LYS A CD  1 
ATOM   937  C CE  . LYS A 1 115 ? 12.790  2.249   -2.213  1.00 39.91 ? 293  LYS A CE  1 
ATOM   938  N NZ  . LYS A 1 115 ? 13.223  3.231   -1.198  1.00 49.98 ? 293  LYS A NZ  1 
ATOM   939  N N   . LYS A 1 116 ? 8.713   0.725   -3.285  1.00 22.38 ? 294  LYS A N   1 
ATOM   940  C CA  . LYS A 1 116 ? 8.117   -0.291  -2.421  1.00 22.38 ? 294  LYS A CA  1 
ATOM   941  C C   . LYS A 1 116 ? 8.823   -0.241  -1.075  1.00 24.98 ? 294  LYS A C   1 
ATOM   942  O O   . LYS A 1 116 ? 10.043  -0.275  -1.001  1.00 23.72 ? 294  LYS A O   1 
ATOM   943  C CB  . LYS A 1 116 ? 8.215   -1.668  -3.058  1.00 25.24 ? 294  LYS A CB  1 
ATOM   944  C CG  . LYS A 1 116 ? 7.498   -1.749  -4.368  1.00 24.26 ? 294  LYS A CG  1 
ATOM   945  C CD  . LYS A 1 116 ? 8.169   -2.674  -5.360  1.00 32.48 ? 294  LYS A CD  1 
ATOM   946  C CE  . LYS A 1 116 ? 7.352   -2.722  -6.652  1.00 34.70 ? 294  LYS A CE  1 
ATOM   947  N NZ  . LYS A 1 116 ? 7.906   -3.687  -7.645  1.00 39.42 ? 294  LYS A NZ  1 
ATOM   948  N N   . ILE A 1 117 ? 8.044   -0.133  -0.021  1.00 23.29 ? 295  ILE A N   1 
ATOM   949  C CA  . ILE A 1 117 ? 8.551   0.065   1.324   1.00 24.68 ? 295  ILE A CA  1 
ATOM   950  C C   . ILE A 1 117 ? 7.964   -0.991  2.263   1.00 20.77 ? 295  ILE A C   1 
ATOM   951  O O   . ILE A 1 117 ? 6.818   -1.376  2.122   1.00 20.98 ? 295  ILE A O   1 
ATOM   952  C CB  . ILE A 1 117 ? 8.145   1.481   1.829   1.00 25.97 ? 295  ILE A CB  1 
ATOM   953  C CG1 . ILE A 1 117 ? 8.595   2.551   0.811   1.00 30.17 ? 295  ILE A CG1 1 
ATOM   954  C CG2 . ILE A 1 117 ? 8.704   1.716   3.204   1.00 26.86 ? 295  ILE A CG2 1 
ATOM   955  C CD1 . ILE A 1 117 ? 8.320   4.020   1.240   1.00 27.19 ? 295  ILE A CD1 1 
ATOM   956  N N   . GLU A 1 118 ? 8.779   -1.506  3.183   1.00 21.12 ? 296  GLU A N   1 
ATOM   957  C CA  . GLU A 1 118 ? 8.290   -2.425  4.196   1.00 19.48 ? 296  GLU A CA  1 
ATOM   958  C C   . GLU A 1 118 ? 8.498   -1.706  5.545   1.00 23.17 ? 296  GLU A C   1 
ATOM   959  O O   . GLU A 1 118 ? 9.602   -1.218  5.825   1.00 17.96 ? 296  GLU A O   1 
ATOM   960  C CB  . GLU A 1 118 ? 9.071   -3.730  4.164   1.00 23.25 ? 296  GLU A CB  1 
ATOM   961  C CG  . GLU A 1 118 ? 8.811   -4.696  3.003   1.00 39.03 ? 296  GLU A CG  1 
ATOM   962  C CD  . GLU A 1 118 ? 9.272   -6.155  3.304   1.00 52.55 ? 296  GLU A CD  1 
ATOM   963  O OE1 . GLU A 1 118 ? 9.286   -6.575  4.487   1.00 40.18 ? 296  GLU A OE1 1 
ATOM   964  O OE2 . GLU A 1 118 ? 9.599   -6.890  2.348   1.00 56.65 ? 296  GLU A OE2 1 
ATOM   965  N N   . ILE A 1 119 ? 7.447   -1.614  6.347   1.00 19.03 ? 297  ILE A N   1 
ATOM   966  C CA  . ILE A 1 119 ? 7.485   -1.033  7.700   1.00 23.20 ? 297  ILE A CA  1 
ATOM   967  C C   . ILE A 1 119 ? 6.807   -1.987  8.726   1.00 20.76 ? 297  ILE A C   1 
ATOM   968  O O   . ILE A 1 119 ? 6.025   -2.886  8.373   1.00 21.24 ? 297  ILE A O   1 
ATOM   969  C CB  . ILE A 1 119 ? 6.755   0.360   7.768   1.00 21.19 ? 297  ILE A CB  1 
ATOM   970  C CG1 . ILE A 1 119 ? 5.236   0.176   7.581   1.00 24.39 ? 297  ILE A CG1 1 
ATOM   971  C CG2 . ILE A 1 119 ? 7.319   1.355   6.719   1.00 25.52 ? 297  ILE A CG2 1 
ATOM   972  C CD1 . ILE A 1 119 ? 4.390   1.391   7.815   1.00 22.08 ? 297  ILE A CD1 1 
ATOM   973  N N   . GLY A 1 120 ? 7.102   -1.779  10.006  1.00 23.25 ? 298  GLY A N   1 
ATOM   974  C CA  . GLY A 1 120 ? 6.374   -2.473  11.061  1.00 23.17 ? 298  GLY A CA  1 
ATOM   975  C C   . GLY A 1 120 ? 5.502   -1.542  11.876  1.00 20.99 ? 298  GLY A C   1 
ATOM   976  O O   . GLY A 1 120 ? 4.717   -2.002  12.677  1.00 22.68 ? 298  GLY A O   1 
ATOM   977  N N   . ASP A 1 121 ? 5.652   -0.235  11.664  1.00 19.53 ? 299  ASP A N   1 
ATOM   978  C CA  . ASP A 1 121 ? 5.027   0.782   12.515  1.00 21.66 ? 299  ASP A CA  1 
ATOM   979  C C   . ASP A 1 121 ? 4.655   2.025   11.680  1.00 19.38 ? 299  ASP A C   1 
ATOM   980  O O   . ASP A 1 121 ? 5.512   2.619   11.037  1.00 20.62 ? 299  ASP A O   1 
ATOM   981  C CB  . ASP A 1 121 ? 6.072   1.135   13.599  1.00 24.15 ? 299  ASP A CB  1 
ATOM   982  C CG  . ASP A 1 121 ? 5.554   2.062   14.687  1.00 28.51 ? 299  ASP A CG  1 
ATOM   983  O OD1 . ASP A 1 121 ? 4.417   2.581   14.586  1.00 16.94 ? 299  ASP A OD1 1 
ATOM   984  O OD2 . ASP A 1 121 ? 6.321   2.229   15.682  1.00 31.56 ? 299  ASP A OD2 1 
ATOM   985  N N   . GLY A 1 122 ? 3.379   2.426   11.715  1.00 24.51 ? 300  GLY A N   1 
ATOM   986  C CA  . GLY A 1 122 ? 2.909   3.589   10.960  1.00 20.32 ? 300  GLY A CA  1 
ATOM   987  C C   . GLY A 1 122 ? 3.687   4.848   11.265  1.00 18.83 ? 300  GLY A C   1 
ATOM   988  O O   . GLY A 1 122 ? 3.849   5.733   10.403  1.00 20.86 ? 300  GLY A O   1 
ATOM   989  N N   . ALA A 1 123 ? 4.163   4.935   12.500  1.00 17.57 ? 301  ALA A N   1 
ATOM   990  C CA  . ALA A 1 123 ? 4.960   6.079   12.942  1.00 17.90 ? 301  ALA A CA  1 
ATOM   991  C C   . ALA A 1 123 ? 6.218   6.292   12.082  1.00 22.15 ? 301  ALA A C   1 
ATOM   992  O O   . ALA A 1 123 ? 6.742   7.411   12.029  1.00 23.78 ? 301  ALA A O   1 
ATOM   993  C CB  . ALA A 1 123 ? 5.302   5.951   14.394  1.00 17.00 ? 301  ALA A CB  1 
ATOM   994  N N   . GLU A 1 124 ? 6.683   5.248   11.377  1.00 18.64 ? 302  GLU A N   1 
ATOM   995  C CA  . GLU A 1 124 ? 7.866   5.402   10.514  1.00 24.80 ? 302  GLU A CA  1 
ATOM   996  C C   . GLU A 1 124 ? 7.543   6.317   9.311   1.00 23.75 ? 302  GLU A C   1 
ATOM   997  O O   . GLU A 1 124 ? 8.440   6.877   8.705   1.00 29.98 ? 302  GLU A O   1 
ATOM   998  C CB  . GLU A 1 124 ? 8.372   4.050   9.976   1.00 24.38 ? 302  GLU A CB  1 
ATOM   999  C CG  . GLU A 1 124 ? 8.688   2.964   11.022  1.00 27.21 ? 302  GLU A CG  1 
ATOM   1000 C CD  . GLU A 1 124 ? 9.126   1.615   10.389  1.00 31.63 ? 302  GLU A CD  1 
ATOM   1001 O OE1 . GLU A 1 124 ? 9.988   1.636   9.477   1.00 34.81 ? 302  GLU A OE1 1 
ATOM   1002 O OE2 . GLU A 1 124 ? 8.617   0.545   10.813  1.00 30.73 ? 302  GLU A OE2 1 
ATOM   1003 N N   . LEU A 1 125 ? 6.264   6.430   8.959   1.00 21.72 ? 303  LEU A N   1 
ATOM   1004 C CA  . LEU A 1 125 ? 5.845   7.091   7.703   1.00 22.49 ? 303  LEU A CA  1 
ATOM   1005 C C   . LEU A 1 125 ? 5.736   8.616   7.837   1.00 28.19 ? 303  LEU A C   1 
ATOM   1006 O O   . LEU A 1 125 ? 4.654   9.203   7.704   1.00 29.54 ? 303  LEU A O   1 
ATOM   1007 C CB  . LEU A 1 125 ? 4.543   6.500   7.184   1.00 22.32 ? 303  LEU A CB  1 
ATOM   1008 C CG  . LEU A 1 125 ? 4.566   5.004   6.841   1.00 23.73 ? 303  LEU A CG  1 
ATOM   1009 C CD1 . LEU A 1 125 ? 3.139   4.504   6.559   1.00 22.31 ? 303  LEU A CD1 1 
ATOM   1010 C CD2 . LEU A 1 125 ? 5.530   4.727   5.672   1.00 23.35 ? 303  LEU A CD2 1 
ATOM   1011 N N   . THR A 1 126 ? 6.887   9.239   8.083   1.00 29.83 ? 304  THR A N   1 
ATOM   1012 C CA  . THR A 1 126 ? 7.016   10.695  8.087   1.00 30.47 ? 304  THR A CA  1 
ATOM   1013 C C   . THR A 1 126 ? 7.309   11.208  6.688   1.00 29.13 ? 304  THR A C   1 
ATOM   1014 O O   . THR A 1 126 ? 7.668   10.434  5.799   1.00 22.42 ? 304  THR A O   1 
ATOM   1015 C CB  . THR A 1 126 ? 8.144   11.141  9.009   1.00 29.31 ? 304  THR A CB  1 
ATOM   1016 O OG1 . THR A 1 126 ? 9.389   10.572  8.572   1.00 21.15 ? 304  THR A OG1 1 
ATOM   1017 C CG2 . THR A 1 126 ? 7.854   10.711  10.427  1.00 28.35 ? 304  THR A CG2 1 
ATOM   1018 N N   . ALA A 1 127 ? 7.181   12.523  6.511   1.00 30.67 ? 305  ALA A N   1 
ATOM   1019 C CA  . ALA A 1 127 ? 7.540   13.161  5.251   1.00 31.30 ? 305  ALA A CA  1 
ATOM   1020 C C   . ALA A 1 127 ? 9.033   12.963  4.978   1.00 27.34 ? 305  ALA A C   1 
ATOM   1021 O O   . ALA A 1 127 ? 9.403   12.618  3.858   1.00 25.15 ? 305  ALA A O   1 
ATOM   1022 C CB  . ALA A 1 127 ? 7.186   14.646  5.263   1.00 33.12 ? 305  ALA A CB  1 
ATOM   1023 N N   . GLU A 1 128 ? 9.866   13.140  6.004   1.00 21.64 ? 306  GLU A N   1 
ATOM   1024 C CA  . GLU A 1 128 ? 11.308  12.927  5.874   1.00 24.05 ? 306  GLU A CA  1 
ATOM   1025 C C   . GLU A 1 128 ? 11.644  11.503  5.406   1.00 26.59 ? 306  GLU A C   1 
ATOM   1026 O O   . GLU A 1 128 ? 12.500  11.309  4.531   1.00 23.60 ? 306  GLU A O   1 
ATOM   1027 C CB  . GLU A 1 128 ? 12.012  13.221  7.193   1.00 27.49 ? 306  GLU A CB  1 
ATOM   1028 N N   . PHE A 1 129 ? 10.960  10.514  5.979   1.00 24.73 ? 307  PHE A N   1 
ATOM   1029 C CA  . PHE A 1 129 ? 11.139  9.119   5.582   1.00 24.67 ? 307  PHE A CA  1 
ATOM   1030 C C   . PHE A 1 129 ? 10.712  8.883   4.137   1.00 23.76 ? 307  PHE A C   1 
ATOM   1031 O O   . PHE A 1 129 ? 11.415  8.220   3.369   1.00 23.48 ? 307  PHE A O   1 
ATOM   1032 C CB  . PHE A 1 129 ? 10.340  8.216   6.534   1.00 26.77 ? 307  PHE A CB  1 
ATOM   1033 C CG  . PHE A 1 129 ? 10.356  6.745   6.173   1.00 28.76 ? 307  PHE A CG  1 
ATOM   1034 C CD1 . PHE A 1 129 ? 11.451  5.958   6.472   1.00 32.11 ? 307  PHE A CD1 1 
ATOM   1035 C CD2 . PHE A 1 129 ? 9.248   6.148   5.579   1.00 34.26 ? 307  PHE A CD2 1 
ATOM   1036 C CE1 . PHE A 1 129 ? 11.452  4.614   6.171   1.00 36.75 ? 307  PHE A CE1 1 
ATOM   1037 C CE2 . PHE A 1 129 ? 9.247   4.810   5.269   1.00 27.46 ? 307  PHE A CE2 1 
ATOM   1038 C CZ  . PHE A 1 129 ? 10.351  4.038   5.577   1.00 38.47 ? 307  PHE A CZ  1 
ATOM   1039 N N   . LEU A 1 130 ? 9.541   9.389   3.770   1.00 23.65 ? 308  LEU A N   1 
ATOM   1040 C CA  . LEU A 1 130 ? 9.041   9.152   2.419   1.00 25.81 ? 308  LEU A CA  1 
ATOM   1041 C C   . LEU A 1 130 ? 10.002  9.755   1.387   1.00 26.56 ? 308  LEU A C   1 
ATOM   1042 O O   . LEU A 1 130 ? 10.289  9.125   0.360   1.00 26.79 ? 308  LEU A O   1 
ATOM   1043 C CB  . LEU A 1 130 ? 7.639   9.727   2.239   1.00 28.69 ? 308  LEU A CB  1 
ATOM   1044 C CG  . LEU A 1 130 ? 6.531   8.935   2.929   1.00 27.22 ? 308  LEU A CG  1 
ATOM   1045 C CD1 . LEU A 1 130 ? 5.173   9.570   2.678   1.00 35.48 ? 308  LEU A CD1 1 
ATOM   1046 C CD2 . LEU A 1 130 ? 6.584   7.459   2.472   1.00 30.85 ? 308  LEU A CD2 1 
ATOM   1047 N N   . ASP A 1 131 ? 10.473  10.973  1.668   1.00 27.17 ? 309  ASP A N   1 
ATOM   1048 C CA  . ASP A 1 131 ? 11.480  11.655  0.835   1.00 31.80 ? 309  ASP A CA  1 
ATOM   1049 C C   . ASP A 1 131 ? 12.714  10.790  0.617   1.00 34.88 ? 309  ASP A C   1 
ATOM   1050 O O   . ASP A 1 131 ? 13.170  10.613  -0.520  1.00 35.85 ? 309  ASP A O   1 
ATOM   1051 C CB  . ASP A 1 131 ? 11.957  12.949  1.502   1.00 31.90 ? 309  ASP A CB  1 
ATOM   1052 C CG  . ASP A 1 131 ? 10.982  14.097  1.349   1.00 51.67 ? 309  ASP A CG  1 
ATOM   1053 O OD1 . ASP A 1 131 ? 9.863   13.875  0.838   1.00 71.17 ? 309  ASP A OD1 1 
ATOM   1054 O OD2 . ASP A 1 131 ? 11.352  15.235  1.739   1.00 69.59 ? 309  ASP A OD2 1 
ATOM   1055 N N   . ASP A 1 132 ? 13.265  10.280  1.717   1.00 32.30 ? 310  ASP A N   1 
ATOM   1056 C CA  . ASP A 1 132 ? 14.509  9.528   1.671   1.00 30.17 ? 310  ASP A CA  1 
ATOM   1057 C C   . ASP A 1 132 ? 14.306  8.225   0.919   1.00 27.50 ? 310  ASP A C   1 
ATOM   1058 O O   . ASP A 1 132 ? 15.197  7.766   0.211   1.00 24.96 ? 310  ASP A O   1 
ATOM   1059 C CB  . ASP A 1 132 ? 15.007  9.243   3.084   1.00 36.57 ? 310  ASP A CB  1 
ATOM   1060 C CG  . ASP A 1 132 ? 16.351  8.538   3.101   1.00 44.90 ? 310  ASP A CG  1 
ATOM   1061 O OD1 . ASP A 1 132 ? 17.327  9.102   2.549   1.00 62.54 ? 310  ASP A OD1 1 
ATOM   1062 O OD2 . ASP A 1 132 ? 16.433  7.424   3.670   1.00 46.61 ? 310  ASP A OD2 1 
ATOM   1063 N N   . GLU A 1 133 ? 13.128  7.628   1.058   1.00 26.28 ? 311  GLU A N   1 
ATOM   1064 C CA  . GLU A 1 133 ? 12.869  6.330   0.418   1.00 24.62 ? 311  GLU A CA  1 
ATOM   1065 C C   . GLU A 1 133 ? 12.641  6.474   -1.077  1.00 25.43 ? 311  GLU A C   1 
ATOM   1066 O O   . GLU A 1 133 ? 13.232  5.741   -1.860  1.00 31.54 ? 311  GLU A O   1 
ATOM   1067 C CB  . GLU A 1 133 ? 11.697  5.615   1.081   1.00 31.95 ? 311  GLU A CB  1 
ATOM   1068 C CG  . GLU A 1 133 ? 12.022  5.107   2.500   1.00 36.07 ? 311  GLU A CG  1 
ATOM   1069 C CD  . GLU A 1 133 ? 12.860  3.824   2.523   1.00 36.09 ? 311  GLU A CD  1 
ATOM   1070 O OE1 . GLU A 1 133 ? 12.456  2.820   1.895   1.00 50.45 ? 311  GLU A OE1 1 
ATOM   1071 O OE2 . GLU A 1 133 ? 13.899  3.817   3.208   1.00 45.81 ? 311  GLU A OE2 1 
ATOM   1072 N N   . VAL A 1 134 ? 11.819  7.447   -1.463  1.00 26.53 ? 312  VAL A N   1 
ATOM   1073 C CA  . VAL A 1 134 ? 11.490  7.668   -2.865  1.00 29.41 ? 312  VAL A CA  1 
ATOM   1074 C C   . VAL A 1 134 ? 12.695  8.206   -3.632  1.00 34.78 ? 312  VAL A C   1 
ATOM   1075 O O   . VAL A 1 134 ? 12.963  7.765   -4.747  1.00 39.61 ? 312  VAL A O   1 
ATOM   1076 C CB  . VAL A 1 134 ? 10.260  8.599   -3.035  1.00 31.40 ? 312  VAL A CB  1 
ATOM   1077 C CG1 . VAL A 1 134 ? 10.007  8.902   -4.525  1.00 25.38 ? 312  VAL A CG1 1 
ATOM   1078 C CG2 . VAL A 1 134 ? 9.015   7.970   -2.372  1.00 31.84 ? 312  VAL A CG2 1 
ATOM   1079 N N   . HIS A 1 135 ? 13.429  9.129   -3.017  1.00 34.53 ? 313  HIS A N   1 
ATOM   1080 C CA  . HIS A 1 135 ? 14.597  9.734   -3.638  1.00 39.85 ? 313  HIS A CA  1 
ATOM   1081 C C   . HIS A 1 135 ? 15.842  9.344   -2.845  1.00 43.78 ? 313  HIS A C   1 
ATOM   1082 O O   . HIS A 1 135 ? 16.612  10.177  -2.356  1.00 39.17 ? 313  HIS A O   1 
ATOM   1083 C CB  . HIS A 1 135 ? 14.399  11.246  -3.716  1.00 38.92 ? 313  HIS A CB  1 
ATOM   1084 C CG  . HIS A 1 135 ? 13.127  11.635  -4.407  1.00 43.84 ? 313  HIS A CG  1 
ATOM   1085 N ND1 . HIS A 1 135 ? 12.932  11.452  -5.762  1.00 42.71 ? 313  HIS A ND1 1 
ATOM   1086 C CD2 . HIS A 1 135 ? 11.976  12.166  -3.927  1.00 35.44 ? 313  HIS A CD2 1 
ATOM   1087 C CE1 . HIS A 1 135 ? 11.724  11.872  -6.089  1.00 37.57 ? 313  HIS A CE1 1 
ATOM   1088 N NE2 . HIS A 1 135 ? 11.124  12.314  -4.996  1.00 29.63 ? 313  HIS A NE2 1 
ATOM   1089 O OXT . HIS A 1 135 ? 16.063  8.137   -2.673  1.00 47.07 ? 313  HIS A OXT 1 
HETATM 1090 O O   . HOH B 2 .   ? -6.380  -10.119 -9.728  1.00 32.31 ? 2001 HOH A O   1 
HETATM 1091 O O   . HOH B 2 .   ? -12.808 -5.777  -1.959  1.00 15.92 ? 2002 HOH A O   1 
HETATM 1092 O O   . HOH B 2 .   ? -16.731 -3.691  -7.938  1.00 25.22 ? 2003 HOH A O   1 
HETATM 1093 O O   . HOH B 2 .   ? -13.249 0.878   -5.127  1.00 32.30 ? 2004 HOH A O   1 
HETATM 1094 O O   . HOH B 2 .   ? -15.679 -1.763  -1.485  1.00 32.78 ? 2005 HOH A O   1 
HETATM 1095 O O   . HOH B 2 .   ? -11.375 -9.994  -12.536 1.00 36.64 ? 2006 HOH A O   1 
HETATM 1096 O O   . HOH B 2 .   ? -7.709  3.379   -14.932 1.00 35.97 ? 2007 HOH A O   1 
HETATM 1097 O O   . HOH B 2 .   ? -14.038 6.959   -4.257  1.00 45.11 ? 2008 HOH A O   1 
HETATM 1098 O O   . HOH B 2 .   ? -6.064  11.072  -15.769 1.00 47.22 ? 2009 HOH A O   1 
HETATM 1099 O O   . HOH B 2 .   ? -8.143  8.457   -1.285  1.00 30.36 ? 2010 HOH A O   1 
HETATM 1100 O O   . HOH B 2 .   ? -5.867  -11.360 6.623   1.00 36.68 ? 2011 HOH A O   1 
HETATM 1101 O O   . HOH B 2 .   ? -11.556 -12.977 5.076   1.00 40.87 ? 2012 HOH A O   1 
HETATM 1102 O O   . HOH B 2 .   ? -9.494  -13.531 6.336   1.00 34.66 ? 2013 HOH A O   1 
HETATM 1103 O O   . HOH B 2 .   ? -13.424 -21.614 1.679   1.00 46.71 ? 2014 HOH A O   1 
HETATM 1104 O O   . HOH B 2 .   ? -15.075 -18.724 0.727   1.00 51.51 ? 2015 HOH A O   1 
HETATM 1105 O O   . HOH B 2 .   ? -12.117 -21.061 -0.745  1.00 26.69 ? 2016 HOH A O   1 
HETATM 1106 O O   . HOH B 2 .   ? -10.329 -20.127 -2.708  1.00 14.19 ? 2017 HOH A O   1 
HETATM 1107 O O   . HOH B 2 .   ? -9.073  -22.825 0.630   1.00 42.64 ? 2018 HOH A O   1 
HETATM 1108 O O   . HOH B 2 .   ? -11.761 -10.279 5.361   1.00 32.85 ? 2019 HOH A O   1 
HETATM 1109 O O   . HOH B 2 .   ? -14.028 -8.310  5.658   1.00 49.11 ? 2020 HOH A O   1 
HETATM 1110 O O   . HOH B 2 .   ? -13.391 -10.337 1.755   1.00 30.88 ? 2021 HOH A O   1 
HETATM 1111 O O   . HOH B 2 .   ? -12.437 -4.939  4.408   1.00 47.43 ? 2022 HOH A O   1 
HETATM 1112 O O   . HOH B 2 .   ? -14.670 -4.086  -0.756  1.00 32.79 ? 2023 HOH A O   1 
HETATM 1113 O O   . HOH B 2 .   ? -14.748 -1.801  1.158   1.00 50.55 ? 2024 HOH A O   1 
HETATM 1114 O O   . HOH B 2 .   ? -14.662 1.215   3.242   1.00 44.02 ? 2025 HOH A O   1 
HETATM 1115 O O   . HOH B 2 .   ? -7.068  2.682   8.407   1.00 31.73 ? 2026 HOH A O   1 
HETATM 1116 O O   . HOH B 2 .   ? -13.262 4.114   1.479   1.00 31.25 ? 2027 HOH A O   1 
HETATM 1117 O O   . HOH B 2 .   ? -13.900 2.270   -0.054  1.00 49.35 ? 2028 HOH A O   1 
HETATM 1118 O O   . HOH B 2 .   ? -13.734 6.581   0.392   1.00 49.92 ? 2029 HOH A O   1 
HETATM 1119 O O   . HOH B 2 .   ? -12.378 7.312   -1.488  1.00 42.40 ? 2030 HOH A O   1 
HETATM 1120 O O   . HOH B 2 .   ? -13.187 3.061   -3.513  1.00 42.04 ? 2031 HOH A O   1 
HETATM 1121 O O   . HOH B 2 .   ? -6.187  18.055  3.197   1.00 45.19 ? 2032 HOH A O   1 
HETATM 1122 O O   . HOH B 2 .   ? -2.768  18.244  5.621   1.00 42.36 ? 2033 HOH A O   1 
HETATM 1123 O O   . HOH B 2 .   ? -6.732  13.946  1.383   1.00 42.59 ? 2034 HOH A O   1 
HETATM 1124 O O   . HOH B 2 .   ? 3.349   11.528  8.203   1.00 38.30 ? 2035 HOH A O   1 
HETATM 1125 O O   . HOH B 2 .   ? 2.383   -3.115  16.634  1.00 29.04 ? 2036 HOH A O   1 
HETATM 1126 O O   . HOH B 2 .   ? -2.740  -4.247  18.799  1.00 55.33 ? 2037 HOH A O   1 
HETATM 1127 O O   . HOH B 2 .   ? -4.715  -1.722  15.232  1.00 40.26 ? 2038 HOH A O   1 
HETATM 1128 O O   . HOH B 2 .   ? -0.185  -2.984  9.652   1.00 23.12 ? 2039 HOH A O   1 
HETATM 1129 O O   . HOH B 2 .   ? -7.154  -8.436  9.625   1.00 40.00 ? 2040 HOH A O   1 
HETATM 1130 O O   . HOH B 2 .   ? -1.972  11.822  -0.799  1.00 49.70 ? 2041 HOH A O   1 
HETATM 1131 O O   . HOH B 2 .   ? 3.959   15.755  0.680   1.00 58.77 ? 2042 HOH A O   1 
HETATM 1132 O O   . HOH B 2 .   ? 1.150   13.172  -0.357  1.00 42.51 ? 2043 HOH A O   1 
HETATM 1133 O O   . HOH B 2 .   ? -18.397 -3.337  -0.691  1.00 45.60 ? 2044 HOH A O   1 
HETATM 1134 O O   . HOH B 2 .   ? 9.604   18.088  -1.505  1.00 51.88 ? 2045 HOH A O   1 
HETATM 1135 O O   . HOH B 2 .   ? 7.425   18.208  -0.467  1.00 55.05 ? 2046 HOH A O   1 
HETATM 1136 O O   . HOH B 2 .   ? 8.119   -5.112  10.156  1.00 49.96 ? 2047 HOH A O   1 
HETATM 1137 O O   . HOH B 2 .   ? 4.540   -4.810  16.128  1.00 32.65 ? 2048 HOH A O   1 
HETATM 1138 O O   . HOH B 2 .   ? -2.858  -16.643 11.654  1.00 45.94 ? 2049 HOH A O   1 
HETATM 1139 O O   . HOH B 2 .   ? -3.236  -10.252 13.383  1.00 43.57 ? 2050 HOH A O   1 
HETATM 1140 O O   . HOH B 2 .   ? 5.480   -15.632 16.118  1.00 37.44 ? 2051 HOH A O   1 
HETATM 1141 O O   . HOH B 2 .   ? -4.906  -9.632  8.154   1.00 42.38 ? 2052 HOH A O   1 
HETATM 1142 O O   . HOH B 2 .   ? 0.809   -12.255 -9.004  1.00 51.86 ? 2053 HOH A O   1 
HETATM 1143 O O   . HOH B 2 .   ? 7.060   -1.778  17.568  1.00 31.82 ? 2054 HOH A O   1 
HETATM 1144 O O   . HOH B 2 .   ? 7.813   -4.471  14.337  1.00 46.38 ? 2055 HOH A O   1 
HETATM 1145 O O   . HOH B 2 .   ? 0.470   2.687   16.035  1.00 50.84 ? 2056 HOH A O   1 
HETATM 1146 O O   . HOH B 2 .   ? 0.690   2.150   -17.532 1.00 54.92 ? 2057 HOH A O   1 
HETATM 1147 O O   . HOH B 2 .   ? 4.322   6.385   -9.482  1.00 34.22 ? 2058 HOH A O   1 
HETATM 1148 O O   . HOH B 2 .   ? 11.238  0.030   -4.757  1.00 41.12 ? 2059 HOH A O   1 
HETATM 1149 O O   . HOH B 2 .   ? 7.476   -3.913  0.074   1.00 44.10 ? 2060 HOH A O   1 
HETATM 1150 O O   . HOH B 2 .   ? 11.666  -1.097  2.906   1.00 34.39 ? 2061 HOH A O   1 
HETATM 1151 O O   . HOH B 2 .   ? 8.336   -6.436  7.248   1.00 50.74 ? 2062 HOH A O   1 
HETATM 1152 O O   . HOH B 2 .   ? 6.561   -2.967  15.436  1.00 33.45 ? 2063 HOH A O   1 
HETATM 1153 O O   . HOH B 2 .   ? 3.240   -1.040  14.832  1.00 37.29 ? 2064 HOH A O   1 
HETATM 1154 O O   . HOH B 2 .   ? 1.209   1.008   13.306  1.00 30.14 ? 2065 HOH A O   1 
HETATM 1155 O O   . HOH B 2 .   ? 11.677  3.616   9.252   1.00 54.74 ? 2066 HOH A O   1 
HETATM 1156 O O   . HOH B 2 .   ? 11.217  0.711   7.205   1.00 42.66 ? 2067 HOH A O   1 
HETATM 1157 O O   . HOH B 2 .   ? 10.815  6.930   9.879   1.00 41.72 ? 2068 HOH A O   1 
HETATM 1158 O O   . HOH B 2 .   ? 17.543  5.613   1.181   1.00 52.20 ? 2069 HOH A O   1 
HETATM 1159 O O   . HOH B 2 .   ? 17.629  8.246   -0.343  1.00 59.57 ? 2070 HOH A O   1 
HETATM 1160 O O   . HOH B 2 .   ? 13.987  4.763   -5.012  1.00 59.53 ? 2071 HOH A O   1 
# 
loop_
_pdbx_poly_seq_scheme.asym_id 
_pdbx_poly_seq_scheme.entity_id 
_pdbx_poly_seq_scheme.seq_id 
_pdbx_poly_seq_scheme.mon_id 
_pdbx_poly_seq_scheme.ndb_seq_num 
_pdbx_poly_seq_scheme.pdb_seq_num 
_pdbx_poly_seq_scheme.auth_seq_num 
_pdbx_poly_seq_scheme.pdb_mon_id 
_pdbx_poly_seq_scheme.auth_mon_id 
_pdbx_poly_seq_scheme.pdb_strand_id 
_pdbx_poly_seq_scheme.pdb_ins_code 
_pdbx_poly_seq_scheme.hetero 
A 1 1   SER 1   -1  -1  SER SER A . n 
A 1 2   MET 2   0   0   MET MET A . n 
A 1 3   PRO 3   181 181 PRO PRO A . n 
A 1 4   LEU 4   182 182 LEU LEU A . n 
A 1 5   GLN 5   183 183 GLN GLN A . n 
A 1 6   PRO 6   184 184 PRO PRO A . n 
A 1 7   GLU 7   185 185 GLU GLU A . n 
A 1 8   ALA 8   186 186 ALA ALA A . n 
A 1 9   GLN 9   187 187 GLN GLN A . n 
A 1 10  ARG 10  188 188 ARG ARG A . n 
A 1 11  ALA 11  189 189 ALA ALA A . n 
A 1 12  LEU 12  190 190 LEU LEU A . n 
A 1 13  GLN 13  191 191 GLN GLN A . n 
A 1 14  GLN 14  192 192 GLN GLN A . n 
A 1 15  LEU 15  193 193 LEU LEU A . n 
A 1 16  LYS 16  194 194 LYS LYS A . n 
A 1 17  GLN 17  195 195 GLN GLN A . n 
A 1 18  LYS 18  196 196 LYS LYS A . n 
A 1 19  MET 19  197 197 MET MET A . n 
A 1 20  VAL 20  198 198 VAL VAL A . n 
A 1 21  ASN 21  199 199 ASN ASN A . n 
A 1 22  TYR 22  200 200 TYR TYR A . n 
A 1 23  ILE 23  201 201 ILE ILE A . n 
A 1 24  GLN 24  202 202 GLN GLN A . n 
A 1 25  MET 25  203 203 MET MET A . n 
A 1 26  LYS 26  204 204 LYS LYS A . n 
A 1 27  LEU 27  205 205 LEU LEU A . n 
A 1 28  ASP 28  206 206 ASP ASP A . n 
A 1 29  LEU 29  207 207 LEU LEU A . n 
A 1 30  GLU 30  208 208 GLU GLU A . n 
A 1 31  ARG 31  209 209 ARG ARG A . n 
A 1 32  GLU 32  210 210 GLU GLU A . n 
A 1 33  THR 33  211 211 THR THR A . n 
A 1 34  ILE 34  212 212 ILE ILE A . n 
A 1 35  GLU 35  213 213 GLU GLU A . n 
A 1 36  LEU 36  214 214 LEU LEU A . n 
A 1 37  VAL 37  215 215 VAL VAL A . n 
A 1 38  HIS 38  216 216 HIS HIS A . n 
A 1 39  THR 39  217 217 THR THR A . n 
A 1 40  GLU 40  218 218 GLU GLU A . n 
A 1 41  PRO 41  219 219 PRO PRO A . n 
A 1 42  THR 42  220 220 THR THR A . n 
A 1 43  ASP 43  221 221 ASP ASP A . n 
A 1 44  VAL 44  222 222 VAL VAL A . n 
A 1 45  ALA 45  223 223 ALA ALA A . n 
A 1 46  GLN 46  224 224 GLN GLN A . n 
A 1 47  LEU 47  225 225 LEU LEU A . n 
A 1 48  PRO 48  226 226 PRO PRO A . n 
A 1 49  SER 49  227 227 SER SER A . n 
A 1 50  ARG 50  228 228 ARG ARG A . n 
A 1 51  VAL 51  229 229 VAL VAL A . n 
A 1 52  PRO 52  230 230 PRO PRO A . n 
A 1 53  ARG 53  231 231 ARG ARG A . n 
A 1 54  ASP 54  232 232 ASP ASP A . n 
A 1 55  ALA 55  233 233 ALA ALA A . n 
A 1 56  ALA 56  234 234 ALA ALA A . n 
A 1 57  ARG 57  235 235 ARG ARG A . n 
A 1 58  TYR 58  236 236 TYR TYR A . n 
A 1 59  HIS 59  237 237 HIS HIS A . n 
A 1 60  PHE 60  238 238 PHE PHE A . n 
A 1 61  PHE 61  239 239 PHE PHE A . n 
A 1 62  LEU 62  240 240 LEU LEU A . n 
A 1 63  TYR 63  241 241 TYR TYR A . n 
A 1 64  LYS 64  242 242 LYS LYS A . n 
A 1 65  HIS 65  243 243 HIS HIS A . n 
A 1 66  THR 66  244 244 THR THR A . n 
A 1 67  HIS 67  245 245 HIS HIS A . n 
A 1 68  GLU 68  246 246 GLU GLU A . n 
A 1 69  GLY 69  247 247 GLY GLY A . n 
A 1 70  ASP 70  248 248 ASP ASP A . n 
A 1 71  PRO 71  249 249 PRO PRO A . n 
A 1 72  LEU 72  250 250 LEU LEU A . n 
A 1 73  GLU 73  251 251 GLU GLU A . n 
A 1 74  SER 74  252 252 SER SER A . n 
A 1 75  VAL 75  253 253 VAL VAL A . n 
A 1 76  VAL 76  254 254 VAL VAL A . n 
A 1 77  PHE 77  255 255 PHE PHE A . n 
A 1 78  ILE 78  256 256 ILE ILE A . n 
A 1 79  TYR 79  257 257 TYR TYR A . n 
A 1 80  SER 80  258 258 SER SER A . n 
A 1 81  MET 81  259 259 MET MET A . n 
A 1 82  PRO 82  260 260 PRO PRO A . n 
A 1 83  GLY 83  261 261 GLY GLY A . n 
A 1 84  TYR 84  262 262 TYR TYR A . n 
A 1 85  LYS 85  263 263 LYS LYS A . n 
A 1 86  CYS 86  264 264 CYS CYS A . n 
A 1 87  SER 87  265 265 SER SER A . n 
A 1 88  ILE 88  266 266 ILE ILE A . n 
A 1 89  LYS 89  267 267 LYS LYS A . n 
A 1 90  GLU 90  268 268 GLU GLU A . n 
A 1 91  ARG 91  269 269 ARG ARG A . n 
A 1 92  MET 92  270 270 MET MET A . n 
A 1 93  LEU 93  271 271 LEU LEU A . n 
A 1 94  TYR 94  272 272 TYR TYR A . n 
A 1 95  SER 95  273 273 SER SER A . n 
A 1 96  SER 96  274 274 SER SER A . n 
A 1 97  CYS 97  275 275 CYS CYS A . n 
A 1 98  LYS 98  276 276 LYS LYS A . n 
A 1 99  SER 99  277 277 SER SER A . n 
A 1 100 ARG 100 278 278 ARG ARG A . n 
A 1 101 LEU 101 279 279 LEU LEU A . n 
A 1 102 LEU 102 280 280 LEU LEU A . n 
A 1 103 ASP 103 281 281 ASP ASP A . n 
A 1 104 SER 104 282 282 SER SER A . n 
A 1 105 VAL 105 283 283 VAL VAL A . n 
A 1 106 GLU 106 284 284 GLU GLU A . n 
A 1 107 GLN 107 285 285 GLN GLN A . n 
A 1 108 ASP 108 286 286 ASP ASP A . n 
A 1 109 PHE 109 287 287 PHE PHE A . n 
A 1 110 HIS 110 288 288 HIS HIS A . n 
A 1 111 LEU 111 289 289 LEU LEU A . n 
A 1 112 GLU 112 290 290 GLU GLU A . n 
A 1 113 ILE 113 291 291 ILE ILE A . n 
A 1 114 ALA 114 292 292 ALA ALA A . n 
A 1 115 LYS 115 293 293 LYS LYS A . n 
A 1 116 LYS 116 294 294 LYS LYS A . n 
A 1 117 ILE 117 295 295 ILE ILE A . n 
A 1 118 GLU 118 296 296 GLU GLU A . n 
A 1 119 ILE 119 297 297 ILE ILE A . n 
A 1 120 GLY 120 298 298 GLY GLY A . n 
A 1 121 ASP 121 299 299 ASP ASP A . n 
A 1 122 GLY 122 300 300 GLY GLY A . n 
A 1 123 ALA 123 301 301 ALA ALA A . n 
A 1 124 GLU 124 302 302 GLU GLU A . n 
A 1 125 LEU 125 303 303 LEU LEU A . n 
A 1 126 THR 126 304 304 THR THR A . n 
A 1 127 ALA 127 305 305 ALA ALA A . n 
A 1 128 GLU 128 306 306 GLU GLU A . n 
A 1 129 PHE 129 307 307 PHE PHE A . n 
A 1 130 LEU 130 308 308 LEU LEU A . n 
A 1 131 ASP 131 309 309 ASP ASP A . n 
A 1 132 ASP 132 310 310 ASP ASP A . n 
A 1 133 GLU 133 311 311 GLU GLU A . n 
A 1 134 VAL 134 312 312 VAL VAL A . n 
A 1 135 HIS 135 313 313 HIS HIS A . n 
# 
loop_
_pdbx_nonpoly_scheme.asym_id 
_pdbx_nonpoly_scheme.entity_id 
_pdbx_nonpoly_scheme.mon_id 
_pdbx_nonpoly_scheme.ndb_seq_num 
_pdbx_nonpoly_scheme.pdb_seq_num 
_pdbx_nonpoly_scheme.auth_seq_num 
_pdbx_nonpoly_scheme.pdb_mon_id 
_pdbx_nonpoly_scheme.auth_mon_id 
_pdbx_nonpoly_scheme.pdb_strand_id 
_pdbx_nonpoly_scheme.pdb_ins_code 
B 2 HOH 1  2001 2001 HOH HOH A . 
B 2 HOH 2  2002 2002 HOH HOH A . 
B 2 HOH 3  2003 2003 HOH HOH A . 
B 2 HOH 4  2004 2004 HOH HOH A . 
B 2 HOH 5  2005 2005 HOH HOH A . 
B 2 HOH 6  2006 2006 HOH HOH A . 
B 2 HOH 7  2007 2007 HOH HOH A . 
B 2 HOH 8  2008 2008 HOH HOH A . 
B 2 HOH 9  2009 2009 HOH HOH A . 
B 2 HOH 10 2010 2010 HOH HOH A . 
B 2 HOH 11 2011 2011 HOH HOH A . 
B 2 HOH 12 2012 2012 HOH HOH A . 
B 2 HOH 13 2013 2013 HOH HOH A . 
B 2 HOH 14 2014 2014 HOH HOH A . 
B 2 HOH 15 2015 2015 HOH HOH A . 
B 2 HOH 16 2016 2016 HOH HOH A . 
B 2 HOH 17 2017 2017 HOH HOH A . 
B 2 HOH 18 2018 2018 HOH HOH A . 
B 2 HOH 19 2019 2019 HOH HOH A . 
B 2 HOH 20 2020 2020 HOH HOH A . 
B 2 HOH 21 2021 2021 HOH HOH A . 
B 2 HOH 22 2022 2022 HOH HOH A . 
B 2 HOH 23 2023 2023 HOH HOH A . 
B 2 HOH 24 2024 2024 HOH HOH A . 
B 2 HOH 25 2025 2025 HOH HOH A . 
B 2 HOH 26 2026 2026 HOH HOH A . 
B 2 HOH 27 2027 2027 HOH HOH A . 
B 2 HOH 28 2028 2028 HOH HOH A . 
B 2 HOH 29 2029 2029 HOH HOH A . 
B 2 HOH 30 2030 2030 HOH HOH A . 
B 2 HOH 31 2031 2031 HOH HOH A . 
B 2 HOH 32 2032 2032 HOH HOH A . 
B 2 HOH 33 2033 2033 HOH HOH A . 
B 2 HOH 34 2034 2034 HOH HOH A . 
B 2 HOH 35 2035 2035 HOH HOH A . 
B 2 HOH 36 2036 2036 HOH HOH A . 
B 2 HOH 37 2037 2037 HOH HOH A . 
B 2 HOH 38 2038 2038 HOH HOH A . 
B 2 HOH 39 2039 2039 HOH HOH A . 
B 2 HOH 40 2040 2040 HOH HOH A . 
B 2 HOH 41 2041 2041 HOH HOH A . 
B 2 HOH 42 2042 2042 HOH HOH A . 
B 2 HOH 43 2043 2043 HOH HOH A . 
B 2 HOH 44 2044 2044 HOH HOH A . 
B 2 HOH 45 2045 2045 HOH HOH A . 
B 2 HOH 46 2046 2046 HOH HOH A . 
B 2 HOH 47 2047 2047 HOH HOH A . 
B 2 HOH 48 2048 2048 HOH HOH A . 
B 2 HOH 49 2049 2049 HOH HOH A . 
B 2 HOH 50 2050 2050 HOH HOH A . 
B 2 HOH 51 2051 2051 HOH HOH A . 
B 2 HOH 52 2052 2052 HOH HOH A . 
B 2 HOH 53 2053 2053 HOH HOH A . 
B 2 HOH 54 2054 2054 HOH HOH A . 
B 2 HOH 55 2055 2055 HOH HOH A . 
B 2 HOH 56 2056 2056 HOH HOH A . 
B 2 HOH 57 2057 2057 HOH HOH A . 
B 2 HOH 58 2058 2058 HOH HOH A . 
B 2 HOH 59 2059 2059 HOH HOH A . 
B 2 HOH 60 2060 2060 HOH HOH A . 
B 2 HOH 61 2061 2061 HOH HOH A . 
B 2 HOH 62 2062 2062 HOH HOH A . 
B 2 HOH 63 2063 2063 HOH HOH A . 
B 2 HOH 64 2064 2064 HOH HOH A . 
B 2 HOH 65 2065 2065 HOH HOH A . 
B 2 HOH 66 2066 2066 HOH HOH A . 
B 2 HOH 67 2067 2067 HOH HOH A . 
B 2 HOH 68 2068 2068 HOH HOH A . 
B 2 HOH 69 2069 2069 HOH HOH A . 
B 2 HOH 70 2070 2070 HOH HOH A . 
B 2 HOH 71 2071 2071 HOH HOH A . 
# 
_pdbx_struct_assembly.id                   1 
_pdbx_struct_assembly.details              author_and_software_defined_assembly 
_pdbx_struct_assembly.method_details       PQS 
_pdbx_struct_assembly.oligomeric_details   monomeric 
_pdbx_struct_assembly.oligomeric_count     1 
# 
_pdbx_struct_assembly_gen.assembly_id       1 
_pdbx_struct_assembly_gen.oper_expression   1 
_pdbx_struct_assembly_gen.asym_id_list      A,B 
# 
_pdbx_struct_oper_list.id                   1 
_pdbx_struct_oper_list.type                 'identity operation' 
_pdbx_struct_oper_list.name                 1_555 
_pdbx_struct_oper_list.symmetry_operation   x,y,z 
_pdbx_struct_oper_list.matrix[1][1]         1.0000000000 
_pdbx_struct_oper_list.matrix[1][2]         0.0000000000 
_pdbx_struct_oper_list.matrix[1][3]         0.0000000000 
_pdbx_struct_oper_list.vector[1]            0.0000000000 
_pdbx_struct_oper_list.matrix[2][1]         0.0000000000 
_pdbx_struct_oper_list.matrix[2][2]         1.0000000000 
_pdbx_struct_oper_list.matrix[2][3]         0.0000000000 
_pdbx_struct_oper_list.vector[2]            0.0000000000 
_pdbx_struct_oper_list.matrix[3][1]         0.0000000000 
_pdbx_struct_oper_list.matrix[3][2]         0.0000000000 
_pdbx_struct_oper_list.matrix[3][3]         1.0000000000 
_pdbx_struct_oper_list.vector[3]            0.0000000000 
# 
loop_
_pdbx_audit_revision_history.ordinal 
_pdbx_audit_revision_history.data_content_type 
_pdbx_audit_revision_history.major_revision 
_pdbx_audit_revision_history.minor_revision 
_pdbx_audit_revision_history.revision_date 
1 'Structure model' 1 0 2008-09-30 
2 'Structure model' 1 1 2011-07-13 
3 'Structure model' 1 2 2017-12-20 
4 'Structure model' 1 3 2023-12-13 
# 
_pdbx_audit_revision_details.ordinal             1 
_pdbx_audit_revision_details.revision_ordinal    1 
_pdbx_audit_revision_details.data_content_type   'Structure model' 
_pdbx_audit_revision_details.provider            repository 
_pdbx_audit_revision_details.type                'Initial release' 
_pdbx_audit_revision_details.description         ? 
_pdbx_audit_revision_details.details             ? 
# 
loop_
_pdbx_audit_revision_group.ordinal 
_pdbx_audit_revision_group.revision_ordinal 
_pdbx_audit_revision_group.data_content_type 
_pdbx_audit_revision_group.group 
1 2 'Structure model' Advisory                    
2 2 'Structure model' 'Version format compliance' 
3 3 'Structure model' 'Database references'       
4 3 'Structure model' 'Structure summary'         
5 4 'Structure model' 'Data collection'           
6 4 'Structure model' 'Database references'       
7 4 'Structure model' Other                       
8 4 'Structure model' 'Refinement description'    
# 
loop_
_pdbx_audit_revision_category.ordinal 
_pdbx_audit_revision_category.revision_ordinal 
_pdbx_audit_revision_category.data_content_type 
_pdbx_audit_revision_category.category 
1 3 'Structure model' audit_author                  
2 3 'Structure model' citation_author               
3 4 'Structure model' chem_comp_atom                
4 4 'Structure model' chem_comp_bond                
5 4 'Structure model' database_2                    
6 4 'Structure model' pdbx_database_status          
7 4 'Structure model' pdbx_initial_refinement_model 
# 
loop_
_pdbx_audit_revision_item.ordinal 
_pdbx_audit_revision_item.revision_ordinal 
_pdbx_audit_revision_item.data_content_type 
_pdbx_audit_revision_item.item 
1 3 'Structure model' '_audit_author.name'                   
2 3 'Structure model' '_citation_author.name'                
3 4 'Structure model' '_database_2.pdbx_DOI'                 
4 4 'Structure model' '_database_2.pdbx_database_accession'  
5 4 'Structure model' '_pdbx_database_status.status_code_sf' 
# 
loop_
_pdbx_refine_tls.pdbx_refine_id 
_pdbx_refine_tls.id 
_pdbx_refine_tls.details 
_pdbx_refine_tls.method 
_pdbx_refine_tls.origin_x 
_pdbx_refine_tls.origin_y 
_pdbx_refine_tls.origin_z 
_pdbx_refine_tls.T[1][1] 
_pdbx_refine_tls.T[2][2] 
_pdbx_refine_tls.T[3][3] 
_pdbx_refine_tls.T[1][2] 
_pdbx_refine_tls.T[1][3] 
_pdbx_refine_tls.T[2][3] 
_pdbx_refine_tls.L[1][1] 
_pdbx_refine_tls.L[2][2] 
_pdbx_refine_tls.L[3][3] 
_pdbx_refine_tls.L[1][2] 
_pdbx_refine_tls.L[1][3] 
_pdbx_refine_tls.L[2][3] 
_pdbx_refine_tls.S[1][1] 
_pdbx_refine_tls.S[1][2] 
_pdbx_refine_tls.S[1][3] 
_pdbx_refine_tls.S[2][1] 
_pdbx_refine_tls.S[2][2] 
_pdbx_refine_tls.S[2][3] 
_pdbx_refine_tls.S[3][1] 
_pdbx_refine_tls.S[3][2] 
_pdbx_refine_tls.S[3][3] 
'X-RAY DIFFRACTION' 1 ? refined -7.2717 -0.5366  -1.0658 0.0701  0.0185  0.0735 0.0024  -0.0571 0.0583 5.1953 2.1216 1.7807  2.2668  0.5904  0.4167  -0.1264 0.1634  0.5316  0.0968  -0.0093 0.3628  -0.1213 0.1292 0.1356 
'X-RAY DIFFRACTION' 2 ? refined 1.4067  4.4940   1.8763  0.0249  0.0265  0.0521 -0.0383 -0.0515 0.0422 8.2943 6.2147 7.1666  2.8781  -0.5712 -4.0094 0.0267  -0.2818 0.7630  0.1052  -0.3544 0.0239  -0.4284 0.5626 0.3277 
'X-RAY DIFFRACTION' 3 ? refined 4.2485  1.2736   3.1722  0.0365  0.1384  0.1228 -0.0674 -0.0592 0.1174 3.2111 4.6144 11.6544 -0.0175 1.3182  -3.9105 0.0264  0.1437  0.3104  0.1406  -0.3784 -0.2494 -0.5180 0.8602 0.3520 
'X-RAY DIFFRACTION' 4 ? refined 2.3471  -13.6251 4.5888  0.0113  -0.1136 0.3951 0.0662  0.0845  0.1197 1.5591 7.3021 12.7689 -1.1222 2.7603  -8.0220 -0.4085 0.0342  -0.1682 -0.3163 -0.5960 -1.2656 0.6962  0.2593 1.0045 
'X-RAY DIFFRACTION' 5 ? refined 5.8598  1.9214   -2.2242 -0.0447 0.1249  0.0152 -0.0417 -0.0076 0.1171 6.3219 4.9569 5.1740  2.3724  -0.3229 -0.0069 -0.2689 0.6285  0.0067  -0.2553 -0.0823 -0.3326 -0.3343 0.5240 0.3512 
# 
loop_
_pdbx_refine_tls_group.pdbx_refine_id 
_pdbx_refine_tls_group.id 
_pdbx_refine_tls_group.refine_tls_id 
_pdbx_refine_tls_group.beg_auth_asym_id 
_pdbx_refine_tls_group.beg_auth_seq_id 
_pdbx_refine_tls_group.beg_label_asym_id 
_pdbx_refine_tls_group.beg_label_seq_id 
_pdbx_refine_tls_group.end_auth_asym_id 
_pdbx_refine_tls_group.end_auth_seq_id 
_pdbx_refine_tls_group.end_label_asym_id 
_pdbx_refine_tls_group.end_label_seq_id 
_pdbx_refine_tls_group.selection 
_pdbx_refine_tls_group.selection_details 
'X-RAY DIFFRACTION' 1 1 A -1  ? ? A 230 ? ? ? ? 
'X-RAY DIFFRACTION' 2 2 A 231 ? ? A 245 ? ? ? ? 
'X-RAY DIFFRACTION' 3 3 A 246 ? ? A 264 ? ? ? ? 
'X-RAY DIFFRACTION' 4 4 A 265 ? ? A 278 ? ? ? ? 
'X-RAY DIFFRACTION' 5 5 A 279 ? ? A 313 ? ? ? ? 
# 
loop_
_software.name 
_software.classification 
_software.version 
_software.citation_id 
_software.pdbx_ordinal 
REFMAC refinement       5.4.0066 ? 1 
MOSFLM 'data reduction' .        ? 2 
SCALA  'data scaling'   .        ? 3 
PHASER phasing          .        ? 4 
# 
_pdbx_entry_details.entry_id                 2W0I 
_pdbx_entry_details.compound_details         ? 
_pdbx_entry_details.source_details           ? 
_pdbx_entry_details.nonpolymer_details       ? 
_pdbx_entry_details.sequence_details         'Y309D IS A CLONING ARTEFACT' 
_pdbx_entry_details.has_ligand_of_interest   ? 
# 
_pdbx_validate_close_contact.id               1 
_pdbx_validate_close_contact.PDB_model_num    1 
_pdbx_validate_close_contact.auth_atom_id_1   OH 
_pdbx_validate_close_contact.auth_asym_id_1   A 
_pdbx_validate_close_contact.auth_comp_id_1   TYR 
_pdbx_validate_close_contact.auth_seq_id_1    241 
_pdbx_validate_close_contact.PDB_ins_code_1   ? 
_pdbx_validate_close_contact.label_alt_id_1   ? 
_pdbx_validate_close_contact.auth_atom_id_2   OD1 
_pdbx_validate_close_contact.auth_asym_id_2   A 
_pdbx_validate_close_contact.auth_comp_id_2   ASP 
_pdbx_validate_close_contact.auth_seq_id_2    309 
_pdbx_validate_close_contact.PDB_ins_code_2   ? 
_pdbx_validate_close_contact.label_alt_id_2   ? 
_pdbx_validate_close_contact.dist             2.06 
# 
loop_
_pdbx_unobs_or_zero_occ_atoms.id 
_pdbx_unobs_or_zero_occ_atoms.PDB_model_num 
_pdbx_unobs_or_zero_occ_atoms.polymer_flag 
_pdbx_unobs_or_zero_occ_atoms.occupancy_flag 
_pdbx_unobs_or_zero_occ_atoms.auth_asym_id 
_pdbx_unobs_or_zero_occ_atoms.auth_comp_id 
_pdbx_unobs_or_zero_occ_atoms.auth_seq_id 
_pdbx_unobs_or_zero_occ_atoms.PDB_ins_code 
_pdbx_unobs_or_zero_occ_atoms.auth_atom_id 
_pdbx_unobs_or_zero_occ_atoms.label_alt_id 
_pdbx_unobs_or_zero_occ_atoms.label_asym_id 
_pdbx_unobs_or_zero_occ_atoms.label_comp_id 
_pdbx_unobs_or_zero_occ_atoms.label_seq_id 
_pdbx_unobs_or_zero_occ_atoms.label_atom_id 
1  1 Y 1 A SER -1  ? N   ? A SER 1   N   
2  1 Y 1 A SER -1  ? CB  ? A SER 1   CB  
3  1 Y 1 A SER -1  ? OG  ? A SER 1   OG  
4  1 Y 1 A LYS 194 ? CE  ? A LYS 16  CE  
5  1 Y 1 A LYS 194 ? NZ  ? A LYS 16  NZ  
6  1 Y 1 A GLU 208 ? CD  ? A GLU 30  CD  
7  1 Y 1 A GLU 208 ? OE1 ? A GLU 30  OE1 
8  1 Y 1 A GLU 208 ? OE2 ? A GLU 30  OE2 
9  1 Y 1 A LYS 242 ? NZ  ? A LYS 64  NZ  
10 1 Y 1 A GLU 246 ? CG  ? A GLU 68  CG  
11 1 Y 1 A GLU 246 ? CD  ? A GLU 68  CD  
12 1 Y 1 A GLU 246 ? OE1 ? A GLU 68  OE1 
13 1 Y 1 A GLU 246 ? OE2 ? A GLU 68  OE2 
14 1 Y 1 A ASP 248 ? CG  ? A ASP 70  CG  
15 1 Y 1 A ASP 248 ? OD1 ? A ASP 70  OD1 
16 1 Y 1 A ASP 248 ? OD2 ? A ASP 70  OD2 
17 1 Y 1 A LYS 276 ? NZ  ? A LYS 98  NZ  
18 1 Y 1 A ASP 281 ? CG  ? A ASP 103 CG  
19 1 Y 1 A ASP 281 ? OD1 ? A ASP 103 OD1 
20 1 Y 1 A ASP 281 ? OD2 ? A ASP 103 OD2 
21 1 Y 1 A GLN 285 ? CD  ? A GLN 107 CD  
22 1 Y 1 A GLN 285 ? OE1 ? A GLN 107 OE1 
23 1 Y 1 A GLN 285 ? NE2 ? A GLN 107 NE2 
24 1 Y 1 A GLU 306 ? CG  ? A GLU 128 CG  
25 1 Y 1 A GLU 306 ? CD  ? A GLU 128 CD  
26 1 Y 1 A GLU 306 ? OE1 ? A GLU 128 OE1 
27 1 Y 1 A GLU 306 ? OE2 ? A GLU 128 OE2 
# 
loop_
_chem_comp_atom.comp_id 
_chem_comp_atom.atom_id 
_chem_comp_atom.type_symbol 
_chem_comp_atom.pdbx_aromatic_flag 
_chem_comp_atom.pdbx_stereo_config 
_chem_comp_atom.pdbx_ordinal 
ALA N    N N N 1   
ALA CA   C N S 2   
ALA C    C N N 3   
ALA O    O N N 4   
ALA CB   C N N 5   
ALA OXT  O N N 6   
ALA H    H N N 7   
ALA H2   H N N 8   
ALA HA   H N N 9   
ALA HB1  H N N 10  
ALA HB2  H N N 11  
ALA HB3  H N N 12  
ALA HXT  H N N 13  
ARG N    N N N 14  
ARG CA   C N S 15  
ARG C    C N N 16  
ARG O    O N N 17  
ARG CB   C N N 18  
ARG CG   C N N 19  
ARG CD   C N N 20  
ARG NE   N N N 21  
ARG CZ   C N N 22  
ARG NH1  N N N 23  
ARG NH2  N N N 24  
ARG OXT  O N N 25  
ARG H    H N N 26  
ARG H2   H N N 27  
ARG HA   H N N 28  
ARG HB2  H N N 29  
ARG HB3  H N N 30  
ARG HG2  H N N 31  
ARG HG3  H N N 32  
ARG HD2  H N N 33  
ARG HD3  H N N 34  
ARG HE   H N N 35  
ARG HH11 H N N 36  
ARG HH12 H N N 37  
ARG HH21 H N N 38  
ARG HH22 H N N 39  
ARG HXT  H N N 40  
ASN N    N N N 41  
ASN CA   C N S 42  
ASN C    C N N 43  
ASN O    O N N 44  
ASN CB   C N N 45  
ASN CG   C N N 46  
ASN OD1  O N N 47  
ASN ND2  N N N 48  
ASN OXT  O N N 49  
ASN H    H N N 50  
ASN H2   H N N 51  
ASN HA   H N N 52  
ASN HB2  H N N 53  
ASN HB3  H N N 54  
ASN HD21 H N N 55  
ASN HD22 H N N 56  
ASN HXT  H N N 57  
ASP N    N N N 58  
ASP CA   C N S 59  
ASP C    C N N 60  
ASP O    O N N 61  
ASP CB   C N N 62  
ASP CG   C N N 63  
ASP OD1  O N N 64  
ASP OD2  O N N 65  
ASP OXT  O N N 66  
ASP H    H N N 67  
ASP H2   H N N 68  
ASP HA   H N N 69  
ASP HB2  H N N 70  
ASP HB3  H N N 71  
ASP HD2  H N N 72  
ASP HXT  H N N 73  
CYS N    N N N 74  
CYS CA   C N R 75  
CYS C    C N N 76  
CYS O    O N N 77  
CYS CB   C N N 78  
CYS SG   S N N 79  
CYS OXT  O N N 80  
CYS H    H N N 81  
CYS H2   H N N 82  
CYS HA   H N N 83  
CYS HB2  H N N 84  
CYS HB3  H N N 85  
CYS HG   H N N 86  
CYS HXT  H N N 87  
GLN N    N N N 88  
GLN CA   C N S 89  
GLN C    C N N 90  
GLN O    O N N 91  
GLN CB   C N N 92  
GLN CG   C N N 93  
GLN CD   C N N 94  
GLN OE1  O N N 95  
GLN NE2  N N N 96  
GLN OXT  O N N 97  
GLN H    H N N 98  
GLN H2   H N N 99  
GLN HA   H N N 100 
GLN HB2  H N N 101 
GLN HB3  H N N 102 
GLN HG2  H N N 103 
GLN HG3  H N N 104 
GLN HE21 H N N 105 
GLN HE22 H N N 106 
GLN HXT  H N N 107 
GLU N    N N N 108 
GLU CA   C N S 109 
GLU C    C N N 110 
GLU O    O N N 111 
GLU CB   C N N 112 
GLU CG   C N N 113 
GLU CD   C N N 114 
GLU OE1  O N N 115 
GLU OE2  O N N 116 
GLU OXT  O N N 117 
GLU H    H N N 118 
GLU H2   H N N 119 
GLU HA   H N N 120 
GLU HB2  H N N 121 
GLU HB3  H N N 122 
GLU HG2  H N N 123 
GLU HG3  H N N 124 
GLU HE2  H N N 125 
GLU HXT  H N N 126 
GLY N    N N N 127 
GLY CA   C N N 128 
GLY C    C N N 129 
GLY O    O N N 130 
GLY OXT  O N N 131 
GLY H    H N N 132 
GLY H2   H N N 133 
GLY HA2  H N N 134 
GLY HA3  H N N 135 
GLY HXT  H N N 136 
HIS N    N N N 137 
HIS CA   C N S 138 
HIS C    C N N 139 
HIS O    O N N 140 
HIS CB   C N N 141 
HIS CG   C Y N 142 
HIS ND1  N Y N 143 
HIS CD2  C Y N 144 
HIS CE1  C Y N 145 
HIS NE2  N Y N 146 
HIS OXT  O N N 147 
HIS H    H N N 148 
HIS H2   H N N 149 
HIS HA   H N N 150 
HIS HB2  H N N 151 
HIS HB3  H N N 152 
HIS HD1  H N N 153 
HIS HD2  H N N 154 
HIS HE1  H N N 155 
HIS HE2  H N N 156 
HIS HXT  H N N 157 
HOH O    O N N 158 
HOH H1   H N N 159 
HOH H2   H N N 160 
ILE N    N N N 161 
ILE CA   C N S 162 
ILE C    C N N 163 
ILE O    O N N 164 
ILE CB   C N S 165 
ILE CG1  C N N 166 
ILE CG2  C N N 167 
ILE CD1  C N N 168 
ILE OXT  O N N 169 
ILE H    H N N 170 
ILE H2   H N N 171 
ILE HA   H N N 172 
ILE HB   H N N 173 
ILE HG12 H N N 174 
ILE HG13 H N N 175 
ILE HG21 H N N 176 
ILE HG22 H N N 177 
ILE HG23 H N N 178 
ILE HD11 H N N 179 
ILE HD12 H N N 180 
ILE HD13 H N N 181 
ILE HXT  H N N 182 
LEU N    N N N 183 
LEU CA   C N S 184 
LEU C    C N N 185 
LEU O    O N N 186 
LEU CB   C N N 187 
LEU CG   C N N 188 
LEU CD1  C N N 189 
LEU CD2  C N N 190 
LEU OXT  O N N 191 
LEU H    H N N 192 
LEU H2   H N N 193 
LEU HA   H N N 194 
LEU HB2  H N N 195 
LEU HB3  H N N 196 
LEU HG   H N N 197 
LEU HD11 H N N 198 
LEU HD12 H N N 199 
LEU HD13 H N N 200 
LEU HD21 H N N 201 
LEU HD22 H N N 202 
LEU HD23 H N N 203 
LEU HXT  H N N 204 
LYS N    N N N 205 
LYS CA   C N S 206 
LYS C    C N N 207 
LYS O    O N N 208 
LYS CB   C N N 209 
LYS CG   C N N 210 
LYS CD   C N N 211 
LYS CE   C N N 212 
LYS NZ   N N N 213 
LYS OXT  O N N 214 
LYS H    H N N 215 
LYS H2   H N N 216 
LYS HA   H N N 217 
LYS HB2  H N N 218 
LYS HB3  H N N 219 
LYS HG2  H N N 220 
LYS HG3  H N N 221 
LYS HD2  H N N 222 
LYS HD3  H N N 223 
LYS HE2  H N N 224 
LYS HE3  H N N 225 
LYS HZ1  H N N 226 
LYS HZ2  H N N 227 
LYS HZ3  H N N 228 
LYS HXT  H N N 229 
MET N    N N N 230 
MET CA   C N S 231 
MET C    C N N 232 
MET O    O N N 233 
MET CB   C N N 234 
MET CG   C N N 235 
MET SD   S N N 236 
MET CE   C N N 237 
MET OXT  O N N 238 
MET H    H N N 239 
MET H2   H N N 240 
MET HA   H N N 241 
MET HB2  H N N 242 
MET HB3  H N N 243 
MET HG2  H N N 244 
MET HG3  H N N 245 
MET HE1  H N N 246 
MET HE2  H N N 247 
MET HE3  H N N 248 
MET HXT  H N N 249 
PHE N    N N N 250 
PHE CA   C N S 251 
PHE C    C N N 252 
PHE O    O N N 253 
PHE CB   C N N 254 
PHE CG   C Y N 255 
PHE CD1  C Y N 256 
PHE CD2  C Y N 257 
PHE CE1  C Y N 258 
PHE CE2  C Y N 259 
PHE CZ   C Y N 260 
PHE OXT  O N N 261 
PHE H    H N N 262 
PHE H2   H N N 263 
PHE HA   H N N 264 
PHE HB2  H N N 265 
PHE HB3  H N N 266 
PHE HD1  H N N 267 
PHE HD2  H N N 268 
PHE HE1  H N N 269 
PHE HE2  H N N 270 
PHE HZ   H N N 271 
PHE HXT  H N N 272 
PRO N    N N N 273 
PRO CA   C N S 274 
PRO C    C N N 275 
PRO O    O N N 276 
PRO CB   C N N 277 
PRO CG   C N N 278 
PRO CD   C N N 279 
PRO OXT  O N N 280 
PRO H    H N N 281 
PRO HA   H N N 282 
PRO HB2  H N N 283 
PRO HB3  H N N 284 
PRO HG2  H N N 285 
PRO HG3  H N N 286 
PRO HD2  H N N 287 
PRO HD3  H N N 288 
PRO HXT  H N N 289 
SER N    N N N 290 
SER CA   C N S 291 
SER C    C N N 292 
SER O    O N N 293 
SER CB   C N N 294 
SER OG   O N N 295 
SER OXT  O N N 296 
SER H    H N N 297 
SER H2   H N N 298 
SER HA   H N N 299 
SER HB2  H N N 300 
SER HB3  H N N 301 
SER HG   H N N 302 
SER HXT  H N N 303 
THR N    N N N 304 
THR CA   C N S 305 
THR C    C N N 306 
THR O    O N N 307 
THR CB   C N R 308 
THR OG1  O N N 309 
THR CG2  C N N 310 
THR OXT  O N N 311 
THR H    H N N 312 
THR H2   H N N 313 
THR HA   H N N 314 
THR HB   H N N 315 
THR HG1  H N N 316 
THR HG21 H N N 317 
THR HG22 H N N 318 
THR HG23 H N N 319 
THR HXT  H N N 320 
TYR N    N N N 321 
TYR CA   C N S 322 
TYR C    C N N 323 
TYR O    O N N 324 
TYR CB   C N N 325 
TYR CG   C Y N 326 
TYR CD1  C Y N 327 
TYR CD2  C Y N 328 
TYR CE1  C Y N 329 
TYR CE2  C Y N 330 
TYR CZ   C Y N 331 
TYR OH   O N N 332 
TYR OXT  O N N 333 
TYR H    H N N 334 
TYR H2   H N N 335 
TYR HA   H N N 336 
TYR HB2  H N N 337 
TYR HB3  H N N 338 
TYR HD1  H N N 339 
TYR HD2  H N N 340 
TYR HE1  H N N 341 
TYR HE2  H N N 342 
TYR HH   H N N 343 
TYR HXT  H N N 344 
VAL N    N N N 345 
VAL CA   C N S 346 
VAL C    C N N 347 
VAL O    O N N 348 
VAL CB   C N N 349 
VAL CG1  C N N 350 
VAL CG2  C N N 351 
VAL OXT  O N N 352 
VAL H    H N N 353 
VAL H2   H N N 354 
VAL HA   H N N 355 
VAL HB   H N N 356 
VAL HG11 H N N 357 
VAL HG12 H N N 358 
VAL HG13 H N N 359 
VAL HG21 H N N 360 
VAL HG22 H N N 361 
VAL HG23 H N N 362 
VAL HXT  H N N 363 
# 
loop_
_chem_comp_bond.comp_id 
_chem_comp_bond.atom_id_1 
_chem_comp_bond.atom_id_2 
_chem_comp_bond.value_order 
_chem_comp_bond.pdbx_aromatic_flag 
_chem_comp_bond.pdbx_stereo_config 
_chem_comp_bond.pdbx_ordinal 
ALA N   CA   sing N N 1   
ALA N   H    sing N N 2   
ALA N   H2   sing N N 3   
ALA CA  C    sing N N 4   
ALA CA  CB   sing N N 5   
ALA CA  HA   sing N N 6   
ALA C   O    doub N N 7   
ALA C   OXT  sing N N 8   
ALA CB  HB1  sing N N 9   
ALA CB  HB2  sing N N 10  
ALA CB  HB3  sing N N 11  
ALA OXT HXT  sing N N 12  
ARG N   CA   sing N N 13  
ARG N   H    sing N N 14  
ARG N   H2   sing N N 15  
ARG CA  C    sing N N 16  
ARG CA  CB   sing N N 17  
ARG CA  HA   sing N N 18  
ARG C   O    doub N N 19  
ARG C   OXT  sing N N 20  
ARG CB  CG   sing N N 21  
ARG CB  HB2  sing N N 22  
ARG CB  HB3  sing N N 23  
ARG CG  CD   sing N N 24  
ARG CG  HG2  sing N N 25  
ARG CG  HG3  sing N N 26  
ARG CD  NE   sing N N 27  
ARG CD  HD2  sing N N 28  
ARG CD  HD3  sing N N 29  
ARG NE  CZ   sing N N 30  
ARG NE  HE   sing N N 31  
ARG CZ  NH1  sing N N 32  
ARG CZ  NH2  doub N N 33  
ARG NH1 HH11 sing N N 34  
ARG NH1 HH12 sing N N 35  
ARG NH2 HH21 sing N N 36  
ARG NH2 HH22 sing N N 37  
ARG OXT HXT  sing N N 38  
ASN N   CA   sing N N 39  
ASN N   H    sing N N 40  
ASN N   H2   sing N N 41  
ASN CA  C    sing N N 42  
ASN CA  CB   sing N N 43  
ASN CA  HA   sing N N 44  
ASN C   O    doub N N 45  
ASN C   OXT  sing N N 46  
ASN CB  CG   sing N N 47  
ASN CB  HB2  sing N N 48  
ASN CB  HB3  sing N N 49  
ASN CG  OD1  doub N N 50  
ASN CG  ND2  sing N N 51  
ASN ND2 HD21 sing N N 52  
ASN ND2 HD22 sing N N 53  
ASN OXT HXT  sing N N 54  
ASP N   CA   sing N N 55  
ASP N   H    sing N N 56  
ASP N   H2   sing N N 57  
ASP CA  C    sing N N 58  
ASP CA  CB   sing N N 59  
ASP CA  HA   sing N N 60  
ASP C   O    doub N N 61  
ASP C   OXT  sing N N 62  
ASP CB  CG   sing N N 63  
ASP CB  HB2  sing N N 64  
ASP CB  HB3  sing N N 65  
ASP CG  OD1  doub N N 66  
ASP CG  OD2  sing N N 67  
ASP OD2 HD2  sing N N 68  
ASP OXT HXT  sing N N 69  
CYS N   CA   sing N N 70  
CYS N   H    sing N N 71  
CYS N   H2   sing N N 72  
CYS CA  C    sing N N 73  
CYS CA  CB   sing N N 74  
CYS CA  HA   sing N N 75  
CYS C   O    doub N N 76  
CYS C   OXT  sing N N 77  
CYS CB  SG   sing N N 78  
CYS CB  HB2  sing N N 79  
CYS CB  HB3  sing N N 80  
CYS SG  HG   sing N N 81  
CYS OXT HXT  sing N N 82  
GLN N   CA   sing N N 83  
GLN N   H    sing N N 84  
GLN N   H2   sing N N 85  
GLN CA  C    sing N N 86  
GLN CA  CB   sing N N 87  
GLN CA  HA   sing N N 88  
GLN C   O    doub N N 89  
GLN C   OXT  sing N N 90  
GLN CB  CG   sing N N 91  
GLN CB  HB2  sing N N 92  
GLN CB  HB3  sing N N 93  
GLN CG  CD   sing N N 94  
GLN CG  HG2  sing N N 95  
GLN CG  HG3  sing N N 96  
GLN CD  OE1  doub N N 97  
GLN CD  NE2  sing N N 98  
GLN NE2 HE21 sing N N 99  
GLN NE2 HE22 sing N N 100 
GLN OXT HXT  sing N N 101 
GLU N   CA   sing N N 102 
GLU N   H    sing N N 103 
GLU N   H2   sing N N 104 
GLU CA  C    sing N N 105 
GLU CA  CB   sing N N 106 
GLU CA  HA   sing N N 107 
GLU C   O    doub N N 108 
GLU C   OXT  sing N N 109 
GLU CB  CG   sing N N 110 
GLU CB  HB2  sing N N 111 
GLU CB  HB3  sing N N 112 
GLU CG  CD   sing N N 113 
GLU CG  HG2  sing N N 114 
GLU CG  HG3  sing N N 115 
GLU CD  OE1  doub N N 116 
GLU CD  OE2  sing N N 117 
GLU OE2 HE2  sing N N 118 
GLU OXT HXT  sing N N 119 
GLY N   CA   sing N N 120 
GLY N   H    sing N N 121 
GLY N   H2   sing N N 122 
GLY CA  C    sing N N 123 
GLY CA  HA2  sing N N 124 
GLY CA  HA3  sing N N 125 
GLY C   O    doub N N 126 
GLY C   OXT  sing N N 127 
GLY OXT HXT  sing N N 128 
HIS N   CA   sing N N 129 
HIS N   H    sing N N 130 
HIS N   H2   sing N N 131 
HIS CA  C    sing N N 132 
HIS CA  CB   sing N N 133 
HIS CA  HA   sing N N 134 
HIS C   O    doub N N 135 
HIS C   OXT  sing N N 136 
HIS CB  CG   sing N N 137 
HIS CB  HB2  sing N N 138 
HIS CB  HB3  sing N N 139 
HIS CG  ND1  sing Y N 140 
HIS CG  CD2  doub Y N 141 
HIS ND1 CE1  doub Y N 142 
HIS ND1 HD1  sing N N 143 
HIS CD2 NE2  sing Y N 144 
HIS CD2 HD2  sing N N 145 
HIS CE1 NE2  sing Y N 146 
HIS CE1 HE1  sing N N 147 
HIS NE2 HE2  sing N N 148 
HIS OXT HXT  sing N N 149 
HOH O   H1   sing N N 150 
HOH O   H2   sing N N 151 
ILE N   CA   sing N N 152 
ILE N   H    sing N N 153 
ILE N   H2   sing N N 154 
ILE CA  C    sing N N 155 
ILE CA  CB   sing N N 156 
ILE CA  HA   sing N N 157 
ILE C   O    doub N N 158 
ILE C   OXT  sing N N 159 
ILE CB  CG1  sing N N 160 
ILE CB  CG2  sing N N 161 
ILE CB  HB   sing N N 162 
ILE CG1 CD1  sing N N 163 
ILE CG1 HG12 sing N N 164 
ILE CG1 HG13 sing N N 165 
ILE CG2 HG21 sing N N 166 
ILE CG2 HG22 sing N N 167 
ILE CG2 HG23 sing N N 168 
ILE CD1 HD11 sing N N 169 
ILE CD1 HD12 sing N N 170 
ILE CD1 HD13 sing N N 171 
ILE OXT HXT  sing N N 172 
LEU N   CA   sing N N 173 
LEU N   H    sing N N 174 
LEU N   H2   sing N N 175 
LEU CA  C    sing N N 176 
LEU CA  CB   sing N N 177 
LEU CA  HA   sing N N 178 
LEU C   O    doub N N 179 
LEU C   OXT  sing N N 180 
LEU CB  CG   sing N N 181 
LEU CB  HB2  sing N N 182 
LEU CB  HB3  sing N N 183 
LEU CG  CD1  sing N N 184 
LEU CG  CD2  sing N N 185 
LEU CG  HG   sing N N 186 
LEU CD1 HD11 sing N N 187 
LEU CD1 HD12 sing N N 188 
LEU CD1 HD13 sing N N 189 
LEU CD2 HD21 sing N N 190 
LEU CD2 HD22 sing N N 191 
LEU CD2 HD23 sing N N 192 
LEU OXT HXT  sing N N 193 
LYS N   CA   sing N N 194 
LYS N   H    sing N N 195 
LYS N   H2   sing N N 196 
LYS CA  C    sing N N 197 
LYS CA  CB   sing N N 198 
LYS CA  HA   sing N N 199 
LYS C   O    doub N N 200 
LYS C   OXT  sing N N 201 
LYS CB  CG   sing N N 202 
LYS CB  HB2  sing N N 203 
LYS CB  HB3  sing N N 204 
LYS CG  CD   sing N N 205 
LYS CG  HG2  sing N N 206 
LYS CG  HG3  sing N N 207 
LYS CD  CE   sing N N 208 
LYS CD  HD2  sing N N 209 
LYS CD  HD3  sing N N 210 
LYS CE  NZ   sing N N 211 
LYS CE  HE2  sing N N 212 
LYS CE  HE3  sing N N 213 
LYS NZ  HZ1  sing N N 214 
LYS NZ  HZ2  sing N N 215 
LYS NZ  HZ3  sing N N 216 
LYS OXT HXT  sing N N 217 
MET N   CA   sing N N 218 
MET N   H    sing N N 219 
MET N   H2   sing N N 220 
MET CA  C    sing N N 221 
MET CA  CB   sing N N 222 
MET CA  HA   sing N N 223 
MET C   O    doub N N 224 
MET C   OXT  sing N N 225 
MET CB  CG   sing N N 226 
MET CB  HB2  sing N N 227 
MET CB  HB3  sing N N 228 
MET CG  SD   sing N N 229 
MET CG  HG2  sing N N 230 
MET CG  HG3  sing N N 231 
MET SD  CE   sing N N 232 
MET CE  HE1  sing N N 233 
MET CE  HE2  sing N N 234 
MET CE  HE3  sing N N 235 
MET OXT HXT  sing N N 236 
PHE N   CA   sing N N 237 
PHE N   H    sing N N 238 
PHE N   H2   sing N N 239 
PHE CA  C    sing N N 240 
PHE CA  CB   sing N N 241 
PHE CA  HA   sing N N 242 
PHE C   O    doub N N 243 
PHE C   OXT  sing N N 244 
PHE CB  CG   sing N N 245 
PHE CB  HB2  sing N N 246 
PHE CB  HB3  sing N N 247 
PHE CG  CD1  doub Y N 248 
PHE CG  CD2  sing Y N 249 
PHE CD1 CE1  sing Y N 250 
PHE CD1 HD1  sing N N 251 
PHE CD2 CE2  doub Y N 252 
PHE CD2 HD2  sing N N 253 
PHE CE1 CZ   doub Y N 254 
PHE CE1 HE1  sing N N 255 
PHE CE2 CZ   sing Y N 256 
PHE CE2 HE2  sing N N 257 
PHE CZ  HZ   sing N N 258 
PHE OXT HXT  sing N N 259 
PRO N   CA   sing N N 260 
PRO N   CD   sing N N 261 
PRO N   H    sing N N 262 
PRO CA  C    sing N N 263 
PRO CA  CB   sing N N 264 
PRO CA  HA   sing N N 265 
PRO C   O    doub N N 266 
PRO C   OXT  sing N N 267 
PRO CB  CG   sing N N 268 
PRO CB  HB2  sing N N 269 
PRO CB  HB3  sing N N 270 
PRO CG  CD   sing N N 271 
PRO CG  HG2  sing N N 272 
PRO CG  HG3  sing N N 273 
PRO CD  HD2  sing N N 274 
PRO CD  HD3  sing N N 275 
PRO OXT HXT  sing N N 276 
SER N   CA   sing N N 277 
SER N   H    sing N N 278 
SER N   H2   sing N N 279 
SER CA  C    sing N N 280 
SER CA  CB   sing N N 281 
SER CA  HA   sing N N 282 
SER C   O    doub N N 283 
SER C   OXT  sing N N 284 
SER CB  OG   sing N N 285 
SER CB  HB2  sing N N 286 
SER CB  HB3  sing N N 287 
SER OG  HG   sing N N 288 
SER OXT HXT  sing N N 289 
THR N   CA   sing N N 290 
THR N   H    sing N N 291 
THR N   H2   sing N N 292 
THR CA  C    sing N N 293 
THR CA  CB   sing N N 294 
THR CA  HA   sing N N 295 
THR C   O    doub N N 296 
THR C   OXT  sing N N 297 
THR CB  OG1  sing N N 298 
THR CB  CG2  sing N N 299 
THR CB  HB   sing N N 300 
THR OG1 HG1  sing N N 301 
THR CG2 HG21 sing N N 302 
THR CG2 HG22 sing N N 303 
THR CG2 HG23 sing N N 304 
THR OXT HXT  sing N N 305 
TYR N   CA   sing N N 306 
TYR N   H    sing N N 307 
TYR N   H2   sing N N 308 
TYR CA  C    sing N N 309 
TYR CA  CB   sing N N 310 
TYR CA  HA   sing N N 311 
TYR C   O    doub N N 312 
TYR C   OXT  sing N N 313 
TYR CB  CG   sing N N 314 
TYR CB  HB2  sing N N 315 
TYR CB  HB3  sing N N 316 
TYR CG  CD1  doub Y N 317 
TYR CG  CD2  sing Y N 318 
TYR CD1 CE1  sing Y N 319 
TYR CD1 HD1  sing N N 320 
TYR CD2 CE2  doub Y N 321 
TYR CD2 HD2  sing N N 322 
TYR CE1 CZ   doub Y N 323 
TYR CE1 HE1  sing N N 324 
TYR CE2 CZ   sing Y N 325 
TYR CE2 HE2  sing N N 326 
TYR CZ  OH   sing N N 327 
TYR OH  HH   sing N N 328 
TYR OXT HXT  sing N N 329 
VAL N   CA   sing N N 330 
VAL N   H    sing N N 331 
VAL N   H2   sing N N 332 
VAL CA  C    sing N N 333 
VAL CA  CB   sing N N 334 
VAL CA  HA   sing N N 335 
VAL C   O    doub N N 336 
VAL C   OXT  sing N N 337 
VAL CB  CG1  sing N N 338 
VAL CB  CG2  sing N N 339 
VAL CB  HB   sing N N 340 
VAL CG1 HG11 sing N N 341 
VAL CG1 HG12 sing N N 342 
VAL CG1 HG13 sing N N 343 
VAL CG2 HG21 sing N N 344 
VAL CG2 HG22 sing N N 345 
VAL CG2 HG23 sing N N 346 
VAL OXT HXT  sing N N 347 
# 
_pdbx_entity_nonpoly.entity_id   2 
_pdbx_entity_nonpoly.name        water 
_pdbx_entity_nonpoly.comp_id     HOH 
# 
loop_
_pdbx_initial_refinement_model.id 
_pdbx_initial_refinement_model.entity_id_list 
_pdbx_initial_refinement_model.type 
_pdbx_initial_refinement_model.source_name 
_pdbx_initial_refinement_model.accession_code 
_pdbx_initial_refinement_model.details 
1 ? 'experimental model' PDB 1VKK 'PDB ENTRIES 1VKK, 2VAS, 1M4J.' 
2 ? 'experimental model' PDB 2VAS 'PDB ENTRIES 1VKK, 2VAS, 1M4J.' 
3 ? 'experimental model' PDB 1M4J 'PDB ENTRIES 1VKK, 2VAS, 1M4J.' 
# 
